data_3FPC
#
_entry.id   3FPC
#
_cell.length_a   79.742
_cell.length_b   82.429
_cell.length_c   118.249
_cell.angle_alpha   90.000
_cell.angle_beta   99.890
_cell.angle_gamma   90.000
#
_symmetry.space_group_name_H-M   'P 1 21 1'
#
loop_
_entity.id
_entity.type
_entity.pdbx_description
1 polymer 'NADP-dependent alcohol dehydrogenase'
2 non-polymer 'ZINC ION'
3 non-polymer 'CACODYLATE ION'
4 non-polymer 'OXYGEN MOLECULE'
5 non-polymer 1,2-ETHANEDIOL
6 non-polymer 'NITRATE ION'
7 non-polymer IMIDAZOLE
8 non-polymer 'SODIUM ION'
9 water water
#
_entity_poly.entity_id   1
_entity_poly.type   'polypeptide(L)'
_entity_poly.pdbx_seq_one_letter_code
;MKGFAMLSIGKVGWIEKEKPAPGPFDAIVRPLAVAPCTSDIHTVFEGAIGERHNMILGHEAVGEVVEVGSEVKDFKPGDR
VVVPAITPDWRTSEVQRGYHQHSGGMLAGWKFSNVKDGVFGEFFHVNDADMNLAHLPKEIPLEAAVMIPDMMTTGFHGAE
LANIKLGDTVCVIGIGPVGLMSVAGANHLGAGRIFAVGSRKHCCDIALEYGATDIINYKNGDIVEQILKATDGKGVDKVV
IAGGDVHTFAQAVKMIKPGSDIGNVNYLGEGDNIDIPRSEWGVGMGHKHIHGGLCPGGRLRMERLIDLVFYKRVDPSKLV
THVFRGFDNIEKAFMLMKDKPKDLIKPVVILA
;
_entity_poly.pdbx_strand_id   A,B,C,D
#
loop_
_chem_comp.id
_chem_comp.type
_chem_comp.name
_chem_comp.formula
CAC non-polymer 'CACODYLATE ION' 'C2 H6 As O2 -1'
EDO non-polymer 1,2-ETHANEDIOL 'C2 H6 O2'
IMD non-polymer IMIDAZOLE 'C3 H5 N2 1'
NA non-polymer 'SODIUM ION' 'Na 1'
NO3 non-polymer 'NITRATE ION' 'N O3 -1'
OXY non-polymer 'OXYGEN MOLECULE' O2
ZN non-polymer 'ZINC ION' 'Zn 2'
#
# COMPACT_ATOMS: atom_id res chain seq x y z
N MET A 1 34.67 -12.37 31.70
CA MET A 1 34.35 -13.38 30.62
C MET A 1 35.16 -13.05 29.36
N LYS A 2 35.32 -14.06 28.51
CA LYS A 2 36.03 -13.88 27.24
C LYS A 2 35.04 -13.62 26.09
N GLY A 3 35.50 -12.81 25.13
CA GLY A 3 34.75 -12.54 23.91
C GLY A 3 35.68 -12.28 22.74
N PHE A 4 35.23 -12.56 21.52
CA PHE A 4 36.01 -12.33 20.33
C PHE A 4 35.56 -10.99 19.74
N ALA A 5 36.50 -10.05 19.65
CA ALA A 5 36.19 -8.64 19.43
C ALA A 5 36.95 -7.97 18.28
N MET A 6 36.31 -6.91 17.79
CA MET A 6 36.99 -5.90 16.99
C MET A 6 37.79 -5.04 17.97
N LEU A 7 39.10 -5.12 17.88
CA LEU A 7 39.93 -4.29 18.75
C LEU A 7 39.93 -2.85 18.25
N SER A 8 40.00 -2.73 16.92
CA SER A 8 39.90 -1.48 16.18
C SER A 8 39.83 -1.84 14.70
N ILE A 9 39.73 -0.86 13.80
CA ILE A 9 39.65 -1.18 12.37
C ILE A 9 40.86 -2.02 11.94
N GLY A 10 40.59 -3.17 11.34
CA GLY A 10 41.62 -4.08 10.83
C GLY A 10 42.19 -5.07 11.81
N LYS A 11 41.73 -5.04 13.06
CA LYS A 11 42.30 -5.85 14.15
C LYS A 11 41.20 -6.57 14.96
N VAL A 12 41.34 -7.88 15.06
CA VAL A 12 40.46 -8.72 15.89
C VAL A 12 41.28 -9.54 16.91
N GLY A 13 40.62 -9.92 17.99
CA GLY A 13 41.23 -10.81 18.94
C GLY A 13 40.37 -11.07 20.14
N TRP A 14 40.77 -12.04 20.93
CA TRP A 14 40.12 -12.35 22.19
C TRP A 14 40.43 -11.33 23.27
N ILE A 15 39.39 -10.88 23.96
CA ILE A 15 39.50 -9.95 25.07
C ILE A 15 38.73 -10.44 26.27
N GLU A 16 39.03 -9.86 27.43
CA GLU A 16 38.32 -10.12 28.68
C GLU A 16 37.41 -8.93 28.97
N LYS A 17 36.15 -9.21 29.29
CA LYS A 17 35.16 -8.18 29.62
C LYS A 17 34.38 -8.62 30.84
N GLU A 18 33.81 -7.65 31.54
CA GLU A 18 32.84 -7.95 32.57
C GLU A 18 31.63 -8.70 31.99
N LYS A 19 31.16 -9.72 32.69
CA LYS A 19 29.91 -10.38 32.34
C LYS A 19 28.76 -9.38 32.54
N PRO A 20 27.93 -9.16 31.51
CA PRO A 20 26.90 -8.15 31.67
C PRO A 20 25.84 -8.61 32.67
N ALA A 21 25.13 -7.64 33.24
CA ALA A 21 24.00 -7.87 34.14
C ALA A 21 22.74 -7.30 33.50
N PRO A 22 21.57 -7.93 33.73
CA PRO A 22 20.33 -7.45 33.09
C PRO A 22 19.62 -6.37 33.92
N GLY A 23 19.05 -5.38 33.26
CA GLY A 23 18.04 -4.50 33.85
C GLY A 23 16.75 -5.28 34.02
N PRO A 24 15.73 -4.65 34.61
CA PRO A 24 14.48 -5.37 34.90
C PRO A 24 13.79 -6.03 33.70
N PHE A 25 14.02 -5.54 32.50
CA PHE A 25 13.35 -6.08 31.30
C PHE A 25 14.27 -6.90 30.38
N ASP A 26 15.49 -7.15 30.84
CA ASP A 26 16.50 -7.78 30.00
C ASP A 26 16.76 -9.22 30.35
N ALA A 27 17.52 -9.89 29.49
CA ALA A 27 18.00 -11.25 29.72
C ALA A 27 19.47 -11.33 29.44
N ILE A 28 20.15 -12.17 30.23
CA ILE A 28 21.49 -12.63 29.90
C ILE A 28 21.37 -14.00 29.29
N VAL A 29 22.07 -14.20 28.17
CA VAL A 29 21.97 -15.41 27.37
C VAL A 29 23.36 -15.97 27.13
N ARG A 30 23.48 -17.28 27.18
CA ARG A 30 24.72 -17.92 26.74
C ARG A 30 24.50 -18.58 25.39
N PRO A 31 25.44 -18.36 24.48
CA PRO A 31 25.25 -18.93 23.14
C PRO A 31 25.35 -20.45 23.13
N LEU A 32 24.44 -21.07 22.40
CA LEU A 32 24.50 -22.51 22.08
C LEU A 32 25.04 -22.78 20.67
N ALA A 33 24.74 -21.88 19.74
CA ALA A 33 25.25 -22.00 18.39
C ALA A 33 25.31 -20.59 17.86
N VAL A 34 26.38 -20.29 17.12
CA VAL A 34 26.59 -18.96 16.55
C VAL A 34 27.09 -19.08 15.12
N ALA A 35 26.95 -17.98 14.39
CA ALA A 35 27.53 -17.91 13.06
C ALA A 35 28.14 -16.55 12.85
N PRO A 36 29.20 -16.47 12.03
CA PRO A 36 29.78 -15.20 11.59
C PRO A 36 29.13 -14.69 10.33
N CYS A 37 29.26 -13.38 10.07
CA CYS A 37 28.58 -12.70 8.99
C CYS A 37 29.53 -11.82 8.22
N THR A 38 29.31 -11.77 6.92
CA THR A 38 30.00 -10.85 6.02
CA THR A 38 30.12 -10.88 6.11
C THR A 38 29.96 -9.41 6.54
N SER A 39 28.85 -9.06 7.20
CA SER A 39 28.74 -7.72 7.73
C SER A 39 29.85 -7.37 8.69
N ASP A 40 30.24 -8.32 9.52
CA ASP A 40 31.35 -8.04 10.44
C ASP A 40 32.70 -7.86 9.72
N ILE A 41 32.85 -8.48 8.56
CA ILE A 41 34.05 -8.26 7.76
C ILE A 41 34.05 -6.80 7.21
N HIS A 42 32.92 -6.30 6.73
CA HIS A 42 32.80 -4.89 6.33
C HIS A 42 33.13 -3.95 7.48
N THR A 43 32.55 -4.21 8.66
CA THR A 43 32.73 -3.35 9.84
C THR A 43 34.18 -3.34 10.27
N VAL A 44 34.77 -4.52 10.42
CA VAL A 44 36.13 -4.60 10.96
C VAL A 44 37.17 -4.15 9.94
N PHE A 45 37.12 -4.69 8.75
CA PHE A 45 38.25 -4.51 7.79
C PHE A 45 38.09 -3.35 6.83
N GLU A 46 36.85 -2.96 6.52
CA GLU A 46 36.65 -1.79 5.66
C GLU A 46 36.31 -0.53 6.46
N GLY A 47 36.07 -0.68 7.75
CA GLY A 47 35.66 0.43 8.59
C GLY A 47 34.37 1.06 8.07
N ALA A 48 33.48 0.22 7.54
CA ALA A 48 32.31 0.65 6.76
C ALA A 48 31.35 1.50 7.56
N ILE A 49 31.35 1.32 8.90
CA ILE A 49 30.48 2.08 9.82
C ILE A 49 31.23 2.76 10.97
N GLY A 50 32.53 2.98 10.76
CA GLY A 50 33.35 3.80 11.64
C GLY A 50 34.21 2.97 12.59
N GLU A 51 35.08 3.64 13.32
CA GLU A 51 35.95 3.01 14.29
C GLU A 51 35.15 2.40 15.43
N ARG A 52 35.70 1.33 16.01
CA ARG A 52 35.19 0.73 17.23
C ARG A 52 36.36 0.35 18.09
N HIS A 53 36.12 0.19 19.39
CA HIS A 53 37.16 -0.18 20.35
CA HIS A 53 37.18 -0.25 20.29
C HIS A 53 36.70 -1.33 21.24
N ASN A 54 37.31 -2.49 21.11
CA ASN A 54 37.02 -3.64 21.95
C ASN A 54 35.53 -4.00 21.94
N MET A 55 34.95 -4.09 20.73
CA MET A 55 33.57 -4.44 20.56
C MET A 55 33.46 -5.92 20.25
N ILE A 56 32.79 -6.67 21.11
CA ILE A 56 32.57 -8.10 20.84
C ILE A 56 31.73 -8.25 19.57
N LEU A 57 32.17 -9.15 18.70
CA LEU A 57 31.56 -9.34 17.38
C LEU A 57 30.45 -10.38 17.43
N GLY A 58 29.77 -10.53 16.29
CA GLY A 58 28.74 -11.56 16.12
C GLY A 58 27.35 -11.05 16.44
N HIS A 59 26.38 -11.46 15.64
CA HIS A 59 24.97 -11.08 15.89
C HIS A 59 23.99 -12.17 15.46
N GLU A 60 24.48 -13.41 15.34
CA GLU A 60 23.65 -14.58 14.97
C GLU A 60 23.88 -15.66 15.99
N ALA A 61 22.87 -15.84 16.87
CA ALA A 61 22.93 -16.84 17.93
C ALA A 61 21.59 -17.48 18.22
N VAL A 62 21.65 -18.76 18.54
CA VAL A 62 20.66 -19.44 19.33
C VAL A 62 21.27 -19.60 20.72
N GLY A 63 20.45 -19.42 21.72
CA GLY A 63 20.95 -19.35 23.09
C GLY A 63 20.13 -20.02 24.15
N GLU A 64 20.71 -20.08 25.33
CA GLU A 64 20.02 -20.48 26.52
C GLU A 64 19.95 -19.28 27.45
N VAL A 65 18.74 -18.91 27.84
CA VAL A 65 18.56 -17.87 28.85
C VAL A 65 19.17 -18.35 30.17
N VAL A 66 20.03 -17.52 30.76
CA VAL A 66 20.62 -17.85 32.08
C VAL A 66 20.21 -16.91 33.22
N GLU A 67 19.72 -15.72 32.91
CA GLU A 67 19.26 -14.79 33.91
C GLU A 67 18.26 -13.84 33.28
N VAL A 68 17.22 -13.45 34.02
CA VAL A 68 16.23 -12.49 33.58
C VAL A 68 16.01 -11.44 34.64
N GLY A 69 15.73 -10.22 34.22
CA GLY A 69 15.33 -9.19 35.15
C GLY A 69 13.94 -9.42 35.73
N SER A 70 13.63 -8.63 36.76
CA SER A 70 12.43 -8.82 37.54
C SER A 70 11.10 -8.60 36.83
N GLU A 71 11.14 -7.91 35.68
CA GLU A 71 9.93 -7.61 34.92
C GLU A 71 9.76 -8.47 33.68
N VAL A 72 10.65 -9.45 33.49
CA VAL A 72 10.52 -10.39 32.36
C VAL A 72 9.47 -11.45 32.68
N LYS A 73 8.48 -11.60 31.80
CA LYS A 73 7.34 -12.48 32.03
C LYS A 73 7.35 -13.78 31.23
N ASP A 74 7.94 -13.78 30.03
CA ASP A 74 7.73 -14.89 29.12
C ASP A 74 8.94 -15.80 28.94
N PHE A 75 10.06 -15.42 29.53
CA PHE A 75 11.32 -16.18 29.43
C PHE A 75 11.89 -16.39 30.83
N LYS A 76 12.55 -17.52 30.99
CA LYS A 76 13.14 -17.90 32.28
C LYS A 76 14.46 -18.63 32.04
N PRO A 77 15.33 -18.69 33.05
CA PRO A 77 16.56 -19.45 32.91
C PRO A 77 16.31 -20.90 32.45
N GLY A 78 17.11 -21.32 31.49
CA GLY A 78 16.95 -22.64 30.88
C GLY A 78 16.26 -22.64 29.52
N ASP A 79 15.53 -21.56 29.21
CA ASP A 79 14.78 -21.52 27.96
C ASP A 79 15.75 -21.38 26.80
N ARG A 80 15.54 -22.20 25.75
CA ARG A 80 16.27 -22.10 24.49
C ARG A 80 15.57 -21.12 23.58
N VAL A 81 16.33 -20.17 23.06
CA VAL A 81 15.77 -19.03 22.34
C VAL A 81 16.52 -18.75 21.05
N VAL A 82 15.77 -18.24 20.08
CA VAL A 82 16.31 -17.64 18.89
C VAL A 82 16.42 -16.15 19.17
N VAL A 83 17.62 -15.60 18.99
CA VAL A 83 17.90 -14.21 19.26
C VAL A 83 18.00 -13.46 17.93
N PRO A 84 17.10 -12.50 17.67
CA PRO A 84 17.18 -11.80 16.40
C PRO A 84 18.45 -10.94 16.38
N ALA A 85 19.04 -10.75 15.20
CA ALA A 85 20.16 -9.81 15.08
C ALA A 85 19.75 -8.38 15.41
N ILE A 86 18.49 -8.03 15.09
CA ILE A 86 17.91 -6.71 15.40
C ILE A 86 17.05 -6.87 16.65
N THR A 87 17.44 -6.12 17.70
CA THR A 87 16.80 -6.12 18.99
C THR A 87 16.51 -4.67 19.40
N PRO A 88 15.43 -4.11 18.85
CA PRO A 88 15.20 -2.71 19.07
C PRO A 88 14.86 -2.30 20.47
N ASP A 89 15.02 -1.02 20.72
CA ASP A 89 14.31 -0.39 21.83
CA ASP A 89 14.33 -0.33 21.80
C ASP A 89 12.91 -0.09 21.30
N TRP A 90 11.92 -0.72 21.89
CA TRP A 90 10.58 -0.64 21.39
C TRP A 90 9.82 0.61 21.75
N ARG A 91 10.34 1.37 22.71
CA ARG A 91 9.67 2.58 23.17
C ARG A 91 10.34 3.84 22.62
N THR A 92 10.22 4.00 21.30
CA THR A 92 10.76 5.16 20.59
C THR A 92 9.79 5.66 19.51
N SER A 93 10.06 6.88 19.03
CA SER A 93 9.27 7.50 17.96
C SER A 93 9.37 6.70 16.68
N GLU A 94 10.53 6.12 16.40
CA GLU A 94 10.66 5.35 15.14
C GLU A 94 9.76 4.14 15.13
N VAL A 95 9.57 3.51 16.29
CA VAL A 95 8.62 2.41 16.39
C VAL A 95 7.19 2.92 16.15
N GLN A 96 6.80 4.07 16.70
CA GLN A 96 5.46 4.61 16.46
C GLN A 96 5.21 4.95 14.99
N ARG A 97 6.28 5.19 14.21
CA ARG A 97 6.25 5.52 12.74
C ARG A 97 6.41 4.27 11.86
N GLY A 98 6.56 3.09 12.47
CA GLY A 98 6.64 1.84 11.70
C GLY A 98 8.01 1.33 11.28
N TYR A 99 9.06 1.83 11.91
CA TYR A 99 10.44 1.46 11.54
C TYR A 99 11.27 1.10 12.75
N HIS A 100 10.97 -0.05 13.32
CA HIS A 100 11.73 -0.50 14.51
C HIS A 100 13.21 -0.69 14.25
N GLN A 101 13.59 -0.93 12.99
CA GLN A 101 15.00 -1.09 12.62
C GLN A 101 15.84 0.13 12.93
N HIS A 102 15.18 1.28 12.97
CA HIS A 102 15.84 2.56 13.15
C HIS A 102 15.44 3.20 14.47
N SER A 103 15.07 2.33 15.41
CA SER A 103 14.70 2.80 16.74
CA SER A 103 14.72 2.74 16.79
C SER A 103 15.89 3.43 17.48
N GLY A 104 15.79 4.73 17.71
CA GLY A 104 16.86 5.49 18.28
C GLY A 104 17.89 6.06 17.31
N GLY A 105 17.64 5.89 16.04
CA GLY A 105 18.54 6.38 15.03
C GLY A 105 18.74 5.39 13.90
N MET A 106 19.29 5.88 12.78
CA MET A 106 19.49 5.01 11.62
C MET A 106 20.37 3.81 11.99
N LEU A 107 19.80 2.64 11.70
CA LEU A 107 20.41 1.31 11.96
C LEU A 107 20.44 0.92 13.42
N ALA A 108 19.90 1.73 14.32
CA ALA A 108 20.13 1.54 15.75
C ALA A 108 19.35 0.37 16.37
N GLY A 109 18.38 -0.20 15.63
CA GLY A 109 17.76 -1.45 16.05
C GLY A 109 18.71 -2.63 15.99
N TRP A 110 19.73 -2.50 15.14
CA TRP A 110 20.80 -3.48 15.03
C TRP A 110 21.84 -3.09 16.05
N LYS A 111 21.83 -3.77 17.18
CA LYS A 111 22.74 -3.43 18.26
CA LYS A 111 22.73 -3.44 18.28
C LYS A 111 23.98 -4.31 18.26
N PHE A 112 23.79 -5.64 18.36
CA PHE A 112 24.92 -6.56 18.40
C PHE A 112 25.91 -6.36 17.24
N SER A 113 27.17 -6.06 17.60
CA SER A 113 28.27 -5.85 16.65
C SER A 113 28.14 -4.59 15.80
N ASN A 114 27.21 -3.72 16.17
CA ASN A 114 27.14 -2.35 15.64
C ASN A 114 27.44 -1.35 16.76
N VAL A 115 26.54 -1.28 17.74
CA VAL A 115 26.64 -0.31 18.85
C VAL A 115 26.60 -1.03 20.23
N LYS A 116 26.80 -2.36 20.24
CA LYS A 116 26.71 -3.16 21.47
C LYS A 116 27.56 -4.42 21.28
N ASP A 117 28.15 -4.90 22.37
CA ASP A 117 28.85 -6.16 22.35
C ASP A 117 27.94 -7.27 21.84
N GLY A 118 28.47 -8.03 20.90
CA GLY A 118 27.76 -9.08 20.23
C GLY A 118 27.77 -10.44 20.92
N VAL A 119 27.49 -11.47 20.13
CA VAL A 119 27.17 -12.80 20.68
C VAL A 119 28.36 -13.73 20.80
N PHE A 120 29.51 -13.31 20.31
CA PHE A 120 30.71 -14.13 20.40
C PHE A 120 31.41 -13.97 21.76
N GLY A 121 30.65 -14.21 22.82
CA GLY A 121 31.16 -14.13 24.18
C GLY A 121 30.58 -15.23 24.98
N GLU A 122 31.15 -15.50 26.16
CA GLU A 122 30.61 -16.52 27.02
C GLU A 122 29.14 -16.24 27.35
N PHE A 123 28.79 -14.95 27.42
CA PHE A 123 27.43 -14.49 27.67
C PHE A 123 27.22 -13.25 26.84
N PHE A 124 25.95 -12.93 26.62
CA PHE A 124 25.62 -11.65 26.05
C PHE A 124 24.31 -11.16 26.62
N HIS A 125 24.04 -9.88 26.37
CA HIS A 125 22.88 -9.20 26.90
C HIS A 125 21.84 -8.95 25.84
N VAL A 126 20.59 -9.30 26.13
CA VAL A 126 19.47 -8.97 25.25
C VAL A 126 18.56 -7.98 25.95
N ASN A 127 18.40 -6.82 25.34
CA ASN A 127 17.51 -5.79 25.86
C ASN A 127 16.08 -6.21 25.56
N ASP A 128 15.21 -6.02 26.54
CA ASP A 128 13.77 -6.30 26.40
C ASP A 128 13.49 -7.72 25.92
N ALA A 129 13.76 -8.67 26.79
CA ALA A 129 13.58 -10.08 26.50
C ALA A 129 12.21 -10.40 25.94
N ASP A 130 11.15 -9.88 26.58
CA ASP A 130 9.81 -10.27 26.16
C ASP A 130 9.46 -9.79 24.77
N MET A 131 10.07 -8.70 24.33
CA MET A 131 9.85 -8.17 22.99
C MET A 131 10.83 -8.67 21.96
N ASN A 132 11.99 -9.19 22.39
CA ASN A 132 13.13 -9.43 21.49
C ASN A 132 13.71 -10.83 21.50
N LEU A 133 13.09 -11.79 22.18
CA LEU A 133 13.46 -13.19 22.08
C LEU A 133 12.27 -14.00 21.58
N ALA A 134 12.57 -15.15 20.95
CA ALA A 134 11.56 -16.11 20.60
C ALA A 134 11.97 -17.50 21.12
N HIS A 135 10.99 -18.27 21.57
CA HIS A 135 11.25 -19.63 21.99
C HIS A 135 11.61 -20.50 20.78
N LEU A 136 12.60 -21.35 20.94
CA LEU A 136 13.01 -22.29 19.89
C LEU A 136 12.30 -23.63 20.05
N PRO A 137 11.47 -24.01 19.06
CA PRO A 137 10.88 -25.34 19.14
C PRO A 137 11.93 -26.43 19.11
N LYS A 138 11.71 -27.49 19.89
CA LYS A 138 12.67 -28.60 19.95
C LYS A 138 12.87 -29.29 18.60
N GLU A 139 11.91 -29.13 17.70
CA GLU A 139 11.92 -29.80 16.40
C GLU A 139 12.88 -29.13 15.40
N ILE A 140 13.38 -27.94 15.73
CA ILE A 140 14.26 -27.22 14.81
C ILE A 140 15.70 -27.32 15.30
N PRO A 141 16.57 -27.98 14.52
CA PRO A 141 17.96 -28.14 14.95
C PRO A 141 18.71 -26.84 15.00
N LEU A 142 19.75 -26.83 15.81
CA LEU A 142 20.51 -25.62 16.07
C LEU A 142 21.05 -24.99 14.80
N GLU A 143 21.58 -25.80 13.89
CA GLU A 143 22.20 -25.26 12.67
C GLU A 143 21.22 -24.52 11.82
N ALA A 144 20.02 -25.06 11.70
CA ALA A 144 18.96 -24.42 10.98
C ALA A 144 18.49 -23.16 11.70
N ALA A 145 18.35 -23.26 13.02
CA ALA A 145 17.83 -22.16 13.84
C ALA A 145 18.72 -20.93 13.78
N VAL A 146 20.02 -21.12 13.67
CA VAL A 146 20.92 -20.00 13.70
C VAL A 146 20.93 -19.23 12.38
N MET A 147 20.26 -19.77 11.36
CA MET A 147 20.05 -19.02 10.10
C MET A 147 18.86 -18.05 10.18
N ILE A 148 18.08 -18.14 11.25
CA ILE A 148 16.87 -17.32 11.37
C ILE A 148 17.14 -15.87 11.79
N PRO A 149 18.04 -15.63 12.75
CA PRO A 149 18.28 -14.25 13.23
C PRO A 149 18.66 -13.18 12.23
N ASP A 150 19.28 -13.58 11.13
CA ASP A 150 19.83 -12.65 10.15
C ASP A 150 19.64 -13.15 8.74
N MET A 151 20.11 -14.35 8.41
CA MET A 151 20.07 -14.76 6.99
C MET A 151 18.67 -14.82 6.42
N MET A 152 17.77 -15.47 7.14
CA MET A 152 16.41 -15.60 6.65
CA MET A 152 16.36 -15.60 6.69
C MET A 152 15.67 -14.26 6.71
N THR A 153 15.76 -13.55 7.82
CA THR A 153 15.05 -12.27 7.91
C THR A 153 15.56 -11.27 6.87
N THR A 154 16.87 -11.21 6.65
CA THR A 154 17.43 -10.27 5.70
C THR A 154 17.09 -10.70 4.25
N GLY A 155 17.33 -11.98 3.92
CA GLY A 155 17.00 -12.41 2.53
C GLY A 155 15.54 -12.21 2.21
N PHE A 156 14.66 -12.59 3.13
CA PHE A 156 13.22 -12.37 2.92
CA PHE A 156 13.24 -12.40 2.88
C PHE A 156 12.89 -10.91 2.81
N HIS A 157 13.56 -10.07 3.59
CA HIS A 157 13.30 -8.62 3.50
C HIS A 157 13.68 -8.08 2.14
N GLY A 158 14.69 -8.65 1.51
CA GLY A 158 15.05 -8.21 0.14
C GLY A 158 13.88 -8.45 -0.77
N ALA A 159 13.27 -9.62 -0.67
CA ALA A 159 12.11 -9.93 -1.45
C ALA A 159 10.90 -9.03 -1.12
N GLU A 160 10.68 -8.77 0.16
CA GLU A 160 9.65 -7.84 0.60
C GLU A 160 9.83 -6.45 0.02
N LEU A 161 11.05 -5.91 0.12
CA LEU A 161 11.36 -4.59 -0.39
C LEU A 161 11.22 -4.50 -1.91
N ALA A 162 11.48 -5.61 -2.59
CA ALA A 162 11.34 -5.66 -4.04
C ALA A 162 9.86 -5.76 -4.49
N ASN A 163 8.92 -5.76 -3.56
CA ASN A 163 7.50 -5.61 -3.87
C ASN A 163 7.03 -6.67 -4.86
N ILE A 164 7.43 -7.91 -4.62
CA ILE A 164 7.13 -9.01 -5.56
C ILE A 164 5.65 -9.36 -5.53
N LYS A 165 5.06 -9.44 -6.71
CA LYS A 165 3.67 -9.81 -6.92
C LYS A 165 3.55 -11.15 -7.63
N LEU A 166 2.41 -11.82 -7.49
N LEU A 166 2.34 -11.69 -7.64
CA LEU A 166 2.27 -13.16 -8.02
CA LEU A 166 2.09 -13.02 -8.14
C LEU A 166 2.62 -13.17 -9.51
C LEU A 166 2.50 -13.22 -9.61
N GLY A 167 3.44 -14.15 -9.86
CA GLY A 167 3.93 -14.36 -11.22
C GLY A 167 5.02 -13.45 -11.73
N ASP A 168 5.46 -12.52 -10.92
CA ASP A 168 6.51 -11.60 -11.35
C ASP A 168 7.76 -12.37 -11.75
N THR A 169 8.45 -11.84 -12.78
CA THR A 169 9.79 -12.27 -13.12
C THR A 169 10.76 -11.46 -12.27
N VAL A 170 11.63 -12.16 -11.52
CA VAL A 170 12.49 -11.56 -10.48
C VAL A 170 13.93 -11.89 -10.84
N CYS A 171 14.84 -10.95 -10.61
CA CYS A 171 16.27 -11.25 -10.59
C CYS A 171 16.83 -10.98 -9.21
N VAL A 172 17.54 -11.95 -8.64
CA VAL A 172 18.31 -11.79 -7.41
C VAL A 172 19.79 -11.68 -7.81
N ILE A 173 20.39 -10.56 -7.46
CA ILE A 173 21.79 -10.33 -7.78
C ILE A 173 22.58 -10.57 -6.47
N GLY A 174 23.38 -11.61 -6.47
CA GLY A 174 24.15 -12.00 -5.29
C GLY A 174 23.49 -13.20 -4.67
N ILE A 175 24.19 -14.34 -4.67
CA ILE A 175 23.66 -15.54 -4.07
C ILE A 175 24.59 -16.17 -3.06
N GLY A 176 25.10 -15.32 -2.17
CA GLY A 176 25.57 -15.82 -0.89
C GLY A 176 24.36 -16.15 -0.05
N PRO A 177 24.56 -16.41 1.27
CA PRO A 177 23.44 -16.90 2.10
C PRO A 177 22.24 -15.96 2.10
N VAL A 178 22.48 -14.65 2.13
CA VAL A 178 21.34 -13.71 2.10
C VAL A 178 20.59 -13.83 0.77
N GLY A 179 21.34 -13.81 -0.34
CA GLY A 179 20.67 -13.93 -1.62
C GLY A 179 19.96 -15.23 -1.86
N LEU A 180 20.49 -16.32 -1.31
CA LEU A 180 19.79 -17.60 -1.39
C LEU A 180 18.44 -17.52 -0.63
N MET A 181 18.46 -16.85 0.53
CA MET A 181 17.22 -16.59 1.23
C MET A 181 16.31 -15.59 0.47
N SER A 182 16.88 -14.68 -0.32
CA SER A 182 16.04 -13.84 -1.19
C SER A 182 15.41 -14.65 -2.36
N VAL A 183 16.13 -15.63 -2.91
CA VAL A 183 15.53 -16.55 -3.87
C VAL A 183 14.35 -17.29 -3.20
N ALA A 184 14.59 -17.87 -2.02
CA ALA A 184 13.52 -18.56 -1.27
C ALA A 184 12.35 -17.60 -0.97
N GLY A 185 12.68 -16.39 -0.56
CA GLY A 185 11.68 -15.37 -0.26
C GLY A 185 10.86 -15.00 -1.47
N ALA A 186 11.51 -14.79 -2.62
CA ALA A 186 10.78 -14.48 -3.86
C ALA A 186 9.83 -15.61 -4.20
N ASN A 187 10.29 -16.85 -4.02
CA ASN A 187 9.47 -18.02 -4.28
C ASN A 187 8.25 -18.03 -3.37
N HIS A 188 8.42 -17.62 -2.12
CA HIS A 188 7.34 -17.49 -1.11
C HIS A 188 6.52 -16.21 -1.11
N LEU A 189 6.77 -15.36 -2.08
CA LEU A 189 5.92 -14.21 -2.34
C LEU A 189 5.29 -14.35 -3.72
N GLY A 190 5.41 -15.53 -4.32
CA GLY A 190 4.65 -15.83 -5.53
C GLY A 190 5.37 -15.55 -6.85
N ALA A 191 6.69 -15.39 -6.84
CA ALA A 191 7.41 -15.17 -8.08
C ALA A 191 7.21 -16.30 -9.09
N GLY A 192 7.27 -15.94 -10.38
CA GLY A 192 7.27 -16.93 -11.44
C GLY A 192 8.69 -17.28 -11.76
N ARG A 193 9.21 -16.71 -12.84
CA ARG A 193 10.58 -16.94 -13.23
C ARG A 193 11.50 -16.22 -12.27
N ILE A 194 12.59 -16.86 -11.86
CA ILE A 194 13.59 -16.24 -10.96
C ILE A 194 14.98 -16.45 -11.56
N PHE A 195 15.60 -15.34 -11.96
CA PHE A 195 17.00 -15.33 -12.36
C PHE A 195 17.85 -15.15 -11.13
N ALA A 196 18.95 -15.88 -11.04
CA ALA A 196 19.90 -15.67 -9.94
C ALA A 196 21.26 -15.43 -10.56
N VAL A 197 21.90 -14.31 -10.18
CA VAL A 197 23.21 -13.92 -10.71
C VAL A 197 24.27 -14.23 -9.68
N GLY A 198 25.18 -15.11 -10.07
CA GLY A 198 26.25 -15.59 -9.19
C GLY A 198 27.32 -16.26 -10.01
N SER A 199 28.39 -16.66 -9.35
CA SER A 199 29.52 -17.25 -10.04
C SER A 199 30.03 -18.56 -9.42
N ARG A 200 29.85 -18.74 -8.12
CA ARG A 200 30.32 -19.98 -7.44
C ARG A 200 29.34 -21.13 -7.65
N LYS A 201 29.86 -22.28 -8.10
CA LYS A 201 29.04 -23.39 -8.48
C LYS A 201 28.12 -23.84 -7.36
N HIS A 202 28.63 -23.94 -6.13
CA HIS A 202 27.80 -24.51 -5.09
C HIS A 202 26.64 -23.57 -4.79
N CYS A 203 26.90 -22.27 -4.82
CA CYS A 203 25.83 -21.31 -4.57
C CYS A 203 24.80 -21.38 -5.65
N CYS A 204 25.23 -21.50 -6.90
CA CYS A 204 24.26 -21.64 -8.01
C CYS A 204 23.39 -22.90 -7.86
N ASP A 205 23.98 -24.02 -7.47
CA ASP A 205 23.22 -25.24 -7.27
C ASP A 205 22.16 -25.05 -6.17
N ILE A 206 22.53 -24.40 -5.08
CA ILE A 206 21.59 -24.23 -3.97
C ILE A 206 20.51 -23.23 -4.38
N ALA A 207 20.87 -22.25 -5.19
CA ALA A 207 19.87 -21.31 -5.69
C ALA A 207 18.75 -22.04 -6.45
N LEU A 208 19.13 -22.99 -7.29
CA LEU A 208 18.13 -23.81 -7.97
C LEU A 208 17.26 -24.56 -6.96
N GLU A 209 17.89 -25.12 -5.92
CA GLU A 209 17.15 -25.83 -4.88
C GLU A 209 16.11 -24.95 -4.17
N TYR A 210 16.42 -23.66 -4.02
CA TYR A 210 15.50 -22.73 -3.38
C TYR A 210 14.48 -22.10 -4.32
N GLY A 211 14.58 -22.39 -5.61
CA GLY A 211 13.56 -21.95 -6.56
C GLY A 211 14.03 -21.13 -7.75
N ALA A 212 15.33 -20.85 -7.88
CA ALA A 212 15.78 -20.17 -9.08
C ALA A 212 15.49 -21.02 -10.28
N THR A 213 15.07 -20.38 -11.37
CA THR A 213 14.82 -21.08 -12.61
C THR A 213 15.91 -20.91 -13.64
N ASP A 214 16.71 -19.84 -13.51
CA ASP A 214 17.73 -19.47 -14.49
C ASP A 214 18.96 -18.95 -13.75
N ILE A 215 20.09 -19.60 -13.96
CA ILE A 215 21.34 -19.09 -13.39
C ILE A 215 22.05 -18.29 -14.46
N ILE A 216 22.44 -17.09 -14.10
CA ILE A 216 23.10 -16.18 -15.02
C ILE A 216 24.51 -15.98 -14.51
N ASN A 217 25.47 -16.45 -15.31
CA ASN A 217 26.91 -16.36 -14.99
C ASN A 217 27.61 -15.45 -15.99
N TYR A 218 28.58 -14.72 -15.46
CA TYR A 218 29.31 -13.71 -16.25
C TYR A 218 30.09 -14.26 -17.46
N LYS A 219 30.43 -15.54 -17.47
CA LYS A 219 31.16 -16.13 -18.60
C LYS A 219 30.34 -16.07 -19.90
N ASN A 220 29.02 -15.99 -19.79
CA ASN A 220 28.19 -15.92 -20.98
C ASN A 220 27.86 -14.51 -21.47
N GLY A 221 28.58 -13.51 -20.94
CA GLY A 221 28.47 -12.16 -21.41
C GLY A 221 27.86 -11.25 -20.37
N ASP A 222 27.78 -9.97 -20.71
CA ASP A 222 27.21 -8.99 -19.81
C ASP A 222 25.90 -9.53 -19.22
N ILE A 223 25.77 -9.50 -17.91
CA ILE A 223 24.59 -10.13 -17.29
C ILE A 223 23.31 -9.37 -17.60
N VAL A 224 23.39 -8.05 -17.77
CA VAL A 224 22.20 -7.29 -18.14
C VAL A 224 21.75 -7.71 -19.54
N GLU A 225 22.69 -7.81 -20.47
CA GLU A 225 22.36 -8.23 -21.82
C GLU A 225 21.79 -9.63 -21.86
N GLN A 226 22.33 -10.53 -21.05
CA GLN A 226 21.80 -11.91 -20.99
C GLN A 226 20.35 -11.90 -20.52
N ILE A 227 20.04 -11.10 -19.52
CA ILE A 227 18.70 -11.05 -18.94
C ILE A 227 17.73 -10.38 -19.90
N LEU A 228 18.17 -9.32 -20.58
CA LEU A 228 17.36 -8.73 -21.62
C LEU A 228 17.07 -9.71 -22.74
N LYS A 229 18.08 -10.44 -23.21
CA LYS A 229 17.85 -11.42 -24.28
C LYS A 229 16.84 -12.48 -23.80
N ALA A 230 17.00 -12.92 -22.55
CA ALA A 230 16.17 -14.00 -21.99
C ALA A 230 14.72 -13.59 -21.78
N THR A 231 14.47 -12.28 -21.69
CA THR A 231 13.15 -11.71 -21.49
C THR A 231 12.65 -11.01 -22.74
N ASP A 232 13.23 -11.34 -23.90
CA ASP A 232 12.83 -10.75 -25.19
C ASP A 232 12.79 -9.22 -25.17
N GLY A 233 13.81 -8.65 -24.53
CA GLY A 233 14.01 -7.23 -24.44
C GLY A 233 13.19 -6.52 -23.38
N LYS A 234 12.31 -7.26 -22.68
CA LYS A 234 11.37 -6.66 -21.74
C LYS A 234 12.00 -6.28 -20.38
N GLY A 235 13.04 -7.00 -19.96
CA GLY A 235 13.56 -6.82 -18.61
C GLY A 235 12.76 -7.65 -17.60
N VAL A 236 13.22 -7.63 -16.36
CA VAL A 236 12.52 -8.29 -15.26
C VAL A 236 11.57 -7.30 -14.58
N ASP A 237 10.62 -7.84 -13.83
CA ASP A 237 9.64 -7.02 -13.13
C ASP A 237 10.25 -6.40 -11.84
N LYS A 238 11.06 -7.19 -11.12
CA LYS A 238 11.54 -6.84 -9.77
C LYS A 238 12.94 -7.37 -9.62
N VAL A 239 13.77 -6.64 -8.88
CA VAL A 239 15.16 -7.04 -8.61
C VAL A 239 15.41 -6.98 -7.09
N VAL A 240 16.05 -8.01 -6.57
CA VAL A 240 16.62 -8.01 -5.26
C VAL A 240 18.13 -7.90 -5.37
N ILE A 241 18.73 -6.95 -4.64
CA ILE A 241 20.18 -6.86 -4.55
C ILE A 241 20.58 -7.42 -3.18
N ALA A 242 21.34 -8.52 -3.21
CA ALA A 242 21.75 -9.23 -2.00
C ALA A 242 23.28 -9.40 -1.96
N GLY A 243 24.00 -8.66 -2.78
CA GLY A 243 25.44 -8.77 -2.90
C GLY A 243 25.96 -7.76 -3.89
N GLY A 244 27.24 -7.82 -4.15
CA GLY A 244 27.85 -6.93 -5.09
C GLY A 244 28.45 -5.72 -4.38
N ASP A 245 28.33 -4.56 -5.03
CA ASP A 245 28.98 -3.37 -4.54
C ASP A 245 28.12 -2.14 -4.87
N VAL A 246 28.67 -0.94 -4.67
CA VAL A 246 27.89 0.27 -4.96
C VAL A 246 27.52 0.41 -6.42
N HIS A 247 28.17 -0.36 -7.31
CA HIS A 247 27.87 -0.31 -8.75
C HIS A 247 26.80 -1.29 -9.21
N THR A 248 26.31 -2.09 -8.28
CA THR A 248 25.29 -3.11 -8.63
C THR A 248 23.94 -2.46 -8.94
N PHE A 249 23.65 -1.32 -8.30
CA PHE A 249 22.37 -0.67 -8.50
C PHE A 249 22.21 -0.28 -9.98
N ALA A 250 23.29 0.14 -10.61
CA ALA A 250 23.24 0.52 -12.03
C ALA A 250 22.82 -0.68 -12.88
N GLN A 251 23.34 -1.85 -12.54
CA GLN A 251 22.96 -3.09 -13.25
C GLN A 251 21.48 -3.41 -13.07
N ALA A 252 21.01 -3.29 -11.85
CA ALA A 252 19.60 -3.50 -11.56
C ALA A 252 18.71 -2.56 -12.37
N VAL A 253 19.06 -1.29 -12.41
CA VAL A 253 18.28 -0.33 -13.19
C VAL A 253 18.22 -0.68 -14.65
N LYS A 254 19.35 -1.13 -15.21
CA LYS A 254 19.43 -1.45 -16.62
C LYS A 254 18.66 -2.71 -17.03
N MET A 255 18.45 -3.64 -16.09
CA MET A 255 17.74 -4.88 -16.41
C MET A 255 16.25 -4.87 -16.07
N ILE A 256 15.78 -3.82 -15.39
CA ILE A 256 14.42 -3.80 -14.84
C ILE A 256 13.50 -2.96 -15.73
N LYS A 257 12.24 -3.38 -15.82
CA LYS A 257 11.23 -2.63 -16.56
C LYS A 257 10.96 -1.28 -15.92
N PRO A 258 10.46 -0.29 -16.68
CA PRO A 258 9.93 0.92 -16.03
C PRO A 258 8.73 0.56 -15.21
N GLY A 259 8.54 1.23 -14.09
CA GLY A 259 7.44 0.88 -13.20
C GLY A 259 7.74 -0.41 -12.46
N SER A 260 8.58 -0.33 -11.45
CA SER A 260 9.19 -1.51 -10.88
C SER A 260 9.86 -1.19 -9.57
N ASP A 261 10.45 -2.19 -8.94
CA ASP A 261 11.04 -2.06 -7.63
C ASP A 261 12.34 -2.84 -7.53
N ILE A 262 13.36 -2.15 -6.98
CA ILE A 262 14.65 -2.75 -6.64
C ILE A 262 14.75 -2.74 -5.12
N GLY A 263 14.90 -3.93 -4.55
CA GLY A 263 15.00 -4.08 -3.11
C GLY A 263 16.41 -4.48 -2.72
N ASN A 264 17.15 -3.57 -2.10
CA ASN A 264 18.49 -3.87 -1.63
C ASN A 264 18.48 -4.25 -0.15
N VAL A 265 19.23 -5.31 0.16
CA VAL A 265 19.57 -5.67 1.52
C VAL A 265 21.07 -5.82 1.71
N ASN A 266 21.88 -5.54 0.69
CA ASN A 266 23.33 -5.60 0.85
C ASN A 266 23.88 -4.44 1.67
N TYR A 267 24.72 -4.78 2.65
CA TYR A 267 25.50 -3.80 3.41
C TYR A 267 26.67 -3.37 2.53
N LEU A 268 26.68 -2.09 2.18
CA LEU A 268 27.65 -1.52 1.26
C LEU A 268 28.82 -1.04 2.09
N GLY A 269 29.97 -1.66 1.88
CA GLY A 269 31.13 -1.47 2.77
C GLY A 269 32.10 -0.41 2.35
N GLU A 270 32.07 -0.03 1.10
CA GLU A 270 33.03 0.92 0.56
C GLU A 270 32.46 1.68 -0.62
N GLY A 271 33.06 2.83 -0.85
CA GLY A 271 32.65 3.73 -1.91
C GLY A 271 31.85 4.91 -1.40
N ASP A 272 32.10 6.11 -1.91
CA ASP A 272 31.40 7.28 -1.40
C ASP A 272 29.93 7.29 -1.82
N ASN A 273 29.67 6.84 -3.06
CA ASN A 273 28.36 7.00 -3.69
C ASN A 273 27.87 5.73 -4.37
N ILE A 274 26.55 5.54 -4.36
CA ILE A 274 25.84 4.59 -5.21
C ILE A 274 25.39 5.37 -6.43
N ASP A 275 25.83 4.96 -7.61
CA ASP A 275 25.54 5.65 -8.89
CA ASP A 275 25.49 5.73 -8.78
C ASP A 275 24.29 5.08 -9.53
N ILE A 276 23.31 5.93 -9.81
CA ILE A 276 22.09 5.54 -10.57
C ILE A 276 22.20 6.20 -11.95
N PRO A 277 22.18 5.39 -13.02
CA PRO A 277 22.39 5.96 -14.35
C PRO A 277 21.19 6.80 -14.80
N ARG A 278 21.45 8.05 -15.18
CA ARG A 278 20.38 9.00 -15.47
C ARG A 278 19.48 8.54 -16.59
N SER A 279 20.03 8.17 -17.74
CA SER A 279 19.19 7.79 -18.89
C SER A 279 18.35 6.55 -18.61
N GLU A 280 18.97 5.51 -18.07
CA GLU A 280 18.25 4.25 -17.82
C GLU A 280 17.29 4.32 -16.64
N TRP A 281 17.45 5.34 -15.79
CA TRP A 281 16.46 5.64 -14.76
C TRP A 281 15.38 6.54 -15.28
N GLY A 282 15.27 6.65 -16.59
CA GLY A 282 14.17 7.43 -17.19
C GLY A 282 14.33 8.91 -16.99
N VAL A 283 15.58 9.36 -16.98
CA VAL A 283 15.93 10.78 -16.74
C VAL A 283 15.15 11.35 -15.53
N GLY A 284 15.02 10.51 -14.51
CA GLY A 284 14.37 10.88 -13.26
C GLY A 284 12.93 10.40 -13.11
N MET A 285 12.37 9.81 -14.18
CA MET A 285 10.93 9.69 -14.33
C MET A 285 10.45 8.27 -14.73
N GLY A 286 11.30 7.27 -14.58
CA GLY A 286 10.97 5.90 -15.06
C GLY A 286 10.21 5.02 -14.09
N HIS A 287 9.85 5.53 -12.91
CA HIS A 287 9.21 4.77 -11.86
C HIS A 287 9.96 3.46 -11.53
N LYS A 288 11.28 3.54 -11.52
CA LYS A 288 12.12 2.45 -11.05
C LYS A 288 12.47 2.73 -9.58
N HIS A 289 11.60 2.26 -8.70
CA HIS A 289 11.68 2.61 -7.27
C HIS A 289 12.85 1.87 -6.65
N ILE A 290 13.60 2.57 -5.81
CA ILE A 290 14.82 2.05 -5.20
C ILE A 290 14.64 1.99 -3.68
N HIS A 291 14.85 0.81 -3.14
CA HIS A 291 14.66 0.58 -1.73
C HIS A 291 15.94 -0.07 -1.18
N GLY A 292 16.26 0.24 0.06
CA GLY A 292 17.36 -0.41 0.71
C GLY A 292 17.18 -0.36 2.22
N GLY A 293 17.08 -1.53 2.83
CA GLY A 293 16.67 -1.62 4.19
C GLY A 293 17.32 -2.71 5.04
N LEU A 294 17.54 -2.36 6.30
CA LEU A 294 17.96 -3.28 7.35
C LEU A 294 16.87 -4.28 7.68
N CYS A 295 17.25 -5.52 7.97
CA CYS A 295 16.26 -6.56 8.24
C CYS A 295 15.40 -6.29 9.48
N PRO A 296 14.14 -6.71 9.44
CA PRO A 296 13.36 -6.74 10.66
C PRO A 296 13.91 -7.68 11.71
N GLY A 297 13.65 -7.33 12.97
CA GLY A 297 13.95 -8.16 14.08
C GLY A 297 12.84 -8.17 15.08
N GLY A 298 13.21 -8.40 16.32
CA GLY A 298 12.24 -8.60 17.39
C GLY A 298 11.58 -9.98 17.41
N ARG A 299 10.84 -10.20 18.47
CA ARG A 299 10.18 -11.48 18.70
C ARG A 299 9.25 -11.91 17.59
N LEU A 300 8.38 -11.01 17.16
CA LEU A 300 7.32 -11.43 16.24
C LEU A 300 7.93 -11.86 14.90
N ARG A 301 8.88 -11.09 14.39
CA ARG A 301 9.54 -11.49 13.13
C ARG A 301 10.18 -12.89 13.31
N MET A 302 10.87 -13.11 14.42
CA MET A 302 11.41 -14.44 14.65
C MET A 302 10.35 -15.54 14.68
N GLU A 303 9.24 -15.31 15.38
CA GLU A 303 8.17 -16.29 15.50
C GLU A 303 7.61 -16.62 14.12
N ARG A 304 7.44 -15.60 13.29
CA ARG A 304 6.96 -15.80 11.91
CA ARG A 304 6.95 -15.80 11.93
C ARG A 304 7.90 -16.70 11.13
N LEU A 305 9.19 -16.43 11.22
CA LEU A 305 10.17 -17.21 10.47
C LEU A 305 10.31 -18.63 11.04
N ILE A 306 10.25 -18.75 12.36
CA ILE A 306 10.20 -20.04 13.02
C ILE A 306 9.03 -20.88 12.49
N ASP A 307 7.88 -20.26 12.33
CA ASP A 307 6.73 -20.98 11.74
C ASP A 307 7.00 -21.46 10.32
N LEU A 308 7.64 -20.62 9.51
CA LEU A 308 8.00 -21.03 8.16
C LEU A 308 8.92 -22.25 8.14
N VAL A 309 9.85 -22.29 9.09
CA VAL A 309 10.72 -23.47 9.22
C VAL A 309 9.99 -24.70 9.81
N PHE A 310 9.22 -24.45 10.87
CA PHE A 310 8.50 -25.51 11.54
C PHE A 310 7.52 -26.22 10.61
N TYR A 311 6.76 -25.45 9.84
CA TYR A 311 5.76 -25.99 8.90
C TYR A 311 6.34 -26.34 7.53
N LYS A 312 7.68 -26.39 7.47
CA LYS A 312 8.39 -26.92 6.30
C LYS A 312 8.17 -26.10 5.03
N ARG A 313 8.01 -24.79 5.18
CA ARG A 313 7.92 -23.91 4.03
C ARG A 313 9.32 -23.62 3.49
N VAL A 314 10.27 -23.43 4.41
CA VAL A 314 11.65 -23.11 4.05
C VAL A 314 12.57 -23.95 4.92
N ASP A 315 13.61 -24.53 4.33
CA ASP A 315 14.64 -25.24 5.10
C ASP A 315 15.97 -24.51 4.92
N PRO A 316 16.36 -23.69 5.89
CA PRO A 316 17.60 -22.92 5.76
C PRO A 316 18.88 -23.73 6.04
N SER A 317 18.74 -25.02 6.34
CA SER A 317 19.91 -25.85 6.68
C SER A 317 20.91 -25.95 5.52
N LYS A 318 20.41 -25.81 4.29
CA LYS A 318 21.24 -25.89 3.09
C LYS A 318 22.24 -24.73 3.01
N LEU A 319 22.00 -23.66 3.78
CA LEU A 319 22.97 -22.57 3.83
C LEU A 319 24.24 -22.94 4.57
N VAL A 320 24.15 -23.93 5.47
CA VAL A 320 25.21 -24.22 6.41
C VAL A 320 26.14 -25.21 5.75
N THR A 321 27.32 -24.75 5.38
CA THR A 321 28.28 -25.57 4.65
C THR A 321 29.43 -26.09 5.49
N HIS A 322 29.63 -25.50 6.66
CA HIS A 322 30.74 -25.84 7.59
C HIS A 322 30.20 -25.77 9.00
N VAL A 323 30.47 -26.79 9.79
CA VAL A 323 30.12 -26.78 11.20
C VAL A 323 31.36 -27.16 12.00
N PHE A 324 31.59 -26.38 13.05
CA PHE A 324 32.66 -26.60 14.00
C PHE A 324 32.11 -26.57 15.41
N ARG A 325 32.94 -26.96 16.37
CA ARG A 325 32.59 -27.01 17.78
C ARG A 325 33.56 -26.14 18.59
N GLY A 326 33.00 -25.48 19.58
CA GLY A 326 33.81 -24.91 20.63
C GLY A 326 34.07 -23.45 20.44
N PHE A 327 34.07 -22.79 21.57
CA PHE A 327 34.34 -21.38 21.65
C PHE A 327 35.54 -20.96 20.86
N ASP A 328 36.64 -21.70 20.98
CA ASP A 328 37.86 -21.33 20.28
C ASP A 328 37.64 -21.19 18.77
N ASN A 329 36.77 -22.02 18.20
CA ASN A 329 36.56 -22.04 16.75
C ASN A 329 35.71 -20.90 16.21
N ILE A 330 35.25 -20.02 17.10
CA ILE A 330 34.61 -18.78 16.63
C ILE A 330 35.62 -18.03 15.77
N GLU A 331 36.88 -18.00 16.22
CA GLU A 331 37.89 -17.29 15.46
C GLU A 331 38.10 -17.92 14.06
N LYS A 332 38.26 -19.23 14.03
CA LYS A 332 38.36 -19.97 12.76
C LYS A 332 37.21 -19.67 11.81
N ALA A 333 35.98 -19.73 12.31
CA ALA A 333 34.79 -19.54 11.50
C ALA A 333 34.76 -18.09 10.97
N PHE A 334 35.11 -17.15 11.83
CA PHE A 334 35.12 -15.74 11.43
C PHE A 334 36.12 -15.54 10.29
N MET A 335 37.31 -16.13 10.42
CA MET A 335 38.36 -16.00 9.39
C MET A 335 37.97 -16.65 8.06
N LEU A 336 37.10 -17.65 8.10
CA LEU A 336 36.50 -18.23 6.91
C LEU A 336 35.64 -17.23 6.13
N MET A 337 34.87 -16.37 6.80
CA MET A 337 34.10 -15.33 6.12
C MET A 337 34.98 -14.29 5.44
N LYS A 338 36.18 -14.10 5.99
CA LYS A 338 37.13 -13.15 5.43
C LYS A 338 37.74 -13.71 4.14
N ASP A 339 38.27 -14.92 4.20
CA ASP A 339 38.76 -15.57 2.96
C ASP A 339 37.88 -16.73 2.64
N LYS A 340 36.82 -16.45 1.90
CA LYS A 340 35.78 -17.42 1.61
C LYS A 340 36.23 -18.40 0.53
N PRO A 341 36.38 -19.68 0.91
CA PRO A 341 36.66 -20.75 -0.06
C PRO A 341 35.45 -21.03 -0.95
N LYS A 342 35.63 -21.73 -2.08
CA LYS A 342 34.58 -21.73 -3.10
C LYS A 342 33.33 -22.54 -2.69
N ASP A 343 33.48 -23.37 -1.65
CA ASP A 343 32.40 -24.22 -1.12
C ASP A 343 31.63 -23.58 0.05
N LEU A 344 32.08 -22.42 0.54
CA LEU A 344 31.46 -21.75 1.68
C LEU A 344 30.15 -21.01 1.35
N ILE A 345 29.12 -21.25 2.15
CA ILE A 345 27.94 -20.38 2.20
C ILE A 345 27.92 -19.74 3.60
N LYS A 346 27.62 -20.55 4.61
CA LYS A 346 27.66 -20.05 5.96
C LYS A 346 28.29 -21.10 6.95
N PRO A 347 29.25 -20.71 7.82
CA PRO A 347 29.70 -21.60 8.90
C PRO A 347 28.89 -21.42 10.17
N VAL A 348 28.81 -22.50 10.95
CA VAL A 348 28.15 -22.51 12.25
C VAL A 348 29.09 -23.10 13.25
N VAL A 349 29.18 -22.45 14.41
CA VAL A 349 29.92 -23.03 15.54
C VAL A 349 28.95 -23.45 16.66
N ILE A 350 28.95 -24.73 16.98
CA ILE A 350 28.15 -25.27 18.06
C ILE A 350 28.95 -25.24 19.35
N LEU A 351 28.37 -24.61 20.36
CA LEU A 351 29.02 -24.41 21.64
C LEU A 351 28.47 -25.33 22.69
N ALA A 352 27.26 -25.85 22.50
CA ALA A 352 26.66 -26.70 23.50
C ALA A 352 25.90 -27.77 22.76
N MET B 1 -10.14 11.38 45.97
CA MET B 1 -10.45 12.43 44.93
C MET B 1 -11.85 12.21 44.34
N LYS B 2 -12.41 13.27 43.77
CA LYS B 2 -13.71 13.23 43.10
C LYS B 2 -13.57 12.88 41.63
N GLY B 3 -14.51 12.08 41.12
CA GLY B 3 -14.63 11.82 39.70
C GLY B 3 -16.08 11.61 39.29
N PHE B 4 -16.39 11.93 38.05
CA PHE B 4 -17.72 11.76 37.49
C PHE B 4 -17.74 10.45 36.73
N ALA B 5 -18.60 9.52 37.16
CA ALA B 5 -18.48 8.14 36.77
C ALA B 5 -19.74 7.48 36.24
N MET B 6 -19.53 6.43 35.47
CA MET B 6 -20.54 5.42 35.17
C MET B 6 -20.65 4.54 36.42
N LEU B 7 -21.80 4.62 37.07
CA LEU B 7 -22.07 3.78 38.24
C LEU B 7 -22.39 2.35 37.83
N SER B 8 -23.22 2.24 36.80
CA SER B 8 -23.63 1.01 36.15
C SER B 8 -24.36 1.43 34.89
N ILE B 9 -24.75 0.47 34.05
CA ILE B 9 -25.51 0.80 32.86
C ILE B 9 -26.71 1.68 33.24
N GLY B 10 -26.79 2.83 32.57
CA GLY B 10 -27.90 3.76 32.76
C GLY B 10 -27.77 4.77 33.89
N LYS B 11 -26.67 4.73 34.63
CA LYS B 11 -26.55 5.53 35.84
C LYS B 11 -25.19 6.21 35.90
N VAL B 12 -25.21 7.53 36.11
CA VAL B 12 -23.99 8.31 36.30
C VAL B 12 -24.07 9.13 37.58
N GLY B 13 -22.89 9.47 38.10
CA GLY B 13 -22.81 10.28 39.30
C GLY B 13 -21.39 10.57 39.72
N TRP B 14 -21.26 11.56 40.58
CA TRP B 14 -19.99 11.85 41.22
C TRP B 14 -19.71 10.83 42.31
N ILE B 15 -18.46 10.37 42.36
CA ILE B 15 -17.98 9.40 43.35
C ILE B 15 -16.60 9.83 43.85
N GLU B 16 -16.19 9.23 44.98
CA GLU B 16 -14.86 9.42 45.55
C GLU B 16 -14.03 8.18 45.21
N LYS B 17 -12.83 8.40 44.67
CA LYS B 17 -11.90 7.30 44.36
C LYS B 17 -10.51 7.61 44.84
N GLU B 18 -9.68 6.57 44.93
CA GLU B 18 -8.27 6.68 45.29
C GLU B 18 -7.59 7.53 44.22
N LYS B 19 -6.80 8.53 44.62
CA LYS B 19 -5.93 9.24 43.71
C LYS B 19 -4.88 8.25 43.20
N PRO B 20 -4.78 8.10 41.88
CA PRO B 20 -3.82 7.13 41.37
C PRO B 20 -2.37 7.56 41.59
N ALA B 21 -1.47 6.56 41.66
CA ALA B 21 -0.04 6.80 41.76
C ALA B 21 0.64 6.21 40.54
N PRO B 22 1.74 6.83 40.10
CA PRO B 22 2.38 6.35 38.89
C PRO B 22 3.40 5.25 39.13
N GLY B 23 3.43 4.26 38.24
CA GLY B 23 4.57 3.36 38.12
C GLY B 23 5.75 4.11 37.55
N PRO B 24 6.91 3.43 37.41
CA PRO B 24 8.12 4.07 36.93
C PRO B 24 8.01 4.78 35.59
N PHE B 25 7.10 4.34 34.72
CA PHE B 25 7.00 4.90 33.36
C PHE B 25 5.77 5.78 33.15
N ASP B 26 5.01 6.03 34.23
CA ASP B 26 3.71 6.66 34.11
C ASP B 26 3.72 8.09 34.61
N ALA B 27 2.64 8.82 34.29
CA ALA B 27 2.45 10.17 34.83
C ALA B 27 1.06 10.26 35.46
N ILE B 28 0.96 11.09 36.49
CA ILE B 28 -0.31 11.58 37.00
C ILE B 28 -0.52 12.97 36.44
N VAL B 29 -1.73 13.20 35.95
CA VAL B 29 -2.08 14.41 35.24
C VAL B 29 -3.37 14.99 35.86
N ARG B 30 -3.44 16.31 35.96
CA ARG B 30 -4.69 16.96 36.34
C ARG B 30 -5.28 17.62 35.10
N PRO B 31 -6.59 17.50 34.91
CA PRO B 31 -7.17 18.08 33.73
C PRO B 31 -7.18 19.62 33.76
N LEU B 32 -6.86 20.23 32.62
CA LEU B 32 -7.01 21.67 32.39
C LEU B 32 -8.21 22.00 31.50
N ALA B 33 -8.53 21.08 30.58
CA ALA B 33 -9.72 21.20 29.77
C ALA B 33 -10.14 19.80 29.39
N VAL B 34 -11.45 19.56 29.39
CA VAL B 34 -11.97 18.27 29.02
C VAL B 34 -13.22 18.46 28.15
N ALA B 35 -13.65 17.37 27.51
CA ALA B 35 -14.87 17.36 26.76
C ALA B 35 -15.53 16.00 26.87
N PRO B 36 -16.86 15.98 26.83
CA PRO B 36 -17.59 14.74 26.80
C PRO B 36 -17.79 14.24 25.37
N CYS B 37 -18.07 12.95 25.21
CA CYS B 37 -18.15 12.31 23.91
C CYS B 37 -19.39 11.44 23.82
N THR B 38 -19.99 11.43 22.63
CA THR B 38 -21.07 10.51 22.25
CA THR B 38 -21.11 10.53 22.37
C THR B 38 -20.76 9.07 22.63
N SER B 39 -19.49 8.70 22.52
CA SER B 39 -19.13 7.31 22.85
C SER B 39 -19.51 6.94 24.28
N ASP B 40 -19.30 7.87 25.24
CA ASP B 40 -19.65 7.57 26.60
C ASP B 40 -21.15 7.45 26.78
N ILE B 41 -21.94 8.08 25.91
CA ILE B 41 -23.38 7.89 25.95
C ILE B 41 -23.72 6.45 25.51
N HIS B 42 -23.07 5.95 24.46
CA HIS B 42 -23.28 4.57 24.03
C HIS B 42 -22.89 3.61 25.16
N THR B 43 -21.74 3.84 25.78
CA THR B 43 -21.24 2.96 26.83
C THR B 43 -22.16 2.95 28.04
N VAL B 44 -22.56 4.12 28.50
CA VAL B 44 -23.38 4.22 29.70
C VAL B 44 -24.83 3.80 29.47
N PHE B 45 -25.46 4.34 28.43
CA PHE B 45 -26.93 4.19 28.30
C PHE B 45 -27.38 3.05 27.42
N GLU B 46 -26.58 2.68 26.44
CA GLU B 46 -26.86 1.50 25.63
C GLU B 46 -26.14 0.24 26.10
N GLY B 47 -25.18 0.35 27.02
CA GLY B 47 -24.40 -0.80 27.48
C GLY B 47 -23.62 -1.44 26.32
N ALA B 48 -23.18 -0.59 25.38
CA ALA B 48 -22.67 -1.02 24.09
C ALA B 48 -21.43 -1.90 24.17
N ILE B 49 -20.67 -1.75 25.27
CA ILE B 49 -19.44 -2.51 25.49
C ILE B 49 -19.45 -3.19 26.86
N GLY B 50 -20.66 -3.45 27.35
CA GLY B 50 -20.82 -4.23 28.59
C GLY B 50 -20.98 -3.42 29.87
N GLU B 51 -21.25 -4.12 30.96
CA GLU B 51 -21.40 -3.50 32.28
C GLU B 51 -20.09 -2.91 32.78
N ARG B 52 -20.20 -1.84 33.57
CA ARG B 52 -19.03 -1.24 34.28
C ARG B 52 -19.55 -0.82 35.62
N HIS B 53 -18.65 -0.72 36.60
CA HIS B 53 -19.01 -0.30 37.93
C HIS B 53 -18.02 0.77 38.40
N ASN B 54 -18.52 1.96 38.68
CA ASN B 54 -17.75 3.09 39.21
C ASN B 54 -16.53 3.43 38.35
N MET B 55 -16.74 3.53 37.05
CA MET B 55 -15.70 3.86 36.09
C MET B 55 -15.78 5.35 35.77
N ILE B 56 -14.72 6.08 36.10
CA ILE B 56 -14.70 7.52 35.78
C ILE B 56 -14.77 7.67 34.27
N LEU B 57 -15.61 8.59 33.83
CA LEU B 57 -15.86 8.79 32.41
C LEU B 57 -14.88 9.81 31.83
N GLY B 58 -14.97 9.97 30.52
CA GLY B 58 -14.21 10.94 29.76
C GLY B 58 -12.88 10.45 29.24
N HIS B 59 -12.55 10.85 28.02
CA HIS B 59 -11.30 10.46 27.40
C HIS B 59 -10.70 11.52 26.52
N GLU B 60 -11.10 12.77 26.76
CA GLU B 60 -10.62 13.92 25.99
C GLU B 60 -10.16 15.00 26.94
N ALA B 61 -8.84 15.14 27.08
CA ALA B 61 -8.23 16.08 27.99
C ALA B 61 -6.96 16.71 27.49
N VAL B 62 -6.81 17.98 27.86
CA VAL B 62 -5.50 18.62 27.97
C VAL B 62 -5.24 18.70 29.47
N GLY B 63 -4.00 18.45 29.88
CA GLY B 63 -3.69 18.41 31.29
C GLY B 63 -2.38 19.03 31.67
N GLU B 64 -2.16 19.10 32.98
CA GLU B 64 -0.89 19.51 33.57
C GLU B 64 -0.34 18.28 34.25
N VAL B 65 0.87 17.88 33.87
CA VAL B 65 1.54 16.80 34.57
C VAL B 65 1.81 17.21 36.02
N VAL B 66 1.44 16.35 36.97
CA VAL B 66 1.69 16.65 38.39
C VAL B 66 2.67 15.71 39.08
N GLU B 67 2.84 14.52 38.52
CA GLU B 67 3.80 13.56 39.06
C GLU B 67 4.26 12.64 37.95
N VAL B 68 5.54 12.27 37.96
CA VAL B 68 6.05 11.29 37.02
C VAL B 68 6.85 10.22 37.74
N GLY B 69 6.82 9.02 37.19
CA GLY B 69 7.66 7.94 37.67
C GLY B 69 9.13 8.15 37.39
N SER B 70 9.94 7.36 38.08
CA SER B 70 11.38 7.53 38.06
C SER B 70 12.06 7.30 36.69
N GLU B 71 11.37 6.61 35.77
CA GLU B 71 11.90 6.33 34.43
C GLU B 71 11.35 7.23 33.32
N VAL B 72 10.52 8.21 33.68
CA VAL B 72 9.99 9.15 32.69
C VAL B 72 11.04 10.21 32.38
N LYS B 73 11.36 10.37 31.10
CA LYS B 73 12.45 11.25 30.65
C LYS B 73 12.02 12.61 30.06
N ASP B 74 10.87 12.66 29.41
CA ASP B 74 10.52 13.78 28.56
C ASP B 74 9.45 14.70 29.13
N PHE B 75 8.85 14.30 30.26
CA PHE B 75 7.78 15.06 30.89
C PHE B 75 8.11 15.25 32.35
N LYS B 76 7.77 16.44 32.86
CA LYS B 76 8.02 16.82 34.25
C LYS B 76 6.81 17.55 34.82
N PRO B 77 6.66 17.55 36.14
CA PRO B 77 5.57 18.28 36.78
C PRO B 77 5.53 19.71 36.30
N GLY B 78 4.32 20.18 35.98
CA GLY B 78 4.12 21.48 35.39
C GLY B 78 3.94 21.52 33.87
N ASP B 79 4.32 20.46 33.17
CA ASP B 79 4.23 20.47 31.73
C ASP B 79 2.77 20.36 31.32
N ARG B 80 2.37 21.22 30.38
CA ARG B 80 1.04 21.16 29.78
C ARG B 80 1.07 20.19 28.59
N VAL B 81 0.12 19.28 28.55
CA VAL B 81 0.16 18.15 27.63
C VAL B 81 -1.20 17.88 26.99
N VAL B 82 -1.15 17.40 25.75
CA VAL B 82 -2.30 16.86 25.07
C VAL B 82 -2.25 15.37 25.35
N VAL B 83 -3.36 14.84 25.89
CA VAL B 83 -3.46 13.43 26.25
C VAL B 83 -4.30 12.70 25.21
N PRO B 84 -3.71 11.73 24.49
CA PRO B 84 -4.54 11.05 23.50
C PRO B 84 -5.62 10.21 24.16
N ALA B 85 -6.76 10.07 23.49
CA ALA B 85 -7.81 9.16 24.00
C ALA B 85 -7.33 7.70 24.03
N ILE B 86 -6.46 7.36 23.09
CA ILE B 86 -5.86 6.03 22.96
C ILE B 86 -4.43 6.11 23.51
N THR B 87 -4.17 5.35 24.58
CA THR B 87 -2.88 5.34 25.25
C THR B 87 -2.45 3.87 25.40
N PRO B 88 -1.91 3.30 24.34
CA PRO B 88 -1.57 1.89 24.33
C PRO B 88 -0.46 1.46 25.28
N ASP B 89 -0.45 0.17 25.59
CA ASP B 89 0.73 -0.48 26.11
CA ASP B 89 0.73 -0.55 26.08
C ASP B 89 1.59 -0.78 24.85
N TRP B 90 2.74 -0.16 24.79
CA TRP B 90 3.56 -0.20 23.59
C TRP B 90 4.37 -1.51 23.46
N ARG B 91 4.47 -2.29 24.52
CA ARG B 91 5.30 -3.51 24.48
C ARG B 91 4.42 -4.74 24.39
N THR B 92 3.76 -4.87 23.24
CA THR B 92 2.89 -6.01 22.92
C THR B 92 3.08 -6.50 21.48
N SER B 93 2.56 -7.69 21.20
CA SER B 93 2.56 -8.28 19.85
C SER B 93 1.76 -7.46 18.86
N GLU B 94 0.67 -6.83 19.30
CA GLU B 94 -0.15 -6.05 18.37
C GLU B 94 0.62 -4.84 17.87
N VAL B 95 1.44 -4.25 18.72
CA VAL B 95 2.29 -3.16 18.31
C VAL B 95 3.34 -3.62 17.33
N GLN B 96 3.94 -4.80 17.56
CA GLN B 96 4.96 -5.30 16.61
C GLN B 96 4.36 -5.57 15.23
N ARG B 97 3.04 -5.78 15.12
CA ARG B 97 2.40 -5.99 13.83
C ARG B 97 1.55 -4.81 13.34
N GLY B 98 1.75 -3.68 13.95
CA GLY B 98 1.26 -2.41 13.39
C GLY B 98 -0.11 -1.93 13.81
N TYR B 99 -0.64 -2.45 14.90
CA TYR B 99 -2.00 -2.09 15.37
C TYR B 99 -1.99 -1.72 16.85
N HIS B 100 -1.43 -0.57 17.17
CA HIS B 100 -1.35 -0.17 18.59
C HIS B 100 -2.74 0.00 19.24
N GLN B 101 -3.76 0.28 18.42
CA GLN B 101 -5.12 0.47 18.93
C GLN B 101 -5.63 -0.77 19.63
N HIS B 102 -5.09 -1.92 19.26
CA HIS B 102 -5.54 -3.22 19.79
C HIS B 102 -4.47 -3.90 20.60
N SER B 103 -3.60 -3.09 21.19
CA SER B 103 -2.55 -3.60 22.03
CA SER B 103 -2.53 -3.52 22.09
C SER B 103 -3.13 -4.21 23.29
N GLY B 104 -2.92 -5.52 23.43
CA GLY B 104 -3.51 -6.27 24.53
C GLY B 104 -4.93 -6.79 24.30
N GLY B 105 -5.46 -6.59 23.10
CA GLY B 105 -6.78 -7.07 22.74
C GLY B 105 -7.56 -6.05 21.96
N MET B 106 -8.65 -6.50 21.33
CA MET B 106 -9.44 -5.59 20.51
C MET B 106 -9.93 -4.40 21.35
N LEU B 107 -9.66 -3.20 20.82
CA LEU B 107 -9.94 -1.90 21.40
C LEU B 107 -9.13 -1.54 22.63
N ALA B 108 -8.21 -2.40 23.06
CA ALA B 108 -7.55 -2.24 24.37
C ALA B 108 -6.57 -1.09 24.45
N GLY B 109 -6.19 -0.52 23.30
CA GLY B 109 -5.44 0.73 23.34
C GLY B 109 -6.24 1.94 23.79
N TRP B 110 -7.56 1.84 23.68
CA TRP B 110 -8.48 2.83 24.22
C TRP B 110 -8.74 2.44 25.66
N LYS B 111 -8.05 3.08 26.59
CA LYS B 111 -8.18 2.74 27.99
CA LYS B 111 -8.17 2.74 28.01
C LYS B 111 -9.19 3.62 28.72
N PHE B 112 -8.97 4.92 28.72
CA PHE B 112 -9.86 5.85 29.41
C PHE B 112 -11.32 5.67 29.02
N SER B 113 -12.14 5.41 30.02
CA SER B 113 -13.59 5.22 29.85
C SER B 113 -14.01 4.00 29.05
N ASN B 114 -13.04 3.11 28.78
CA ASN B 114 -13.31 1.78 28.29
C ASN B 114 -12.90 0.78 29.37
N VAL B 115 -11.61 0.67 29.64
CA VAL B 115 -11.08 -0.31 30.61
C VAL B 115 -10.27 0.35 31.74
N LYS B 116 -10.41 1.67 31.90
CA LYS B 116 -9.64 2.42 32.88
C LYS B 116 -10.42 3.67 33.27
N ASP B 117 -10.26 4.14 34.50
CA ASP B 117 -10.85 5.41 34.91
C ASP B 117 -10.36 6.53 33.96
N GLY B 118 -11.30 7.34 33.48
CA GLY B 118 -11.08 8.42 32.54
C GLY B 118 -10.67 9.71 33.16
N VAL B 119 -10.85 10.77 32.38
CA VAL B 119 -10.25 12.04 32.66
C VAL B 119 -11.13 12.99 33.49
N PHE B 120 -12.38 12.62 33.75
CA PHE B 120 -13.30 13.47 34.50
C PHE B 120 -13.11 13.29 36.00
N GLY B 121 -11.87 13.48 36.44
CA GLY B 121 -11.49 13.38 37.83
C GLY B 121 -10.53 14.46 38.19
N GLU B 122 -10.29 14.63 39.49
CA GLU B 122 -9.35 15.64 39.90
C GLU B 122 -7.95 15.34 39.32
N PHE B 123 -7.64 14.04 39.20
CA PHE B 123 -6.44 13.52 38.60
C PHE B 123 -6.79 12.31 37.80
N PHE B 124 -5.91 11.98 36.88
CA PHE B 124 -5.97 10.72 36.16
C PHE B 124 -4.56 10.20 35.88
N HIS B 125 -4.51 8.93 35.52
CA HIS B 125 -3.25 8.20 35.26
C HIS B 125 -3.03 8.02 33.75
N VAL B 126 -1.83 8.36 33.30
CA VAL B 126 -1.39 8.08 31.94
C VAL B 126 -0.27 7.03 31.99
N ASN B 127 -0.54 5.89 31.40
CA ASN B 127 0.49 4.84 31.28
C ASN B 127 1.51 5.24 30.22
N ASP B 128 2.79 5.02 30.53
CA ASP B 128 3.89 5.29 29.59
C ASP B 128 3.85 6.72 29.04
N ALA B 129 4.14 7.64 29.94
CA ALA B 129 4.15 9.05 29.64
C ALA B 129 4.96 9.39 28.39
N ASP B 130 6.18 8.87 28.31
CA ASP B 130 7.05 9.28 27.23
C ASP B 130 6.50 8.83 25.87
N MET B 131 5.74 7.74 25.84
CA MET B 131 5.16 7.24 24.57
C MET B 131 3.75 7.77 24.31
N ASN B 132 3.07 8.29 25.36
CA ASN B 132 1.65 8.59 25.27
C ASN B 132 1.20 9.97 25.65
N LEU B 133 2.11 10.92 25.82
CA LEU B 133 1.80 12.31 26.03
C LEU B 133 2.51 13.14 24.95
N ALA B 134 1.93 14.28 24.60
CA ALA B 134 2.57 15.27 23.72
C ALA B 134 2.54 16.64 24.41
N HIS B 135 3.63 17.39 24.29
CA HIS B 135 3.67 18.75 24.78
C HIS B 135 2.70 19.64 24.00
N LEU B 136 2.00 20.51 24.73
CA LEU B 136 1.10 21.48 24.13
C LEU B 136 1.78 22.82 23.90
N PRO B 137 1.90 23.24 22.63
CA PRO B 137 2.42 24.56 22.40
C PRO B 137 1.52 25.65 23.00
N LYS B 138 2.13 26.69 23.56
CA LYS B 138 1.36 27.74 24.21
C LYS B 138 0.43 28.50 23.26
N GLU B 139 0.74 28.46 21.97
CA GLU B 139 -0.01 29.18 20.97
C GLU B 139 -1.34 28.56 20.60
N ILE B 140 -1.59 27.32 21.07
CA ILE B 140 -2.87 26.64 20.77
C ILE B 140 -3.79 26.80 21.97
N PRO B 141 -4.95 27.46 21.78
CA PRO B 141 -5.87 27.61 22.89
C PRO B 141 -6.42 26.26 23.39
N LEU B 142 -6.80 26.21 24.65
CA LEU B 142 -7.26 24.98 25.25
C LEU B 142 -8.45 24.38 24.57
N GLU B 143 -9.39 25.22 24.14
CA GLU B 143 -10.62 24.75 23.51
C GLU B 143 -10.33 24.04 22.22
N ALA B 144 -9.36 24.54 21.45
CA ALA B 144 -8.93 23.87 20.22
C ALA B 144 -8.16 22.59 20.54
N ALA B 145 -7.24 22.68 21.49
CA ALA B 145 -6.37 21.57 21.82
C ALA B 145 -7.16 20.32 22.29
N VAL B 146 -8.27 20.52 22.98
CA VAL B 146 -9.00 19.39 23.52
C VAL B 146 -9.81 18.66 22.43
N MET B 147 -9.85 19.24 21.22
CA MET B 147 -10.38 18.53 20.05
C MET B 147 -9.39 17.56 19.41
N ILE B 148 -8.14 17.56 19.85
CA ILE B 148 -7.11 16.74 19.24
C ILE B 148 -7.14 15.28 19.71
N PRO B 149 -7.34 15.03 21.03
CA PRO B 149 -7.26 13.66 21.54
C PRO B 149 -8.14 12.61 20.90
N ASP B 150 -9.29 13.05 20.37
CA ASP B 150 -10.32 12.11 19.87
C ASP B 150 -10.98 12.65 18.61
N MET B 151 -11.51 13.88 18.63
CA MET B 151 -12.30 14.32 17.48
C MET B 151 -11.45 14.38 16.18
N MET B 152 -10.30 15.00 16.26
CA MET B 152 -9.45 15.11 15.10
CA MET B 152 -9.43 15.12 15.08
C MET B 152 -8.85 13.77 14.72
N THR B 153 -8.30 13.05 15.69
CA THR B 153 -7.70 11.76 15.33
C THR B 153 -8.73 10.80 14.74
N THR B 154 -9.93 10.75 15.31
CA THR B 154 -10.98 9.85 14.83
C THR B 154 -11.49 10.31 13.49
N GLY B 155 -11.88 11.58 13.38
CA GLY B 155 -12.42 12.04 12.09
C GLY B 155 -11.41 11.88 10.97
N PHE B 156 -10.15 12.21 11.25
CA PHE B 156 -9.11 12.02 10.24
CA PHE B 156 -9.14 12.06 10.21
C PHE B 156 -8.89 10.55 9.92
N HIS B 157 -9.02 9.68 10.91
CA HIS B 157 -8.85 8.26 10.65
C HIS B 157 -9.92 7.75 9.74
N GLY B 158 -11.14 8.31 9.82
CA GLY B 158 -12.16 7.90 8.88
C GLY B 158 -11.75 8.19 7.46
N ALA B 159 -11.21 9.38 7.22
CA ALA B 159 -10.68 9.72 5.92
C ALA B 159 -9.52 8.85 5.48
N GLU B 160 -8.65 8.49 6.42
CA GLU B 160 -7.53 7.62 6.12
C GLU B 160 -8.03 6.23 5.71
N LEU B 161 -8.96 5.69 6.49
CA LEU B 161 -9.49 4.36 6.19
C LEU B 161 -10.21 4.33 4.85
N ALA B 162 -10.76 5.48 4.46
CA ALA B 162 -11.49 5.60 3.19
C ALA B 162 -10.56 5.68 1.96
N ASN B 163 -9.24 5.65 2.18
CA ASN B 163 -8.29 5.51 1.10
C ASN B 163 -8.46 6.55 0.01
N ILE B 164 -8.60 7.78 0.42
CA ILE B 164 -8.89 8.88 -0.51
C ILE B 164 -7.67 9.18 -1.41
N LYS B 165 -7.94 9.37 -2.69
CA LYS B 165 -6.94 9.66 -3.69
C LYS B 165 -7.27 11.05 -4.25
N LEU B 166 -6.25 11.78 -4.73
N LEU B 166 -6.30 11.63 -4.91
CA LEU B 166 -6.44 13.17 -5.19
CA LEU B 166 -6.40 12.98 -5.41
C LEU B 166 -7.58 13.22 -6.21
C LEU B 166 -7.60 13.22 -6.33
N GLY B 167 -8.47 14.17 -5.97
CA GLY B 167 -9.64 14.44 -6.79
C GLY B 167 -10.83 13.54 -6.59
N ASP B 168 -10.71 12.56 -5.68
CA ASP B 168 -11.85 11.62 -5.44
C ASP B 168 -13.08 12.40 -4.99
N THR B 169 -14.23 11.91 -5.42
CA THR B 169 -15.50 12.36 -4.88
C THR B 169 -15.80 11.53 -3.66
N VAL B 170 -16.03 12.19 -2.52
CA VAL B 170 -16.17 11.54 -1.24
C VAL B 170 -17.50 11.88 -0.63
N CYS B 171 -18.14 10.92 0.03
CA CYS B 171 -19.28 11.21 0.89
C CYS B 171 -18.93 10.92 2.31
N VAL B 172 -19.18 11.88 3.20
CA VAL B 172 -19.08 11.69 4.64
C VAL B 172 -20.49 11.61 5.20
N ILE B 173 -20.82 10.45 5.77
CA ILE B 173 -22.15 10.19 6.35
C ILE B 173 -22.07 10.46 7.84
N GLY B 174 -22.71 11.55 8.26
CA GLY B 174 -22.72 11.94 9.65
C GLY B 174 -21.82 13.11 9.85
N ILE B 175 -22.37 14.23 10.35
CA ILE B 175 -21.58 15.44 10.58
C ILE B 175 -21.79 16.03 11.97
N GLY B 176 -21.74 15.15 12.95
CA GLY B 176 -21.35 15.54 14.29
C GLY B 176 -19.88 15.93 14.28
N PRO B 177 -19.32 16.15 15.46
CA PRO B 177 -17.95 16.62 15.49
C PRO B 177 -16.95 15.68 14.80
N VAL B 178 -17.10 14.37 14.95
CA VAL B 178 -16.20 13.42 14.27
C VAL B 178 -16.34 13.55 12.75
N GLY B 179 -17.58 13.54 12.27
CA GLY B 179 -17.82 13.69 10.85
C GLY B 179 -17.34 15.01 10.28
N LEU B 180 -17.45 16.08 11.05
CA LEU B 180 -16.91 17.37 10.59
C LEU B 180 -15.39 17.27 10.42
N MET B 181 -14.72 16.60 11.36
CA MET B 181 -13.30 16.30 11.16
C MET B 181 -13.03 15.35 10.03
N SER B 182 -13.97 14.43 9.71
CA SER B 182 -13.80 13.63 8.49
C SER B 182 -13.94 14.46 7.23
N VAL B 183 -14.83 15.46 7.24
CA VAL B 183 -14.89 16.39 6.09
C VAL B 183 -13.55 17.13 5.95
N ALA B 184 -13.05 17.67 7.07
CA ALA B 184 -11.74 18.32 7.06
C ALA B 184 -10.65 17.39 6.63
N GLY B 185 -10.68 16.16 7.11
CA GLY B 185 -9.71 15.14 6.74
C GLY B 185 -9.72 14.81 5.26
N ALA B 186 -10.91 14.62 4.73
CA ALA B 186 -11.06 14.37 3.29
C ALA B 186 -10.46 15.52 2.47
N ASN B 187 -10.74 16.74 2.89
CA ASN B 187 -10.20 17.93 2.24
C ASN B 187 -8.67 17.90 2.28
N HIS B 188 -8.06 17.50 3.40
N HIS B 188 -8.15 17.58 3.44
CA HIS B 188 -6.56 17.36 3.56
CA HIS B 188 -6.73 17.50 3.63
C HIS B 188 -5.96 16.00 3.19
C HIS B 188 -6.04 16.37 2.90
N LEU B 189 -6.77 15.27 2.51
CA LEU B 189 -6.23 14.10 1.81
C LEU B 189 -6.51 14.14 0.34
N GLY B 190 -6.96 15.29 -0.14
CA GLY B 190 -7.01 15.54 -1.58
C GLY B 190 -8.34 15.37 -2.27
N ALA B 191 -9.43 15.23 -1.52
CA ALA B 191 -10.74 15.09 -2.14
C ALA B 191 -11.10 16.27 -3.04
N GLY B 192 -11.83 15.96 -4.10
CA GLY B 192 -12.44 17.00 -4.91
C GLY B 192 -13.80 17.34 -4.35
N ARG B 193 -14.85 16.81 -4.95
CA ARG B 193 -16.21 17.04 -4.44
C ARG B 193 -16.44 16.28 -3.12
N ILE B 194 -17.04 16.92 -2.12
CA ILE B 194 -17.34 16.28 -0.83
C ILE B 194 -18.80 16.48 -0.50
N PHE B 195 -19.54 15.36 -0.49
CA PHE B 195 -20.92 15.34 -0.01
C PHE B 195 -20.85 15.10 1.48
N ALA B 196 -21.67 15.83 2.22
CA ALA B 196 -21.80 15.65 3.66
C ALA B 196 -23.27 15.39 3.95
N VAL B 197 -23.54 14.25 4.60
CA VAL B 197 -24.90 13.84 4.90
C VAL B 197 -25.25 14.28 6.31
N GLY B 198 -26.20 15.21 6.42
CA GLY B 198 -26.65 15.77 7.69
C GLY B 198 -27.85 16.67 7.43
N SER B 199 -28.49 17.08 8.51
CA SER B 199 -29.73 17.83 8.42
C SER B 199 -29.88 18.95 9.45
N ARG B 200 -29.01 18.99 10.45
CA ARG B 200 -29.01 20.05 11.45
C ARG B 200 -28.22 21.24 10.91
N LYS B 201 -28.87 22.39 10.85
CA LYS B 201 -28.37 23.57 10.17
C LYS B 201 -26.98 23.99 10.61
N HIS B 202 -26.72 24.08 11.91
CA HIS B 202 -25.38 24.58 12.33
C HIS B 202 -24.28 23.61 11.93
N CYS B 203 -24.52 22.32 12.06
CA CYS B 203 -23.54 21.33 11.64
C CYS B 203 -23.33 21.39 10.16
N CYS B 204 -24.40 21.56 9.40
CA CYS B 204 -24.27 21.65 7.93
C CYS B 204 -23.45 22.89 7.54
N ASP B 205 -23.68 24.01 8.23
CA ASP B 205 -22.90 25.25 7.97
C ASP B 205 -21.40 25.08 8.27
N ILE B 206 -21.09 24.40 9.37
CA ILE B 206 -19.69 24.13 9.72
C ILE B 206 -19.07 23.14 8.73
N ALA B 207 -19.87 22.19 8.25
CA ALA B 207 -19.38 21.26 7.24
C ALA B 207 -18.90 22.01 5.98
N LEU B 208 -19.67 23.01 5.57
CA LEU B 208 -19.26 23.82 4.44
C LEU B 208 -17.96 24.54 4.74
N GLU B 209 -17.80 25.03 5.97
CA GLU B 209 -16.57 25.73 6.34
C GLU B 209 -15.32 24.81 6.31
N TYR B 210 -15.52 23.51 6.55
CA TYR B 210 -14.41 22.57 6.52
C TYR B 210 -14.17 21.95 5.13
N GLY B 211 -15.01 22.30 4.16
CA GLY B 211 -14.73 21.88 2.79
C GLY B 211 -15.82 21.09 2.11
N ALA B 212 -16.94 20.79 2.79
CA ALA B 212 -18.05 20.15 2.08
C ALA B 212 -18.53 21.02 0.94
N THR B 213 -18.83 20.39 -0.20
CA THR B 213 -19.34 21.13 -1.36
C THR B 213 -20.85 20.96 -1.53
N ASP B 214 -21.40 19.87 -0.98
CA ASP B 214 -22.79 19.52 -1.17
C ASP B 214 -23.31 18.98 0.17
N ILE B 215 -24.39 19.53 0.69
CA ILE B 215 -25.05 19.00 1.86
C ILE B 215 -26.22 18.12 1.39
N ILE B 216 -26.28 16.90 1.92
CA ILE B 216 -27.31 15.92 1.58
C ILE B 216 -28.21 15.69 2.78
N ASN B 217 -29.40 16.29 2.72
CA ASN B 217 -30.37 16.28 3.80
C ASN B 217 -31.48 15.27 3.44
N TYR B 218 -31.65 14.25 4.28
CA TYR B 218 -32.62 13.19 4.04
C TYR B 218 -34.04 13.71 3.78
N LYS B 219 -34.36 14.90 4.29
CA LYS B 219 -35.69 15.45 4.07
C LYS B 219 -35.96 15.79 2.60
N ASN B 220 -34.89 15.87 1.78
CA ASN B 220 -35.02 16.14 0.38
C ASN B 220 -35.03 14.88 -0.51
N GLY B 221 -35.03 13.70 0.11
CA GLY B 221 -35.06 12.47 -0.63
C GLY B 221 -34.13 11.44 -0.05
N ASP B 222 -34.32 10.18 -0.45
CA ASP B 222 -33.43 9.09 -0.06
C ASP B 222 -31.99 9.54 -0.31
N ILE B 223 -31.13 9.40 0.69
CA ILE B 223 -29.80 10.01 0.55
C ILE B 223 -29.01 9.34 -0.55
N VAL B 224 -29.22 8.03 -0.76
CA VAL B 224 -28.50 7.32 -1.81
C VAL B 224 -28.98 7.81 -3.16
N GLU B 225 -30.29 7.93 -3.32
CA GLU B 225 -30.83 8.41 -4.57
C GLU B 225 -30.38 9.85 -4.85
N GLN B 226 -30.28 10.68 -3.83
CA GLN B 226 -29.80 12.05 -4.05
C GLN B 226 -28.37 12.06 -4.58
N ILE B 227 -27.52 11.22 -3.98
CA ILE B 227 -26.11 11.18 -4.36
C ILE B 227 -25.95 10.58 -5.77
N LEU B 228 -26.75 9.58 -6.09
CA LEU B 228 -26.75 9.00 -7.44
C LEU B 228 -27.20 10.04 -8.46
N LYS B 229 -28.24 10.78 -8.17
CA LYS B 229 -28.69 11.85 -9.07
C LYS B 229 -27.58 12.91 -9.30
N ALA B 230 -26.94 13.29 -8.21
CA ALA B 230 -25.94 14.34 -8.23
C ALA B 230 -24.67 13.94 -8.98
N THR B 231 -24.44 12.62 -9.09
CA THR B 231 -23.27 12.06 -9.75
C THR B 231 -23.61 11.40 -11.07
N ASP B 232 -24.78 11.73 -11.61
CA ASP B 232 -25.28 11.22 -12.89
C ASP B 232 -25.23 9.70 -12.93
N GLY B 233 -25.58 9.08 -11.80
CA GLY B 233 -25.67 7.64 -11.67
C GLY B 233 -24.38 6.93 -11.35
N LYS B 234 -23.27 7.67 -11.31
CA LYS B 234 -21.95 7.05 -11.16
C LYS B 234 -21.62 6.67 -9.71
N GLY B 235 -22.19 7.38 -8.76
CA GLY B 235 -21.84 7.17 -7.36
C GLY B 235 -20.58 7.92 -6.99
N VAL B 236 -20.22 7.76 -5.73
CA VAL B 236 -19.02 8.38 -5.20
C VAL B 236 -17.86 7.40 -5.18
N ASP B 237 -16.64 7.93 -5.15
CA ASP B 237 -15.46 7.11 -5.13
C ASP B 237 -15.20 6.45 -3.77
N LYS B 238 -15.41 7.19 -2.68
CA LYS B 238 -15.06 6.76 -1.32
C LYS B 238 -16.09 7.31 -0.38
N VAL B 239 -16.29 6.58 0.72
CA VAL B 239 -17.28 6.94 1.76
C VAL B 239 -16.62 6.85 3.13
N VAL B 240 -16.85 7.88 3.97
CA VAL B 240 -16.51 7.82 5.39
C VAL B 240 -17.82 7.73 6.15
N ILE B 241 -17.91 6.77 7.05
CA ILE B 241 -19.06 6.70 7.94
C ILE B 241 -18.63 7.22 9.30
N ALA B 242 -19.29 8.29 9.73
CA ALA B 242 -18.97 9.00 10.99
C ALA B 242 -20.19 9.22 11.88
N GLY B 243 -21.24 8.49 11.59
CA GLY B 243 -22.49 8.56 12.32
C GLY B 243 -23.48 7.55 11.80
N GLY B 244 -24.71 7.61 12.31
CA GLY B 244 -25.75 6.69 11.87
C GLY B 244 -25.80 5.49 12.78
N ASP B 245 -26.14 4.35 12.20
CA ASP B 245 -26.34 3.14 12.96
C ASP B 245 -25.88 1.93 12.13
N VAL B 246 -26.20 0.72 12.54
CA VAL B 246 -25.78 -0.47 11.82
C VAL B 246 -26.31 -0.55 10.40
N HIS B 247 -27.32 0.23 10.08
CA HIS B 247 -27.90 0.20 8.76
C HIS B 247 -27.29 1.20 7.77
N THR B 248 -26.36 2.00 8.26
CA THR B 248 -25.72 3.00 7.43
C THR B 248 -24.75 2.37 6.43
N PHE B 249 -24.24 1.19 6.74
CA PHE B 249 -23.27 0.56 5.83
C PHE B 249 -23.96 0.19 4.52
N ALA B 250 -25.21 -0.22 4.59
CA ALA B 250 -25.95 -0.54 3.36
C ALA B 250 -26.10 0.68 2.46
N GLN B 251 -26.30 1.85 3.06
CA GLN B 251 -26.39 3.08 2.30
C GLN B 251 -25.05 3.40 1.64
N ALA B 252 -23.96 3.23 2.38
CA ALA B 252 -22.63 3.45 1.82
C ALA B 252 -22.38 2.54 0.62
N VAL B 253 -22.72 1.27 0.74
CA VAL B 253 -22.50 0.30 -0.34
C VAL B 253 -23.30 0.68 -1.57
N LYS B 254 -24.52 1.16 -1.35
CA LYS B 254 -25.39 1.51 -2.47
C LYS B 254 -25.00 2.77 -3.21
N MET B 255 -24.30 3.68 -2.53
CA MET B 255 -23.90 4.95 -3.19
C MET B 255 -22.50 4.94 -3.80
N ILE B 256 -21.70 3.90 -3.52
CA ILE B 256 -20.28 3.90 -3.86
C ILE B 256 -20.06 3.06 -5.13
N LYS B 257 -19.07 3.47 -5.91
CA LYS B 257 -18.64 2.77 -7.11
C LYS B 257 -18.07 1.40 -6.74
N PRO B 258 -18.11 0.44 -7.67
CA PRO B 258 -17.31 -0.75 -7.46
C PRO B 258 -15.82 -0.40 -7.49
N GLY B 259 -15.02 -1.10 -6.72
CA GLY B 259 -13.61 -0.79 -6.58
C GLY B 259 -13.43 0.49 -5.79
N SER B 260 -13.58 0.35 -4.49
CA SER B 260 -13.74 1.53 -3.61
C SER B 260 -13.51 1.14 -2.18
N ASP B 261 -13.59 2.12 -1.29
CA ASP B 261 -13.37 1.94 0.13
C ASP B 261 -14.37 2.73 0.93
N ILE B 262 -14.90 2.04 1.95
CA ILE B 262 -15.77 2.62 2.98
C ILE B 262 -14.99 2.60 4.30
N GLY B 263 -14.75 3.78 4.88
CA GLY B 263 -14.02 3.89 6.12
C GLY B 263 -14.96 4.28 7.26
N ASN B 264 -15.25 3.35 8.13
CA ASN B 264 -16.08 3.61 9.29
C ASN B 264 -15.25 3.94 10.52
N VAL B 265 -15.66 5.00 11.20
CA VAL B 265 -15.15 5.33 12.54
C VAL B 265 -16.27 5.48 13.56
N ASN B 266 -17.51 5.21 13.16
CA ASN B 266 -18.61 5.30 14.10
C ASN B 266 -18.62 4.12 15.08
N TYR B 267 -18.75 4.43 16.36
CA TYR B 267 -18.96 3.43 17.41
C TYR B 267 -20.42 3.03 17.36
N LEU B 268 -20.65 1.76 17.03
CA LEU B 268 -22.00 1.22 16.87
C LEU B 268 -22.52 0.73 18.20
N GLY B 269 -23.56 1.37 18.72
CA GLY B 269 -23.99 1.13 20.07
C GLY B 269 -25.05 0.07 20.30
N GLU B 270 -25.75 -0.31 19.24
CA GLU B 270 -26.89 -1.20 19.29
C GLU B 270 -26.99 -2.01 18.01
N GLY B 271 -27.61 -3.17 18.13
CA GLY B 271 -27.93 -4.00 16.99
C GLY B 271 -27.04 -5.20 16.90
N ASP B 272 -27.61 -6.36 16.58
CA ASP B 272 -26.82 -7.58 16.49
C ASP B 272 -25.78 -7.56 15.35
N ASN B 273 -26.25 -7.14 14.19
CA ASN B 273 -25.49 -7.23 12.94
C ASN B 273 -25.49 -5.96 12.13
N ILE B 274 -24.40 -5.77 11.40
CA ILE B 274 -24.30 -4.80 10.34
C ILE B 274 -24.64 -5.54 9.05
N ASP B 275 -25.69 -5.11 8.38
CA ASP B 275 -26.18 -5.75 7.14
CA ASP B 275 -26.10 -5.81 7.17
C ASP B 275 -25.51 -5.17 5.92
N ILE B 276 -24.86 -5.99 5.10
CA ILE B 276 -24.25 -5.57 3.85
C ILE B 276 -25.11 -6.17 2.74
N PRO B 277 -25.70 -5.34 1.87
CA PRO B 277 -26.64 -5.87 0.88
C PRO B 277 -25.93 -6.70 -0.18
N ARG B 278 -26.35 -7.94 -0.35
CA ARG B 278 -25.61 -8.87 -1.21
C ARG B 278 -25.52 -8.42 -2.65
N SER B 279 -26.65 -8.02 -3.27
CA SER B 279 -26.59 -7.66 -4.69
CA SER B 279 -26.67 -7.59 -4.67
C SER B 279 -25.74 -6.40 -4.94
N GLU B 280 -25.93 -5.35 -4.14
CA GLU B 280 -25.22 -4.11 -4.33
C GLU B 280 -23.76 -4.18 -3.91
N TRP B 281 -23.39 -5.21 -3.17
CA TRP B 281 -22.00 -5.52 -2.87
C TRP B 281 -21.39 -6.44 -3.96
N GLY B 282 -22.05 -6.53 -5.10
CA GLY B 282 -21.53 -7.26 -6.25
C GLY B 282 -21.53 -8.75 -5.98
N VAL B 283 -22.57 -9.22 -5.29
CA VAL B 283 -22.71 -10.62 -4.94
C VAL B 283 -21.44 -11.24 -4.37
N GLY B 284 -20.70 -10.42 -3.62
CA GLY B 284 -19.48 -10.87 -2.96
C GLY B 284 -18.20 -10.37 -3.65
N MET B 285 -18.34 -9.73 -4.81
CA MET B 285 -17.24 -9.56 -5.76
C MET B 285 -17.06 -8.16 -6.31
N GLY B 286 -17.69 -7.16 -5.69
CA GLY B 286 -17.66 -5.78 -6.21
C GLY B 286 -16.45 -4.93 -5.86
N HIS B 287 -15.50 -5.48 -5.10
CA HIS B 287 -14.35 -4.71 -4.58
C HIS B 287 -14.77 -3.45 -3.86
N LYS B 288 -15.85 -3.53 -3.09
CA LYS B 288 -16.27 -2.47 -2.22
C LYS B 288 -15.73 -2.78 -0.84
N HIS B 289 -14.51 -2.36 -0.58
CA HIS B 289 -13.80 -2.71 0.64
C HIS B 289 -14.38 -1.99 1.85
N ILE B 290 -14.49 -2.71 2.96
CA ILE B 290 -15.14 -2.21 4.16
C ILE B 290 -14.14 -2.20 5.30
N HIS B 291 -13.99 -1.03 5.92
CA HIS B 291 -13.03 -0.84 6.99
C HIS B 291 -13.79 -0.23 8.18
N GLY B 292 -13.35 -0.55 9.38
CA GLY B 292 -13.90 0.09 10.56
C GLY B 292 -12.87 0.03 11.67
N GLY B 293 -12.42 1.19 12.13
CA GLY B 293 -11.27 1.22 13.01
C GLY B 293 -11.29 2.31 14.06
N LEU B 294 -10.79 1.93 15.24
CA LEU B 294 -10.51 2.79 16.37
C LEU B 294 -9.44 3.79 16.02
N CYS B 295 -9.57 5.03 16.49
CA CYS B 295 -8.59 6.07 16.18
C CYS B 295 -7.19 5.76 16.67
N PRO B 296 -6.17 6.18 15.90
CA PRO B 296 -4.83 6.18 16.47
C PRO B 296 -4.69 7.07 17.69
N GLY B 297 -3.74 6.69 18.53
CA GLY B 297 -3.31 7.51 19.65
C GLY B 297 -1.82 7.46 19.81
N GLY B 298 -1.39 7.65 21.03
CA GLY B 298 0.00 7.80 21.35
C GLY B 298 0.53 9.20 21.07
N ARG B 299 1.77 9.41 21.51
CA ARG B 299 2.45 10.68 21.34
C ARG B 299 2.61 11.14 19.91
N LEU B 300 3.04 10.25 19.02
CA LEU B 300 3.38 10.69 17.69
C LEU B 300 2.13 11.17 16.96
N ARG B 301 1.05 10.43 17.08
CA ARG B 301 -0.22 10.88 16.47
C ARG B 301 -0.62 12.26 16.97
N MET B 302 -0.50 12.46 18.29
CA MET B 302 -0.82 13.76 18.85
C MET B 302 0.09 14.85 18.29
N GLU B 303 1.40 14.59 18.21
CA GLU B 303 2.32 15.58 17.65
C GLU B 303 2.00 15.94 16.21
N ARG B 304 1.65 14.94 15.41
CA ARG B 304 1.27 15.16 14.03
CA ARG B 304 1.25 15.15 14.02
CA ARG B 304 1.25 15.18 14.02
C ARG B 304 0.05 16.09 13.93
N LEU B 305 -0.95 15.83 14.76
CA LEU B 305 -2.18 16.63 14.72
C LEU B 305 -1.98 18.03 15.33
N ILE B 306 -1.16 18.09 16.37
CA ILE B 306 -0.71 19.38 16.90
C ILE B 306 -0.10 20.21 15.79
N ASP B 307 0.73 19.59 14.94
CA ASP B 307 1.34 20.34 13.84
C ASP B 307 0.28 20.87 12.88
N LEU B 308 -0.71 20.06 12.59
CA LEU B 308 -1.79 20.51 11.72
C LEU B 308 -2.49 21.75 12.30
N VAL B 309 -2.68 21.79 13.60
CA VAL B 309 -3.32 22.95 14.23
C VAL B 309 -2.36 24.13 14.29
N PHE B 310 -1.11 23.87 14.70
CA PHE B 310 -0.12 24.92 14.86
C PHE B 310 0.16 25.66 13.56
N TYR B 311 0.30 24.88 12.47
CA TYR B 311 0.58 25.44 11.14
C TYR B 311 -0.68 25.82 10.38
N LYS B 312 -1.81 25.82 11.08
CA LYS B 312 -3.05 26.41 10.57
C LYS B 312 -3.64 25.64 9.38
N ARG B 313 -3.41 24.34 9.33
CA ARG B 313 -4.04 23.48 8.34
C ARG B 313 -5.49 23.24 8.69
N VAL B 314 -5.78 23.04 9.99
CA VAL B 314 -7.11 22.74 10.48
C VAL B 314 -7.33 23.58 11.75
N ASP B 315 -8.51 24.18 11.82
CA ASP B 315 -8.93 24.92 13.01
C ASP B 315 -10.07 24.18 13.66
N PRO B 316 -9.78 23.32 14.66
CA PRO B 316 -10.86 22.53 15.28
C PRO B 316 -11.76 23.31 16.26
N SER B 317 -11.46 24.59 16.46
CA SER B 317 -12.23 25.42 17.37
C SER B 317 -13.67 25.60 16.93
N LYS B 318 -13.94 25.42 15.64
CA LYS B 318 -15.27 25.54 15.08
C LYS B 318 -16.22 24.46 15.62
N LEU B 319 -15.64 23.37 16.15
CA LEU B 319 -16.46 22.30 16.73
C LEU B 319 -17.05 22.69 18.06
N VAL B 320 -16.40 23.62 18.74
CA VAL B 320 -16.72 23.93 20.11
C VAL B 320 -17.84 24.97 20.17
N THR B 321 -18.99 24.50 20.60
CA THR B 321 -20.18 25.38 20.64
C THR B 321 -20.55 25.87 22.01
N HIS B 322 -20.02 25.24 23.07
CA HIS B 322 -20.33 25.62 24.43
C HIS B 322 -19.03 25.53 25.21
N VAL B 323 -18.75 26.54 26.03
CA VAL B 323 -17.57 26.53 26.89
C VAL B 323 -18.04 26.83 28.33
N PHE B 324 -17.76 25.89 29.19
CA PHE B 324 -18.07 26.01 30.61
C PHE B 324 -16.78 26.03 31.39
N ARG B 325 -16.87 26.47 32.65
CA ARG B 325 -15.75 26.45 33.56
C ARG B 325 -16.06 25.65 34.81
N GLY B 326 -15.04 24.96 35.30
CA GLY B 326 -15.14 24.29 36.60
C GLY B 326 -15.65 22.86 36.58
N PHE B 327 -15.24 22.08 37.58
CA PHE B 327 -15.69 20.67 37.73
C PHE B 327 -17.20 20.48 37.81
N ASP B 328 -17.86 21.42 38.46
CA ASP B 328 -19.32 21.39 38.59
C ASP B 328 -20.05 21.33 37.25
N ASN B 329 -19.39 21.70 36.16
CA ASN B 329 -20.04 21.73 34.86
C ASN B 329 -19.70 20.53 33.99
N ILE B 330 -18.87 19.63 34.50
CA ILE B 330 -18.62 18.38 33.75
C ILE B 330 -19.93 17.60 33.54
N GLU B 331 -20.72 17.52 34.61
CA GLU B 331 -21.98 16.82 34.56
C GLU B 331 -22.94 17.48 33.59
N LYS B 332 -23.03 18.82 33.66
CA LYS B 332 -23.86 19.57 32.71
C LYS B 332 -23.45 19.30 31.27
N ALA B 333 -22.16 19.38 31.00
CA ALA B 333 -21.66 19.19 29.65
C ALA B 333 -21.96 17.75 29.15
N PHE B 334 -21.75 16.79 30.03
CA PHE B 334 -22.03 15.40 29.70
C PHE B 334 -23.52 15.17 29.32
N MET B 335 -24.42 15.74 30.11
CA MET B 335 -25.84 15.56 29.85
C MET B 335 -26.29 16.25 28.55
N LEU B 336 -25.57 17.28 28.10
CA LEU B 336 -25.83 17.86 26.76
C LEU B 336 -25.57 16.88 25.61
N MET B 337 -24.65 15.95 25.76
CA MET B 337 -24.41 14.94 24.74
C MET B 337 -25.49 13.88 24.75
N LYS B 338 -26.20 13.76 25.86
CA LYS B 338 -27.26 12.79 26.00
C LYS B 338 -28.49 13.37 25.30
N ASP B 339 -28.72 14.67 25.50
CA ASP B 339 -29.93 15.33 24.99
C ASP B 339 -29.52 16.50 24.10
N LYS B 340 -29.21 16.18 22.85
CA LYS B 340 -28.45 17.07 21.96
C LYS B 340 -29.29 18.26 21.47
N PRO B 341 -29.14 19.44 22.10
CA PRO B 341 -29.89 20.58 21.56
C PRO B 341 -29.36 20.95 20.17
N LYS B 342 -30.18 21.65 19.38
CA LYS B 342 -29.89 21.83 17.94
C LYS B 342 -28.64 22.69 17.63
N ASP B 343 -28.23 23.53 18.58
CA ASP B 343 -27.04 24.39 18.43
C ASP B 343 -25.69 23.70 18.80
N LEU B 344 -25.76 22.49 19.33
CA LEU B 344 -24.58 21.81 19.93
C LEU B 344 -23.78 21.07 18.88
N ILE B 345 -22.46 21.22 18.95
CA ILE B 345 -21.55 20.31 18.27
C ILE B 345 -20.72 19.60 19.35
N LYS B 346 -19.85 20.36 20.01
CA LYS B 346 -19.07 19.80 21.12
C LYS B 346 -18.93 20.81 22.30
N PRO B 347 -19.26 20.44 23.56
CA PRO B 347 -18.94 21.31 24.69
C PRO B 347 -17.54 21.03 25.24
N VAL B 348 -16.95 22.07 25.82
CA VAL B 348 -15.67 21.97 26.51
C VAL B 348 -15.83 22.56 27.89
N VAL B 349 -15.17 21.93 28.84
CA VAL B 349 -15.09 22.44 30.23
C VAL B 349 -13.63 22.77 30.55
N ILE B 350 -13.38 24.04 30.88
CA ILE B 350 -12.07 24.53 31.23
CA ILE B 350 -12.06 24.53 31.22
C ILE B 350 -11.95 24.55 32.75
N LEU B 351 -10.90 23.92 33.26
CA LEU B 351 -10.74 23.77 34.70
C LEU B 351 -9.71 24.75 35.21
N ALA B 352 -9.84 25.10 36.48
CA ALA B 352 -8.99 26.12 37.11
C ALA B 352 -7.51 25.75 37.11
N MET C 1 0.53 23.24 -42.45
CA MET C 1 0.33 24.11 -41.24
C MET C 1 1.70 24.50 -40.68
N LYS C 2 1.70 25.52 -39.85
CA LYS C 2 2.88 26.00 -39.19
C LYS C 2 2.99 25.42 -37.79
N GLY C 3 4.23 25.12 -37.40
CA GLY C 3 4.52 24.77 -36.01
C GLY C 3 5.89 25.21 -35.55
N PHE C 4 6.05 25.40 -34.24
CA PHE C 4 7.33 25.82 -33.66
C PHE C 4 8.04 24.58 -33.17
N ALA C 5 9.21 24.32 -33.72
CA ALA C 5 9.88 23.03 -33.61
C ALA C 5 11.31 23.06 -33.12
N MET C 6 11.71 21.94 -32.56
CA MET C 6 13.11 21.60 -32.41
C MET C 6 13.60 21.12 -33.76
N LEU C 7 14.50 21.88 -34.34
CA LEU C 7 15.07 21.53 -35.63
C LEU C 7 16.11 20.44 -35.44
N SER C 8 16.91 20.56 -34.38
CA SER C 8 17.92 19.61 -33.95
C SER C 8 18.41 20.12 -32.60
N ILE C 9 19.30 19.39 -31.93
CA ILE C 9 19.82 19.86 -30.63
C ILE C 9 20.42 21.28 -30.77
N GLY C 10 19.96 22.16 -29.89
CA GLY C 10 20.38 23.56 -29.84
C GLY C 10 19.70 24.51 -30.80
N LYS C 11 18.75 24.03 -31.60
CA LYS C 11 18.18 24.86 -32.67
C LYS C 11 16.65 24.74 -32.71
N VAL C 12 15.98 25.89 -32.72
CA VAL C 12 14.52 25.92 -32.82
C VAL C 12 14.12 26.88 -33.93
N GLY C 13 12.90 26.69 -34.43
CA GLY C 13 12.36 27.58 -35.46
C GLY C 13 11.01 27.12 -35.93
N TRP C 14 10.34 28.00 -36.66
CA TRP C 14 9.06 27.69 -37.25
C TRP C 14 9.29 26.89 -38.51
N ILE C 15 8.47 25.86 -38.67
CA ILE C 15 8.49 24.96 -39.83
C ILE C 15 7.08 24.72 -40.35
N GLU C 16 7.00 24.17 -41.56
CA GLU C 16 5.73 23.74 -42.16
C GLU C 16 5.64 22.24 -42.01
N LYS C 17 4.47 21.77 -41.57
CA LYS C 17 4.19 20.33 -41.45
C LYS C 17 2.81 20.09 -42.05
N GLU C 18 2.57 18.88 -42.52
CA GLU C 18 1.24 18.45 -42.88
C GLU C 18 0.28 18.53 -41.68
N LYS C 19 -0.94 19.02 -41.90
CA LYS C 19 -1.98 18.97 -40.87
C LYS C 19 -2.29 17.51 -40.60
N PRO C 20 -2.23 17.10 -39.34
CA PRO C 20 -2.49 15.69 -39.05
C PRO C 20 -3.96 15.30 -39.28
N ALA C 21 -4.15 14.02 -39.59
CA ALA C 21 -5.49 13.43 -39.75
C ALA C 21 -5.72 12.40 -38.66
N PRO C 22 -6.96 12.27 -38.20
CA PRO C 22 -7.21 11.33 -37.12
C PRO C 22 -7.53 9.92 -37.61
N GLY C 23 -7.09 8.93 -36.85
CA GLY C 23 -7.62 7.58 -36.97
C GLY C 23 -9.02 7.51 -36.39
N PRO C 24 -9.63 6.32 -36.43
CA PRO C 24 -10.99 6.16 -35.93
C PRO C 24 -11.20 6.60 -34.47
N PHE C 25 -10.16 6.49 -33.64
CA PHE C 25 -10.28 6.79 -32.20
C PHE C 25 -9.69 8.12 -31.79
N ASP C 26 -9.21 8.90 -32.76
CA ASP C 26 -8.42 10.07 -32.45
C ASP C 26 -9.20 11.36 -32.68
N ALA C 27 -8.61 12.45 -32.21
CA ALA C 27 -9.13 13.81 -32.46
C ALA C 27 -8.00 14.69 -32.96
N ILE C 28 -8.38 15.64 -33.79
CA ILE C 28 -7.54 16.77 -34.15
C ILE C 28 -8.07 17.95 -33.38
N VAL C 29 -7.13 18.69 -32.78
CA VAL C 29 -7.47 19.76 -31.86
C VAL C 29 -6.72 21.01 -32.27
N ARG C 30 -7.36 22.17 -32.16
CA ARG C 30 -6.63 23.41 -32.33
C ARG C 30 -6.41 24.06 -30.98
N PRO C 31 -5.19 24.54 -30.74
CA PRO C 31 -4.93 25.11 -29.43
C PRO C 31 -5.67 26.43 -29.20
N LEU C 32 -6.24 26.61 -28.02
CA LEU C 32 -6.82 27.86 -27.53
C LEU C 32 -5.89 28.60 -26.56
N ALA C 33 -5.12 27.85 -25.79
CA ALA C 33 -4.09 28.42 -24.93
C ALA C 33 -3.01 27.37 -24.77
N VAL C 34 -1.75 27.81 -24.75
CA VAL C 34 -0.63 26.90 -24.56
C VAL C 34 0.39 27.51 -23.60
N ALA C 35 1.30 26.68 -23.10
CA ALA C 35 2.38 27.16 -22.25
C ALA C 35 3.62 26.38 -22.60
N PRO C 36 4.79 27.00 -22.47
CA PRO C 36 6.05 26.33 -22.59
C PRO C 36 6.52 25.75 -21.25
N CYS C 37 7.43 24.79 -21.36
CA CYS C 37 7.90 24.04 -20.21
C CYS C 37 9.41 23.96 -20.18
N THR C 38 9.98 24.01 -18.99
CA THR C 38 11.40 23.80 -18.75
C THR C 38 11.87 22.48 -19.40
N SER C 39 10.99 21.48 -19.46
CA SER C 39 11.36 20.20 -20.06
C SER C 39 11.81 20.34 -21.49
N ASP C 40 11.13 21.20 -22.26
CA ASP C 40 11.55 21.41 -23.64
C ASP C 40 12.92 22.09 -23.76
N ILE C 41 13.28 22.86 -22.75
CA ILE C 41 14.62 23.45 -22.71
C ILE C 41 15.64 22.36 -22.51
N HIS C 42 15.40 21.42 -21.58
CA HIS C 42 16.31 20.27 -21.44
C HIS C 42 16.45 19.49 -22.76
N THR C 43 15.30 19.18 -23.38
CA THR C 43 15.28 18.39 -24.63
C THR C 43 16.01 19.08 -25.76
N VAL C 44 15.74 20.36 -25.96
CA VAL C 44 16.33 21.09 -27.06
C VAL C 44 17.79 21.42 -26.81
N PHE C 45 18.09 22.03 -25.68
CA PHE C 45 19.44 22.63 -25.49
C PHE C 45 20.46 21.73 -24.84
N GLU C 46 20.00 20.80 -24.00
CA GLU C 46 20.91 19.85 -23.35
C GLU C 46 20.94 18.53 -24.07
N GLY C 47 20.05 18.31 -25.03
CA GLY C 47 19.94 17.00 -25.68
C GLY C 47 19.68 15.89 -24.67
N ALA C 48 18.87 16.22 -23.67
CA ALA C 48 18.68 15.35 -22.52
C ALA C 48 18.11 13.98 -22.84
N ILE C 49 17.36 13.86 -23.95
CA ILE C 49 16.68 12.61 -24.33
C ILE C 49 16.99 12.28 -25.79
N GLY C 50 18.12 12.82 -26.23
CA GLY C 50 18.65 12.56 -27.57
C GLY C 50 18.25 13.49 -28.67
N GLU C 51 18.80 13.22 -29.85
CA GLU C 51 18.56 14.04 -31.02
C GLU C 51 17.11 13.95 -31.48
N ARG C 52 16.63 15.05 -32.07
CA ARG C 52 15.33 15.06 -32.75
C ARG C 52 15.49 15.87 -34.03
N HIS C 53 14.55 15.69 -34.96
CA HIS C 53 14.57 16.39 -36.23
C HIS C 53 13.17 16.90 -36.53
N ASN C 54 13.02 18.22 -36.57
CA ASN C 54 11.76 18.88 -36.91
C ASN C 54 10.56 18.38 -36.10
N MET C 55 10.75 18.35 -34.79
CA MET C 55 9.71 17.93 -33.87
C MET C 55 9.03 19.18 -33.28
N ILE C 56 7.75 19.33 -33.54
CA ILE C 56 6.99 20.44 -32.97
C ILE C 56 7.00 20.32 -31.45
N LEU C 57 7.24 21.44 -30.80
CA LEU C 57 7.40 21.49 -29.36
C LEU C 57 6.08 21.74 -28.64
N GLY C 58 6.12 21.69 -27.32
CA GLY C 58 4.96 22.02 -26.51
C GLY C 58 4.14 20.82 -26.12
N HIS C 59 3.73 20.78 -24.85
CA HIS C 59 2.86 19.69 -24.40
C HIS C 59 1.81 20.10 -23.40
N GLU C 60 1.53 21.41 -23.34
CA GLU C 60 0.55 21.98 -22.42
C GLU C 60 -0.44 22.83 -23.19
N ALA C 61 -1.64 22.30 -23.39
CA ALA C 61 -2.67 22.96 -24.16
C ALA C 61 -4.08 22.73 -23.61
N VAL C 62 -4.88 23.79 -23.77
CA VAL C 62 -6.33 23.71 -23.79
C VAL C 62 -6.69 23.95 -25.21
N GLY C 63 -7.66 23.20 -25.73
CA GLY C 63 -7.97 23.25 -27.15
C GLY C 63 -9.44 23.15 -27.50
N GLU C 64 -9.72 23.37 -28.78
CA GLU C 64 -11.00 23.11 -29.36
C GLU C 64 -10.88 21.90 -30.29
N VAL C 65 -11.69 20.88 -30.04
CA VAL C 65 -11.76 19.74 -30.96
C VAL C 65 -12.26 20.26 -32.32
N VAL C 66 -11.57 19.90 -33.40
CA VAL C 66 -11.99 20.28 -34.72
C VAL C 66 -12.43 19.10 -35.61
N GLU C 67 -11.94 17.90 -35.28
CA GLU C 67 -12.28 16.70 -36.04
C GLU C 67 -12.16 15.49 -35.14
N VAL C 68 -13.05 14.53 -35.30
CA VAL C 68 -12.94 13.29 -34.54
C VAL C 68 -13.07 12.11 -35.49
N GLY C 69 -12.46 10.98 -35.13
CA GLY C 69 -12.58 9.79 -35.93
C GLY C 69 -13.93 9.13 -35.71
N SER C 70 -14.25 8.15 -36.55
CA SER C 70 -15.56 7.58 -36.57
C SER C 70 -16.00 6.81 -35.32
N GLU C 71 -15.04 6.41 -34.48
CA GLU C 71 -15.32 5.65 -33.24
C GLU C 71 -15.26 6.47 -31.96
N VAL C 72 -15.04 7.77 -32.08
CA VAL C 72 -15.06 8.66 -30.94
C VAL C 72 -16.49 8.94 -30.53
N LYS C 73 -16.80 8.69 -29.24
CA LYS C 73 -18.17 8.81 -28.71
C LYS C 73 -18.44 10.04 -27.84
N ASP C 74 -17.43 10.53 -27.12
CA ASP C 74 -17.67 11.50 -26.05
C ASP C 74 -17.25 12.93 -26.38
N PHE C 75 -16.62 13.12 -27.54
CA PHE C 75 -16.12 14.43 -27.99
C PHE C 75 -16.55 14.68 -29.42
N LYS C 76 -16.77 15.94 -29.75
CA LYS C 76 -17.25 16.35 -31.06
C LYS C 76 -16.62 17.69 -31.40
N PRO C 77 -16.57 18.03 -32.69
CA PRO C 77 -16.06 19.33 -33.08
C PRO C 77 -16.78 20.46 -32.33
N GLY C 78 -15.99 21.39 -31.83
CA GLY C 78 -16.45 22.50 -31.03
C GLY C 78 -16.21 22.37 -29.56
N ASP C 79 -15.99 21.15 -29.10
CA ASP C 79 -15.82 20.93 -27.68
C ASP C 79 -14.50 21.53 -27.21
N ARG C 80 -14.55 22.25 -26.08
CA ARG C 80 -13.35 22.76 -25.43
CA ARG C 80 -13.37 22.77 -25.41
C ARG C 80 -12.85 21.72 -24.44
N VAL C 81 -11.55 21.43 -24.52
CA VAL C 81 -10.97 20.31 -23.82
C VAL C 81 -9.64 20.66 -23.20
N VAL C 82 -9.37 20.04 -22.07
CA VAL C 82 -8.05 20.03 -21.45
C VAL C 82 -7.34 18.80 -22.00
N VAL C 83 -6.15 19.00 -22.57
CA VAL C 83 -5.37 17.94 -23.17
C VAL C 83 -4.25 17.59 -22.18
N PRO C 84 -4.20 16.35 -21.65
CA PRO C 84 -3.08 16.00 -20.78
C PRO C 84 -1.76 15.99 -21.52
N ALA C 85 -0.66 16.33 -20.86
CA ALA C 85 0.66 16.21 -21.47
C ALA C 85 0.97 14.73 -21.79
N ILE C 86 0.49 13.81 -20.95
CA ILE C 86 0.64 12.38 -21.14
C ILE C 86 -0.66 11.82 -21.69
N THR C 87 -0.55 11.23 -22.90
CA THR C 87 -1.68 10.69 -23.65
C THR C 87 -1.33 9.24 -24.07
N PRO C 88 -1.47 8.30 -23.14
CA PRO C 88 -1.04 6.95 -23.36
C PRO C 88 -1.75 6.21 -24.48
N ASP C 89 -1.08 5.18 -25.01
CA ASP C 89 -1.78 4.10 -25.70
CA ASP C 89 -1.73 4.05 -25.67
C ASP C 89 -2.30 3.19 -24.56
N TRP C 90 -3.62 3.10 -24.42
CA TRP C 90 -4.21 2.46 -23.27
C TRP C 90 -4.21 0.95 -23.40
N ARG C 91 -3.99 0.43 -24.59
CA ARG C 91 -4.04 -1.00 -24.83
C ARG C 91 -2.62 -1.59 -24.92
N THR C 92 -1.97 -1.57 -23.77
CA THR C 92 -0.61 -2.08 -23.62
C THR C 92 -0.44 -2.86 -22.33
N SER C 93 0.62 -3.65 -22.28
CA SER C 93 0.98 -4.40 -21.08
C SER C 93 1.29 -3.49 -19.91
N GLU C 94 1.91 -2.33 -20.17
CA GLU C 94 2.23 -1.43 -19.06
C GLU C 94 0.98 -0.89 -18.37
N VAL C 95 -0.07 -0.64 -19.15
CA VAL C 95 -1.36 -0.29 -18.56
C VAL C 95 -1.90 -1.41 -17.67
N GLN C 96 -1.81 -2.67 -18.12
CA GLN C 96 -2.27 -3.80 -17.31
C GLN C 96 -1.50 -3.93 -16.00
N ARG C 97 -0.25 -3.47 -16.01
CA ARG C 97 0.69 -3.50 -14.84
C ARG C 97 0.56 -2.22 -13.99
N GLY C 98 -0.32 -1.30 -14.36
CA GLY C 98 -0.58 -0.10 -13.58
C GLY C 98 0.29 1.12 -13.78
N TYR C 99 0.99 1.17 -14.92
CA TYR C 99 1.90 2.26 -15.28
C TYR C 99 1.62 2.78 -16.68
N HIS C 100 0.51 3.50 -16.82
CA HIS C 100 0.17 4.07 -18.11
C HIS C 100 1.19 5.05 -18.66
N GLN C 101 1.95 5.67 -17.77
CA GLN C 101 2.99 6.62 -18.19
C GLN C 101 4.05 6.01 -19.11
N HIS C 102 4.19 4.69 -19.01
CA HIS C 102 5.23 3.95 -19.71
C HIS C 102 4.61 2.99 -20.71
N SER C 103 3.41 3.33 -21.17
N SER C 103 3.41 3.36 -21.20
CA SER C 103 2.75 2.49 -22.14
CA SER C 103 2.67 2.62 -22.24
C SER C 103 3.51 2.50 -23.45
C SER C 103 3.50 2.52 -23.52
N GLY C 104 3.98 1.32 -23.85
CA GLY C 104 4.81 1.12 -25.02
C GLY C 104 6.29 1.38 -24.82
N GLY C 105 6.66 1.62 -23.57
CA GLY C 105 8.07 1.79 -23.21
C GLY C 105 8.28 2.95 -22.24
N MET C 106 9.47 3.03 -21.66
CA MET C 106 9.76 4.04 -20.65
C MET C 106 9.53 5.42 -21.23
N LEU C 107 8.69 6.17 -20.54
CA LEU C 107 8.28 7.54 -20.85
C LEU C 107 7.33 7.65 -22.05
N ALA C 108 6.94 6.53 -22.63
CA ALA C 108 6.27 6.59 -23.91
C ALA C 108 4.81 7.06 -23.83
N GLY C 109 4.24 7.17 -22.65
CA GLY C 109 2.97 7.82 -22.48
C GLY C 109 3.03 9.31 -22.67
N TRP C 110 4.22 9.86 -22.47
CA TRP C 110 4.46 11.25 -22.79
C TRP C 110 4.84 11.33 -24.25
N LYS C 111 3.89 11.71 -25.09
CA LYS C 111 4.11 11.72 -26.56
C LYS C 111 4.50 13.08 -27.03
N PHE C 112 3.65 14.06 -26.80
CA PHE C 112 3.88 15.45 -27.26
C PHE C 112 5.25 15.98 -26.81
N SER C 113 6.06 16.35 -27.79
CA SER C 113 7.40 16.92 -27.62
C SER C 113 8.40 15.96 -26.99
N ASN C 114 8.06 14.66 -27.00
CA ASN C 114 9.01 13.58 -26.72
C ASN C 114 9.12 12.73 -28.00
N VAL C 115 8.05 11.99 -28.35
CA VAL C 115 8.04 11.10 -29.51
C VAL C 115 6.96 11.42 -30.55
N LYS C 116 6.41 12.63 -30.45
CA LYS C 116 5.31 13.08 -31.29
C LYS C 116 5.33 14.59 -31.40
N ASP C 117 4.90 15.12 -32.54
CA ASP C 117 4.72 16.56 -32.68
C ASP C 117 3.78 17.08 -31.59
N GLY C 118 4.22 18.14 -30.94
CA GLY C 118 3.49 18.74 -29.84
C GLY C 118 2.47 19.77 -30.23
N VAL C 119 2.11 20.59 -29.25
CA VAL C 119 0.94 21.43 -29.33
C VAL C 119 1.18 22.84 -29.89
N PHE C 120 2.44 23.20 -30.11
CA PHE C 120 2.80 24.54 -30.66
C PHE C 120 2.65 24.57 -32.18
N GLY C 121 1.47 24.15 -32.64
CA GLY C 121 1.14 24.18 -34.05
C GLY C 121 -0.29 24.63 -34.27
N GLU C 122 -0.66 24.87 -35.53
CA GLU C 122 -2.02 25.36 -35.76
C GLU C 122 -3.05 24.30 -35.35
N PHE C 123 -2.66 23.03 -35.44
CA PHE C 123 -3.43 21.86 -35.01
C PHE C 123 -2.46 20.84 -34.43
N PHE C 124 -3.02 19.92 -33.65
CA PHE C 124 -2.27 18.76 -33.19
C PHE C 124 -3.19 17.58 -33.08
N HIS C 125 -2.59 16.41 -32.92
CA HIS C 125 -3.26 15.14 -32.92
C HIS C 125 -3.29 14.57 -31.51
N VAL C 126 -4.46 14.17 -31.07
CA VAL C 126 -4.64 13.43 -29.81
C VAL C 126 -5.05 12.00 -30.08
N ASN C 127 -4.19 11.05 -29.71
CA ASN C 127 -4.55 9.66 -29.79
C ASN C 127 -5.61 9.28 -28.76
N ASP C 128 -6.61 8.52 -29.18
CA ASP C 128 -7.64 8.01 -28.29
C ASP C 128 -8.35 9.11 -27.50
N ALA C 129 -9.13 9.89 -28.22
CA ALA C 129 -9.83 11.02 -27.66
C ALA C 129 -10.65 10.67 -26.42
N ASP C 130 -11.42 9.60 -26.51
CA ASP C 130 -12.30 9.27 -25.39
C ASP C 130 -11.54 8.91 -24.10
N MET C 131 -10.33 8.38 -24.24
CA MET C 131 -9.50 8.05 -23.10
C MET C 131 -8.55 9.16 -22.66
N ASN C 132 -8.28 10.13 -23.52
CA ASN C 132 -7.20 11.09 -23.32
C ASN C 132 -7.58 12.55 -23.46
N LEU C 133 -8.86 12.89 -23.48
CA LEU C 133 -9.32 14.28 -23.40
C LEU C 133 -10.30 14.43 -22.25
N ALA C 134 -10.34 15.65 -21.68
CA ALA C 134 -11.36 15.96 -20.68
C ALA C 134 -12.08 17.22 -21.08
N HIS C 135 -13.39 17.25 -20.87
CA HIS C 135 -14.14 18.47 -21.13
C HIS C 135 -13.75 19.59 -20.17
N LEU C 136 -13.61 20.80 -20.69
CA LEU C 136 -13.29 21.97 -19.86
C LEU C 136 -14.57 22.67 -19.42
N PRO C 137 -14.83 22.68 -18.11
CA PRO C 137 -15.97 23.45 -17.62
C PRO C 137 -15.81 24.93 -17.97
N LYS C 138 -16.90 25.57 -18.33
CA LYS C 138 -16.87 26.99 -18.71
C LYS C 138 -16.43 27.90 -17.57
N GLU C 139 -16.57 27.42 -16.34
CA GLU C 139 -16.23 28.18 -15.15
C GLU C 139 -14.73 28.27 -14.88
N ILE C 140 -13.92 27.51 -15.60
CA ILE C 140 -12.46 27.55 -15.39
C ILE C 140 -11.82 28.34 -16.56
N PRO C 141 -11.15 29.45 -16.26
CA PRO C 141 -10.57 30.21 -17.38
C PRO C 141 -9.38 29.54 -18.03
N LEU C 142 -9.11 29.95 -19.26
CA LEU C 142 -8.07 29.31 -20.06
C LEU C 142 -6.75 29.28 -19.34
N GLU C 143 -6.37 30.38 -18.70
CA GLU C 143 -5.03 30.49 -18.08
C GLU C 143 -4.83 29.49 -16.97
N ALA C 144 -5.85 29.32 -16.15
CA ALA C 144 -5.82 28.35 -15.09
C ALA C 144 -5.84 26.95 -15.66
N ALA C 145 -6.66 26.74 -16.68
CA ALA C 145 -6.86 25.42 -17.24
C ALA C 145 -5.57 24.87 -17.84
N VAL C 146 -4.75 25.75 -18.42
CA VAL C 146 -3.53 25.30 -19.06
C VAL C 146 -2.45 24.87 -18.08
N MET C 147 -2.67 25.14 -16.79
CA MET C 147 -1.80 24.60 -15.74
C MET C 147 -2.11 23.15 -15.36
N ILE C 148 -3.23 22.61 -15.83
CA ILE C 148 -3.68 21.27 -15.45
C ILE C 148 -2.90 20.15 -16.18
N PRO C 149 -2.67 20.30 -17.49
CA PRO C 149 -2.02 19.19 -18.23
C PRO C 149 -0.69 18.68 -17.77
N ASP C 150 0.07 19.53 -17.11
CA ASP C 150 1.46 19.18 -16.73
C ASP C 150 1.81 19.73 -15.35
N MET C 151 1.64 21.03 -15.13
CA MET C 151 2.15 21.58 -13.87
C MET C 151 1.42 20.94 -12.65
N MET C 152 0.10 20.91 -12.68
N MET C 152 0.09 20.93 -12.65
CA MET C 152 -0.63 20.36 -11.57
CA MET C 152 -0.64 20.35 -11.51
C MET C 152 -0.38 18.86 -11.44
C MET C 152 -0.42 18.84 -11.42
N THR C 153 -0.53 18.12 -12.53
CA THR C 153 -0.38 16.68 -12.46
C THR C 153 1.03 16.29 -12.02
N THR C 154 2.05 16.99 -12.53
CA THR C 154 3.43 16.69 -12.15
C THR C 154 3.72 17.06 -10.70
N GLY C 155 3.40 18.30 -10.33
CA GLY C 155 3.68 18.70 -8.98
C GLY C 155 2.97 17.83 -7.96
N PHE C 156 1.70 17.55 -8.21
CA PHE C 156 0.95 16.64 -7.33
CA PHE C 156 0.95 16.69 -7.30
C PHE C 156 1.54 15.25 -7.30
N HIS C 157 2.05 14.78 -8.43
CA HIS C 157 2.67 13.48 -8.45
C HIS C 157 3.92 13.41 -7.60
N GLY C 158 4.63 14.51 -7.47
CA GLY C 158 5.78 14.54 -6.59
C GLY C 158 5.36 14.28 -5.16
N ALA C 159 4.28 14.94 -4.77
CA ALA C 159 3.74 14.76 -3.43
C ALA C 159 3.21 13.34 -3.24
N GLU C 160 2.58 12.78 -4.26
CA GLU C 160 2.11 11.39 -4.23
C GLU C 160 3.25 10.40 -4.07
N LEU C 161 4.30 10.59 -4.84
CA LEU C 161 5.48 9.71 -4.80
C LEU C 161 6.21 9.82 -3.47
N ALA C 162 6.11 10.98 -2.82
CA ALA C 162 6.69 11.22 -1.51
C ALA C 162 5.94 10.54 -0.36
N ASN C 163 4.81 9.88 -0.64
CA ASN C 163 4.14 9.05 0.34
C ASN C 163 3.83 9.82 1.63
N ILE C 164 3.26 11.00 1.44
CA ILE C 164 3.00 11.88 2.57
C ILE C 164 1.88 11.34 3.44
N LYS C 165 2.08 11.39 4.75
CA LYS C 165 1.10 10.94 5.74
C LYS C 165 0.69 12.18 6.57
N LEU C 166 -0.49 12.14 7.17
N LEU C 166 -0.41 12.04 7.26
CA LEU C 166 -1.05 13.29 7.90
CA LEU C 166 -0.98 13.11 8.02
C LEU C 166 -0.09 13.77 8.99
C LEU C 166 0.02 13.73 9.01
N GLY C 167 0.24 15.05 8.90
CA GLY C 167 1.07 15.74 9.83
C GLY C 167 2.56 15.67 9.51
N ASP C 168 2.94 14.95 8.47
CA ASP C 168 4.35 14.84 8.12
C ASP C 168 4.97 16.20 7.85
N THR C 169 6.22 16.34 8.24
CA THR C 169 7.04 17.48 7.86
C THR C 169 7.65 17.14 6.51
N VAL C 170 7.45 18.03 5.54
CA VAL C 170 7.84 17.82 4.14
C VAL C 170 8.78 18.92 3.70
N CYS C 171 9.78 18.57 2.90
CA CYS C 171 10.59 19.54 2.19
C CYS C 171 10.37 19.37 0.70
N VAL C 172 10.01 20.45 0.01
CA VAL C 172 9.95 20.52 -1.46
C VAL C 172 11.18 21.27 -1.93
N ILE C 173 12.03 20.58 -2.69
CA ILE C 173 13.24 21.17 -3.22
C ILE C 173 12.98 21.62 -4.64
N GLY C 174 12.96 22.94 -4.85
CA GLY C 174 12.65 23.54 -6.14
C GLY C 174 11.23 24.09 -6.11
N ILE C 175 11.08 25.38 -6.37
CA ILE C 175 9.77 25.99 -6.41
C ILE C 175 9.57 26.85 -7.66
N GLY C 176 9.93 26.26 -8.79
CA GLY C 176 9.31 26.68 -10.06
C GLY C 176 7.86 26.21 -10.04
N PRO C 177 7.16 26.30 -11.17
CA PRO C 177 5.75 25.99 -11.20
C PRO C 177 5.47 24.57 -10.75
N VAL C 178 6.31 23.59 -11.12
CA VAL C 178 6.05 22.22 -10.66
C VAL C 178 6.16 22.13 -9.13
N GLY C 179 7.24 22.69 -8.59
CA GLY C 179 7.45 22.67 -7.15
C GLY C 179 6.39 23.39 -6.34
N LEU C 180 5.88 24.49 -6.91
CA LEU C 180 4.78 25.19 -6.27
C LEU C 180 3.55 24.26 -6.19
N MET C 181 3.31 23.51 -7.26
CA MET C 181 2.23 22.54 -7.24
C MET C 181 2.55 21.38 -6.31
N SER C 182 3.84 21.06 -6.09
CA SER C 182 4.19 20.05 -5.07
C SER C 182 3.90 20.54 -3.66
N VAL C 183 4.14 21.82 -3.44
CA VAL C 183 3.76 22.44 -2.17
C VAL C 183 2.26 22.34 -1.94
N ALA C 184 1.50 22.77 -2.96
CA ALA C 184 0.06 22.68 -2.88
C ALA C 184 -0.38 21.24 -2.72
N GLY C 185 0.28 20.31 -3.41
CA GLY C 185 -0.04 18.90 -3.30
C GLY C 185 0.24 18.34 -1.92
N ALA C 186 1.38 18.68 -1.35
CA ALA C 186 1.71 18.25 -0.01
C ALA C 186 0.66 18.74 0.99
N ASN C 187 0.23 19.98 0.80
CA ASN C 187 -0.79 20.58 1.64
C ASN C 187 -2.09 19.80 1.53
N HIS C 188 -2.40 19.39 0.31
N HIS C 188 -2.42 19.29 0.34
CA HIS C 188 -3.61 18.65 0.05
CA HIS C 188 -3.65 18.48 0.08
C HIS C 188 -3.56 17.20 0.49
C HIS C 188 -3.46 16.96 0.13
N LEU C 189 -2.36 16.62 0.74
CA LEU C 189 -2.15 15.25 1.15
C LEU C 189 -1.86 15.16 2.65
N GLY C 190 -2.08 16.24 3.38
CA GLY C 190 -2.08 16.23 4.82
C GLY C 190 -0.81 16.66 5.51
N ALA C 191 0.10 17.30 4.79
CA ALA C 191 1.36 17.70 5.44
C ALA C 191 1.10 18.68 6.58
N GLY C 192 1.99 18.67 7.56
CA GLY C 192 2.04 19.68 8.61
C GLY C 192 2.98 20.79 8.16
N ARG C 193 4.18 20.81 8.71
CA ARG C 193 5.16 21.79 8.33
C ARG C 193 5.65 21.49 6.92
N ILE C 194 5.75 22.53 6.10
CA ILE C 194 6.29 22.42 4.73
C ILE C 194 7.42 23.40 4.51
N PHE C 195 8.62 22.88 4.28
CA PHE C 195 9.75 23.66 3.81
C PHE C 195 9.76 23.73 2.31
N ALA C 196 10.03 24.91 1.76
CA ALA C 196 10.22 25.10 0.34
C ALA C 196 11.62 25.69 0.11
N VAL C 197 12.40 25.02 -0.71
CA VAL C 197 13.75 25.44 -1.00
C VAL C 197 13.73 26.16 -2.33
N GLY C 198 14.06 27.45 -2.26
CA GLY C 198 14.04 28.33 -3.40
C GLY C 198 14.63 29.65 -2.99
N SER C 199 14.99 30.46 -3.99
CA SER C 199 15.59 31.77 -3.69
C SER C 199 15.00 32.94 -4.44
N ARG C 200 14.26 32.70 -5.54
CA ARG C 200 13.59 33.78 -6.28
C ARG C 200 12.40 34.27 -5.49
N LYS C 201 12.42 35.54 -5.13
CA LYS C 201 11.45 36.13 -4.22
C LYS C 201 9.99 35.84 -4.57
N HIS C 202 9.61 36.04 -5.83
CA HIS C 202 8.22 35.87 -6.19
C HIS C 202 7.80 34.42 -6.03
N CYS C 203 8.66 33.48 -6.44
CA CYS C 203 8.36 32.05 -6.23
C CYS C 203 8.23 31.71 -4.75
N CYS C 204 9.10 32.26 -3.92
CA CYS C 204 8.99 32.05 -2.47
C CYS C 204 7.68 32.61 -1.89
N ASP C 205 7.30 33.81 -2.32
CA ASP C 205 6.02 34.39 -1.88
C ASP C 205 4.82 33.51 -2.27
N ILE C 206 4.82 33.03 -3.51
CA ILE C 206 3.73 32.17 -3.96
C ILE C 206 3.79 30.84 -3.22
N ALA C 207 5.00 30.35 -2.90
CA ALA C 207 5.09 29.11 -2.14
C ALA C 207 4.35 29.24 -0.80
N LEU C 208 4.51 30.38 -0.12
CA LEU C 208 3.77 30.63 1.13
C LEU C 208 2.27 30.61 0.90
N GLU C 209 1.83 31.21 -0.19
CA GLU C 209 0.41 31.22 -0.52
C GLU C 209 -0.16 29.83 -0.75
N TYR C 210 0.66 28.91 -1.26
CA TYR C 210 0.20 27.55 -1.50
C TYR C 210 0.38 26.61 -0.29
N GLY C 211 0.93 27.12 0.79
CA GLY C 211 1.00 26.37 2.03
C GLY C 211 2.37 26.15 2.64
N ALA C 212 3.44 26.60 2.00
CA ALA C 212 4.77 26.48 2.62
C ALA C 212 4.75 27.28 3.92
N THR C 213 5.35 26.73 4.97
CA THR C 213 5.52 27.40 6.26
C THR C 213 6.89 28.04 6.43
N ASP C 214 7.89 27.53 5.69
CA ASP C 214 9.28 27.92 5.83
C ASP C 214 9.94 27.95 4.46
N ILE C 215 10.64 29.04 4.17
CA ILE C 215 11.42 29.18 2.96
C ILE C 215 12.86 29.01 3.30
N ILE C 216 13.53 28.17 2.52
CA ILE C 216 14.94 27.87 2.72
C ILE C 216 15.72 28.32 1.50
N ASN C 217 16.51 29.36 1.70
CA ASN C 217 17.24 30.02 0.62
C ASN C 217 18.72 29.68 0.77
N TYR C 218 19.31 29.08 -0.28
CA TYR C 218 20.70 28.61 -0.24
C TYR C 218 21.71 29.74 0.01
N LYS C 219 21.28 30.99 -0.17
CA LYS C 219 22.20 32.11 0.06
C LYS C 219 22.48 32.30 1.55
N ASN C 220 21.64 31.70 2.40
CA ASN C 220 21.82 31.73 3.84
C ASN C 220 22.61 30.55 4.37
N GLY C 221 23.10 29.73 3.48
CA GLY C 221 23.87 28.59 3.87
C GLY C 221 23.39 27.23 3.34
N ASP C 222 24.19 26.22 3.57
CA ASP C 222 23.91 24.86 3.15
C ASP C 222 22.47 24.49 3.50
N ILE C 223 21.68 24.14 2.49
CA ILE C 223 20.27 23.98 2.74
C ILE C 223 20.00 22.79 3.62
N VAL C 224 20.84 21.79 3.56
CA VAL C 224 20.71 20.62 4.42
C VAL C 224 20.87 21.03 5.89
N GLU C 225 21.92 21.79 6.18
CA GLU C 225 22.13 22.24 7.54
C GLU C 225 21.00 23.19 8.03
N GLN C 226 20.47 24.01 7.12
CA GLN C 226 19.34 24.86 7.48
C GLN C 226 18.13 24.02 7.90
N ILE C 227 17.89 22.95 7.15
CA ILE C 227 16.78 22.05 7.48
C ILE C 227 17.02 21.27 8.75
N LEU C 228 18.25 20.80 8.96
CA LEU C 228 18.58 20.09 10.20
C LEU C 228 18.44 21.02 11.41
N LYS C 229 18.89 22.26 11.27
CA LYS C 229 18.69 23.25 12.36
C LYS C 229 17.24 23.48 12.68
N ALA C 230 16.41 23.57 11.65
CA ALA C 230 14.99 23.89 11.83
C ALA C 230 14.20 22.72 12.42
N THR C 231 14.69 21.49 12.25
CA THR C 231 14.04 20.25 12.67
C THR C 231 14.69 19.63 13.91
N ASP C 232 15.46 20.46 14.61
CA ASP C 232 16.13 20.06 15.84
C ASP C 232 17.00 18.83 15.62
N GLY C 233 17.59 18.74 14.43
CA GLY C 233 18.45 17.65 14.06
C GLY C 233 17.72 16.41 13.60
N LYS C 234 16.39 16.44 13.63
CA LYS C 234 15.57 15.24 13.30
C LYS C 234 15.45 14.97 11.81
N GLY C 235 15.60 16.00 10.98
CA GLY C 235 15.33 15.83 9.56
C GLY C 235 13.84 15.96 9.29
N VAL C 236 13.50 15.94 8.01
CA VAL C 236 12.13 15.95 7.59
C VAL C 236 11.67 14.52 7.37
N ASP C 237 10.35 14.33 7.38
CA ASP C 237 9.75 13.02 7.14
C ASP C 237 9.79 12.60 5.69
N LYS C 238 9.55 13.55 4.79
CA LYS C 238 9.38 13.25 3.37
C LYS C 238 9.93 14.40 2.54
N VAL C 239 10.46 14.07 1.36
CA VAL C 239 11.03 15.07 0.46
C VAL C 239 10.43 14.93 -0.93
N VAL C 240 10.07 16.06 -1.55
CA VAL C 240 9.73 16.13 -2.96
C VAL C 240 10.88 16.83 -3.67
N ILE C 241 11.39 16.25 -4.76
CA ILE C 241 12.36 16.91 -5.61
C ILE C 241 11.64 17.39 -6.87
N ALA C 242 11.59 18.70 -7.04
CA ALA C 242 10.90 19.31 -8.16
C ALA C 242 11.79 20.29 -8.91
N GLY C 243 13.11 20.21 -8.73
CA GLY C 243 14.06 21.10 -9.37
C GLY C 243 15.46 20.65 -8.98
N GLY C 244 16.44 21.42 -9.39
CA GLY C 244 17.82 21.09 -9.13
C GLY C 244 18.44 20.24 -10.24
N ASP C 245 19.35 19.36 -9.85
CA ASP C 245 20.09 18.60 -10.79
C ASP C 245 20.37 17.22 -10.23
N VAL C 246 21.27 16.47 -10.84
CA VAL C 246 21.55 15.12 -10.36
C VAL C 246 22.09 15.07 -8.94
N HIS C 247 22.66 16.15 -8.46
CA HIS C 247 23.24 16.22 -7.14
C HIS C 247 22.24 16.54 -6.03
N THR C 248 20.98 16.84 -6.42
CA THR C 248 19.96 17.18 -5.44
C THR C 248 19.55 15.97 -4.63
N PHE C 249 19.66 14.79 -5.22
CA PHE C 249 19.28 13.59 -4.50
C PHE C 249 20.11 13.40 -3.24
N ALA C 250 21.40 13.72 -3.33
CA ALA C 250 22.23 13.60 -2.15
C ALA C 250 21.77 14.53 -1.02
N GLN C 251 21.34 15.73 -1.39
CA GLN C 251 20.82 16.67 -0.40
C GLN C 251 19.56 16.10 0.26
N ALA C 252 18.67 15.54 -0.56
CA ALA C 252 17.45 14.95 -0.03
C ALA C 252 17.76 13.84 0.96
N VAL C 253 18.68 12.96 0.60
CA VAL C 253 19.05 11.86 1.50
C VAL C 253 19.63 12.37 2.84
N LYS C 254 20.43 13.43 2.77
CA LYS C 254 21.06 13.96 3.97
C LYS C 254 20.11 14.71 4.88
N MET C 255 18.98 15.20 4.38
CA MET C 255 18.01 15.92 5.20
C MET C 255 16.85 15.12 5.70
N ILE C 256 16.72 13.88 5.25
CA ILE C 256 15.57 13.08 5.53
C ILE C 256 15.84 12.05 6.63
N LYS C 257 14.81 11.73 7.40
CA LYS C 257 14.87 10.69 8.42
C LYS C 257 15.05 9.31 7.78
N PRO C 258 15.61 8.34 8.51
CA PRO C 258 15.55 6.95 8.06
C PRO C 258 14.09 6.52 8.06
N GLY C 259 13.74 5.62 7.14
CA GLY C 259 12.33 5.21 7.05
C GLY C 259 11.50 6.32 6.48
N SER C 260 11.66 6.54 5.18
CA SER C 260 11.14 7.75 4.58
C SER C 260 11.05 7.57 3.09
N ASP C 261 10.57 8.60 2.40
CA ASP C 261 10.38 8.59 0.95
C ASP C 261 10.79 9.92 0.34
N ILE C 262 11.55 9.81 -0.76
CA ILE C 262 11.93 10.93 -1.64
C ILE C 262 11.22 10.75 -2.96
N GLY C 263 10.34 11.70 -3.27
CA GLY C 263 9.58 11.66 -4.51
C GLY C 263 10.13 12.66 -5.51
N ASN C 264 10.81 12.16 -6.53
CA ASN C 264 11.30 13.03 -7.59
C ASN C 264 10.33 13.12 -8.77
N VAL C 265 10.12 14.35 -9.24
CA VAL C 265 9.45 14.59 -10.52
C VAL C 265 10.30 15.48 -11.45
N ASN C 266 11.52 15.88 -11.05
CA ASN C 266 12.36 16.66 -11.87
C ASN C 266 12.91 15.84 -13.05
N TYR C 267 12.79 16.41 -14.26
CA TYR C 267 13.41 15.89 -15.45
C TYR C 267 14.88 16.29 -15.39
N LEU C 268 15.74 15.29 -15.31
CA LEU C 268 17.17 15.47 -15.15
C LEU C 268 17.79 15.61 -16.53
N GLY C 269 18.35 16.79 -16.81
CA GLY C 269 18.77 17.13 -18.15
C GLY C 269 20.19 16.78 -18.53
N GLU C 270 21.05 16.61 -17.55
CA GLU C 270 22.45 16.37 -17.81
C GLU C 270 23.07 15.62 -16.67
N GLY C 271 24.24 15.03 -16.94
CA GLY C 271 24.95 14.26 -15.92
C GLY C 271 24.77 12.79 -16.13
N ASP C 272 25.87 12.04 -16.05
CA ASP C 272 25.73 10.60 -16.30
C ASP C 272 25.00 9.83 -15.21
N ASN C 273 25.21 10.25 -13.97
CA ASN C 273 24.73 9.51 -12.81
C ASN C 273 24.16 10.40 -11.72
N ILE C 274 23.18 9.86 -11.01
CA ILE C 274 22.64 10.41 -9.79
C ILE C 274 23.37 9.70 -8.65
N ASP C 275 24.09 10.48 -7.83
CA ASP C 275 24.88 9.88 -6.78
CA ASP C 275 24.91 9.99 -6.74
C ASP C 275 24.10 9.90 -5.46
N ILE C 276 23.98 8.73 -4.88
CA ILE C 276 23.33 8.56 -3.57
C ILE C 276 24.46 8.32 -2.56
N PRO C 277 24.57 9.14 -1.53
CA PRO C 277 25.70 9.01 -0.62
C PRO C 277 25.59 7.76 0.25
N ARG C 278 26.62 6.91 0.24
CA ARG C 278 26.50 5.60 0.87
C ARG C 278 26.24 5.69 2.37
N SER C 279 27.03 6.48 3.08
CA SER C 279 26.87 6.53 4.54
C SER C 279 25.52 7.08 4.98
N GLU C 280 25.11 8.20 4.39
CA GLU C 280 23.85 8.81 4.77
C GLU C 280 22.62 8.06 4.27
N TRP C 281 22.83 7.16 3.31
CA TRP C 281 21.77 6.20 2.91
C TRP C 281 21.76 4.95 3.81
N GLY C 282 22.45 5.00 4.95
CA GLY C 282 22.42 3.89 5.87
C GLY C 282 23.19 2.71 5.34
N VAL C 283 24.27 2.98 4.60
CA VAL C 283 25.11 1.95 4.00
C VAL C 283 24.27 0.89 3.31
N GLY C 284 23.21 1.35 2.65
CA GLY C 284 22.32 0.48 1.89
C GLY C 284 21.02 0.09 2.60
N MET C 285 20.89 0.49 3.88
CA MET C 285 19.94 -0.16 4.77
C MET C 285 19.09 0.84 5.57
N GLY C 286 19.07 2.10 5.16
CA GLY C 286 18.38 3.14 5.91
C GLY C 286 16.89 3.33 5.66
N HIS C 287 16.30 2.49 4.82
CA HIS C 287 14.91 2.65 4.37
C HIS C 287 14.56 4.06 3.89
N LYS C 288 15.50 4.68 3.19
CA LYS C 288 15.24 5.97 2.54
C LYS C 288 14.87 5.69 1.11
N HIS C 289 13.58 5.46 0.90
CA HIS C 289 13.05 5.02 -0.41
C HIS C 289 13.13 6.13 -1.43
N ILE C 290 13.57 5.80 -2.65
CA ILE C 290 13.78 6.80 -3.71
C ILE C 290 12.88 6.48 -4.88
N HIS C 291 12.09 7.46 -5.26
CA HIS C 291 11.12 7.34 -6.31
C HIS C 291 11.36 8.46 -7.32
N GLY C 292 11.11 8.19 -8.57
CA GLY C 292 11.21 9.21 -9.61
C GLY C 292 10.30 8.83 -10.77
N GLY C 293 9.28 9.65 -11.00
CA GLY C 293 8.23 9.29 -11.90
C GLY C 293 7.65 10.38 -12.77
N LEU C 294 7.35 10.02 -14.01
CA LEU C 294 6.60 10.82 -14.96
C LEU C 294 5.17 11.02 -14.52
N CYS C 295 4.61 12.19 -14.75
CA CYS C 295 3.28 12.49 -14.28
C CYS C 295 2.23 11.61 -14.89
N PRO C 296 1.17 11.34 -14.14
CA PRO C 296 -0.01 10.74 -14.75
C PRO C 296 -0.66 11.62 -15.80
N GLY C 297 -1.35 10.98 -16.73
CA GLY C 297 -2.14 11.67 -17.72
C GLY C 297 -3.42 10.92 -18.00
N GLY C 298 -3.95 11.11 -19.21
CA GLY C 298 -5.24 10.60 -19.56
C GLY C 298 -6.41 11.41 -19.04
N ARG C 299 -7.59 11.02 -19.50
CA ARG C 299 -8.82 11.71 -19.15
C ARG C 299 -9.14 11.73 -17.65
N LEU C 300 -9.02 10.61 -16.96
CA LEU C 300 -9.44 10.55 -15.58
C LEU C 300 -8.57 11.47 -14.73
N ARG C 301 -7.26 11.42 -14.93
CA ARG C 301 -6.39 12.32 -14.17
C ARG C 301 -6.80 13.78 -14.40
N MET C 302 -7.05 14.15 -15.64
CA MET C 302 -7.48 15.50 -15.89
C MET C 302 -8.80 15.84 -15.23
N GLU C 303 -9.75 14.92 -15.26
CA GLU C 303 -11.05 15.15 -14.62
C GLU C 303 -10.89 15.34 -13.09
N ARG C 304 -10.02 14.53 -12.48
N ARG C 304 -10.02 14.55 -12.47
CA ARG C 304 -9.72 14.65 -11.04
CA ARG C 304 -9.78 14.70 -11.02
C ARG C 304 -9.20 16.06 -10.75
C ARG C 304 -9.15 16.06 -10.70
N LEU C 305 -8.22 16.51 -11.53
CA LEU C 305 -7.60 17.80 -11.29
C LEU C 305 -8.54 18.97 -11.64
N ILE C 306 -9.34 18.81 -12.68
CA ILE C 306 -10.41 19.77 -12.96
C ILE C 306 -11.34 19.93 -11.77
N ASP C 307 -11.67 18.81 -11.12
CA ASP C 307 -12.50 18.90 -9.89
C ASP C 307 -11.78 19.69 -8.78
N LEU C 308 -10.48 19.48 -8.62
CA LEU C 308 -9.73 20.23 -7.63
C LEU C 308 -9.78 21.73 -7.91
N VAL C 309 -9.77 22.11 -9.18
CA VAL C 309 -9.83 23.53 -9.50
C VAL C 309 -11.30 24.04 -9.34
N PHE C 310 -12.23 23.29 -9.89
CA PHE C 310 -13.64 23.68 -9.92
C PHE C 310 -14.20 23.86 -8.50
N TYR C 311 -13.85 22.94 -7.60
CA TYR C 311 -14.30 23.00 -6.21
C TYR C 311 -13.36 23.79 -5.31
N LYS C 312 -12.45 24.55 -5.93
CA LYS C 312 -11.66 25.57 -5.25
C LYS C 312 -10.74 24.98 -4.20
N ARG C 313 -10.22 23.78 -4.46
CA ARG C 313 -9.18 23.19 -3.64
C ARG C 313 -7.81 23.80 -3.93
N VAL C 314 -7.49 23.95 -5.20
CA VAL C 314 -6.24 24.56 -5.64
C VAL C 314 -6.53 25.56 -6.76
N ASP C 315 -5.94 26.72 -6.66
CA ASP C 315 -6.07 27.74 -7.70
C ASP C 315 -4.72 27.89 -8.38
N PRO C 316 -4.56 27.30 -9.56
CA PRO C 316 -3.28 27.35 -10.23
C PRO C 316 -3.03 28.64 -10.99
N SER C 317 -3.97 29.58 -10.95
CA SER C 317 -3.81 30.84 -11.64
C SER C 317 -2.60 31.65 -11.18
N LYS C 318 -2.17 31.47 -9.94
CA LYS C 318 -1.02 32.16 -9.35
C LYS C 318 0.29 31.78 -10.02
N LEU C 319 0.34 30.63 -10.70
CA LEU C 319 1.50 30.24 -11.44
C LEU C 319 1.70 31.06 -12.70
N VAL C 320 0.63 31.67 -13.20
CA VAL C 320 0.70 32.31 -14.49
C VAL C 320 1.09 33.79 -14.27
N THR C 321 2.35 34.07 -14.56
CA THR C 321 2.91 35.39 -14.34
C THR C 321 2.98 36.25 -15.59
N HIS C 322 2.84 35.64 -16.76
CA HIS C 322 2.93 36.35 -18.03
C HIS C 322 1.91 35.75 -18.97
N VAL C 323 1.06 36.58 -19.55
CA VAL C 323 0.14 36.14 -20.60
C VAL C 323 0.36 37.01 -21.83
N PHE C 324 0.49 36.33 -22.98
CA PHE C 324 0.59 36.92 -24.31
C PHE C 324 -0.47 36.34 -25.21
N ARG C 325 -0.58 36.92 -26.40
CA ARG C 325 -1.50 36.44 -27.42
C ARG C 325 -0.81 36.12 -28.75
N GLY C 326 -1.34 35.09 -29.42
CA GLY C 326 -0.96 34.77 -30.79
C GLY C 326 0.22 33.86 -31.00
N PHE C 327 0.23 33.16 -32.12
CA PHE C 327 1.32 32.24 -32.48
C PHE C 327 2.66 32.92 -32.51
N ASP C 328 2.69 34.19 -32.92
CA ASP C 328 3.91 34.95 -32.97
C ASP C 328 4.58 35.13 -31.61
N ASN C 329 3.87 34.79 -30.52
CA ASN C 329 4.46 34.92 -29.18
C ASN C 329 4.79 33.59 -28.54
N ILE C 330 4.55 32.49 -29.24
CA ILE C 330 5.01 31.20 -28.74
C ILE C 330 6.53 31.21 -28.58
N GLU C 331 7.27 31.72 -29.57
CA GLU C 331 8.72 31.72 -29.48
C GLU C 331 9.21 32.59 -28.30
N LYS C 332 8.59 33.76 -28.12
CA LYS C 332 8.96 34.62 -27.00
C LYS C 332 8.75 33.91 -25.68
N ALA C 333 7.60 33.26 -25.52
CA ALA C 333 7.26 32.59 -24.30
C ALA C 333 8.25 31.45 -24.03
N PHE C 334 8.56 30.70 -25.07
CA PHE C 334 9.49 29.59 -24.97
C PHE C 334 10.87 30.05 -24.47
N MET C 335 11.33 31.16 -25.02
CA MET C 335 12.65 31.69 -24.64
C MET C 335 12.67 32.23 -23.20
N LEU C 336 11.53 32.69 -22.66
CA LEU C 336 11.43 32.98 -21.23
C LEU C 336 11.81 31.80 -20.33
N MET C 337 11.49 30.56 -20.73
CA MET C 337 11.83 29.41 -19.89
C MET C 337 13.31 29.09 -19.88
N LYS C 338 14.01 29.52 -20.91
CA LYS C 338 15.44 29.35 -21.01
C LYS C 338 16.14 30.41 -20.15
N ASP C 339 15.67 31.64 -20.20
N ASP C 339 15.63 31.64 -20.25
CA ASP C 339 16.39 32.73 -19.54
CA ASP C 339 16.22 32.85 -19.64
C ASP C 339 15.76 33.26 -18.26
C ASP C 339 15.86 33.07 -18.18
N LYS C 340 14.68 32.61 -17.79
CA LYS C 340 14.06 32.88 -16.49
C LYS C 340 14.34 34.20 -15.77
N PRO C 341 13.63 35.24 -16.20
CA PRO C 341 13.66 36.48 -15.45
C PRO C 341 13.06 36.29 -14.04
N LYS C 342 13.39 37.21 -13.13
CA LYS C 342 13.11 37.02 -11.70
C LYS C 342 11.63 36.94 -11.34
N ASP C 343 10.77 37.48 -12.19
CA ASP C 343 9.32 37.54 -11.93
C ASP C 343 8.55 36.39 -12.58
N LEU C 344 9.26 35.50 -13.27
CA LEU C 344 8.63 34.45 -14.06
C LEU C 344 8.35 33.20 -13.21
N ILE C 345 7.12 32.72 -13.30
CA ILE C 345 6.81 31.35 -12.91
C ILE C 345 6.43 30.55 -14.16
N LYS C 346 5.27 30.84 -14.74
CA LYS C 346 4.86 30.20 -15.99
C LYS C 346 4.22 31.24 -16.97
N PRO C 347 4.63 31.28 -18.25
CA PRO C 347 3.90 32.08 -19.24
C PRO C 347 2.81 31.27 -19.95
N VAL C 348 1.76 31.95 -20.38
CA VAL C 348 0.71 31.37 -21.19
C VAL C 348 0.51 32.21 -22.42
N VAL C 349 0.29 31.55 -23.56
CA VAL C 349 -0.06 32.26 -24.81
C VAL C 349 -1.48 31.88 -25.18
N ILE C 350 -2.33 32.89 -25.31
CA ILE C 350 -3.72 32.66 -25.67
CA ILE C 350 -3.74 32.73 -25.66
C ILE C 350 -3.84 32.83 -27.18
N LEU C 351 -4.45 31.84 -27.80
CA LEU C 351 -4.62 31.80 -29.23
C LEU C 351 -6.10 31.98 -29.58
N ALA C 352 -6.99 31.83 -28.61
CA ALA C 352 -8.42 31.94 -28.82
C ALA C 352 -9.14 31.83 -27.47
N MET D 1 -24.35 -22.54 -35.20
CA MET D 1 -23.49 -23.39 -34.30
C MET D 1 -24.26 -23.82 -33.06
N LYS D 2 -23.87 -24.95 -32.48
CA LYS D 2 -24.47 -25.45 -31.26
C LYS D 2 -23.79 -24.82 -30.04
N GLY D 3 -24.60 -24.60 -29.01
CA GLY D 3 -24.11 -24.16 -27.72
C GLY D 3 -25.01 -24.65 -26.60
N PHE D 4 -24.41 -24.80 -25.43
CA PHE D 4 -25.13 -25.23 -24.23
C PHE D 4 -25.42 -24.00 -23.41
N ALA D 5 -26.71 -23.74 -23.19
CA ALA D 5 -27.18 -22.45 -22.72
C ALA D 5 -28.10 -22.46 -21.52
N MET D 6 -28.13 -21.30 -20.85
CA MET D 6 -29.18 -20.95 -19.93
C MET D 6 -30.36 -20.46 -20.73
N LEU D 7 -31.44 -21.22 -20.72
CA LEU D 7 -32.61 -20.85 -21.52
C LEU D 7 -33.33 -19.70 -20.83
N SER D 8 -33.44 -19.84 -19.50
CA SER D 8 -33.99 -18.86 -18.58
C SER D 8 -33.67 -19.40 -17.17
N ILE D 9 -34.05 -18.67 -16.13
CA ILE D 9 -33.80 -19.16 -14.77
C ILE D 9 -34.43 -20.53 -14.59
N GLY D 10 -33.62 -21.48 -14.10
CA GLY D 10 -34.08 -22.83 -13.82
C GLY D 10 -34.03 -23.80 -15.00
N LYS D 11 -33.51 -23.35 -16.15
CA LYS D 11 -33.60 -24.15 -17.38
C LYS D 11 -32.34 -24.04 -18.20
N VAL D 12 -31.77 -25.20 -18.52
CA VAL D 12 -30.64 -25.28 -19.43
C VAL D 12 -30.96 -26.21 -20.61
N GLY D 13 -30.20 -26.03 -21.68
CA GLY D 13 -30.29 -26.91 -22.83
C GLY D 13 -29.47 -26.46 -24.00
N TRP D 14 -29.41 -27.34 -24.98
CA TRP D 14 -28.71 -27.09 -26.21
C TRP D 14 -29.54 -26.18 -27.10
N ILE D 15 -28.85 -25.18 -27.67
CA ILE D 15 -29.46 -24.24 -28.59
C ILE D 15 -28.57 -24.03 -29.81
N GLU D 16 -29.15 -23.44 -30.86
CA GLU D 16 -28.40 -23.05 -32.03
C GLU D 16 -28.31 -21.54 -32.07
N LYS D 17 -27.10 -21.01 -32.32
CA LYS D 17 -26.88 -19.57 -32.46
C LYS D 17 -26.02 -19.33 -33.69
N GLU D 18 -26.08 -18.12 -34.20
CA GLU D 18 -25.14 -17.72 -35.23
C GLU D 18 -23.70 -17.74 -34.71
N LYS D 19 -22.81 -18.23 -35.55
CA LYS D 19 -21.39 -18.17 -35.24
C LYS D 19 -20.98 -16.69 -35.19
N PRO D 20 -20.30 -16.28 -34.11
CA PRO D 20 -19.86 -14.88 -34.00
C PRO D 20 -18.78 -14.54 -35.02
N ALA D 21 -18.75 -13.25 -35.39
CA ALA D 21 -17.70 -12.69 -36.26
C ALA D 21 -16.95 -11.64 -35.45
N PRO D 22 -15.65 -11.52 -35.70
CA PRO D 22 -14.85 -10.57 -34.93
C PRO D 22 -14.90 -9.14 -35.48
N GLY D 23 -14.91 -8.17 -34.57
CA GLY D 23 -14.59 -6.80 -34.94
C GLY D 23 -13.07 -6.69 -35.13
N PRO D 24 -12.59 -5.51 -35.50
CA PRO D 24 -11.19 -5.34 -35.84
C PRO D 24 -10.20 -5.76 -34.73
N PHE D 25 -10.60 -5.68 -33.47
CA PHE D 25 -9.72 -5.99 -32.38
C PHE D 25 -9.96 -7.36 -31.75
N ASP D 26 -10.89 -8.14 -32.30
CA ASP D 26 -11.37 -9.33 -31.62
C ASP D 26 -10.85 -10.62 -32.25
N ALA D 27 -11.07 -11.73 -31.57
CA ALA D 27 -10.75 -13.06 -32.09
C ALA D 27 -11.96 -13.96 -31.94
N ILE D 28 -12.10 -14.90 -32.87
CA ILE D 28 -12.98 -16.05 -32.70
C ILE D 28 -12.08 -17.24 -32.38
N VAL D 29 -12.51 -18.00 -31.38
CA VAL D 29 -11.76 -19.11 -30.83
C VAL D 29 -12.61 -20.36 -30.80
N ARG D 30 -12.02 -21.49 -31.17
CA ARG D 30 -12.70 -22.76 -30.98
C ARG D 30 -12.14 -23.43 -29.71
N PRO D 31 -13.02 -23.96 -28.84
CA PRO D 31 -12.51 -24.58 -27.63
C PRO D 31 -11.76 -25.88 -27.90
N LEU D 32 -10.66 -26.06 -27.15
CA LEU D 32 -9.93 -27.31 -27.09
C LEU D 32 -10.25 -28.09 -25.82
N ALA D 33 -10.50 -27.36 -24.74
CA ALA D 33 -10.89 -27.95 -23.47
C ALA D 33 -11.70 -26.92 -22.72
N VAL D 34 -12.77 -27.35 -22.02
CA VAL D 34 -13.58 -26.46 -21.23
C VAL D 34 -13.91 -27.10 -19.87
N ALA D 35 -14.35 -26.27 -18.93
CA ALA D 35 -14.82 -26.77 -17.65
C ALA D 35 -16.05 -25.99 -17.21
N PRO D 36 -16.97 -26.66 -16.49
CA PRO D 36 -18.12 -26.01 -15.85
C PRO D 36 -17.74 -25.46 -14.47
N CYS D 37 -18.51 -24.47 -14.00
CA CYS D 37 -18.26 -23.77 -12.76
C CYS D 37 -19.51 -23.67 -11.90
N THR D 38 -19.32 -23.81 -10.59
CA THR D 38 -20.35 -23.54 -9.60
C THR D 38 -21.04 -22.21 -9.83
N SER D 39 -20.31 -21.21 -10.34
CA SER D 39 -20.97 -19.93 -10.57
C SER D 39 -22.13 -20.02 -11.52
N ASP D 40 -22.02 -20.86 -12.55
CA ASP D 40 -23.14 -20.98 -13.47
C ASP D 40 -24.35 -21.65 -12.83
N ILE D 41 -24.12 -22.44 -11.81
CA ILE D 41 -25.24 -23.04 -11.04
C ILE D 41 -25.97 -21.95 -10.24
N HIS D 42 -25.23 -21.05 -9.58
CA HIS D 42 -25.85 -19.88 -8.98
C HIS D 42 -26.66 -19.05 -9.98
N THR D 43 -26.06 -18.74 -11.12
CA THR D 43 -26.70 -17.92 -12.12
C THR D 43 -27.98 -18.57 -12.63
N VAL D 44 -27.88 -19.84 -13.02
CA VAL D 44 -29.03 -20.49 -13.66
C VAL D 44 -30.13 -20.83 -12.63
N PHE D 45 -29.75 -21.46 -11.53
CA PHE D 45 -30.77 -22.06 -10.64
C PHE D 45 -31.21 -21.19 -9.47
N GLU D 46 -30.35 -20.30 -9.02
CA GLU D 46 -30.73 -19.32 -8.01
C GLU D 46 -31.09 -17.96 -8.58
N GLY D 47 -30.84 -17.72 -9.86
CA GLY D 47 -31.10 -16.42 -10.47
C GLY D 47 -30.34 -15.32 -9.79
N ALA D 48 -29.14 -15.66 -9.32
CA ALA D 48 -28.33 -14.75 -8.49
C ALA D 48 -27.94 -13.42 -9.12
N ILE D 49 -27.89 -13.35 -10.45
CA ILE D 49 -27.54 -12.12 -11.20
C ILE D 49 -28.59 -11.75 -12.26
N GLY D 50 -29.82 -12.20 -12.03
CA GLY D 50 -30.96 -11.83 -12.84
C GLY D 50 -31.31 -12.81 -13.94
N GLU D 51 -32.40 -12.49 -14.63
CA GLU D 51 -32.90 -13.33 -15.70
C GLU D 51 -31.98 -13.24 -16.91
N ARG D 52 -31.98 -14.30 -17.70
CA ARG D 52 -31.25 -14.36 -18.97
C ARG D 52 -32.09 -15.13 -19.94
N HIS D 53 -31.80 -14.96 -21.22
CA HIS D 53 -32.49 -15.66 -22.28
C HIS D 53 -31.51 -16.19 -23.31
N ASN D 54 -31.44 -17.51 -23.42
CA ASN D 54 -30.61 -18.15 -24.43
C ASN D 54 -29.16 -17.67 -24.41
N MET D 55 -28.59 -17.69 -23.20
CA MET D 55 -27.21 -17.28 -22.99
C MET D 55 -26.34 -18.52 -22.91
N ILE D 56 -25.40 -18.68 -23.84
CA ILE D 56 -24.46 -19.79 -23.79
C ILE D 56 -23.63 -19.70 -22.51
N LEU D 57 -23.53 -20.84 -21.84
CA LEU D 57 -22.85 -20.96 -20.54
C LEU D 57 -21.35 -21.21 -20.70
N GLY D 58 -20.65 -21.17 -19.57
CA GLY D 58 -19.25 -21.53 -19.53
C GLY D 58 -18.33 -20.34 -19.65
N HIS D 59 -17.28 -20.32 -18.85
CA HIS D 59 -16.31 -19.23 -18.96
C HIS D 59 -14.89 -19.71 -18.68
N GLU D 60 -14.64 -21.03 -18.83
CA GLU D 60 -13.33 -21.62 -18.63
C GLU D 60 -12.93 -22.42 -19.87
N ALA D 61 -12.02 -21.86 -20.67
CA ALA D 61 -11.59 -22.52 -21.89
C ALA D 61 -10.13 -22.27 -22.21
N VAL D 62 -9.55 -23.31 -22.82
CA VAL D 62 -8.37 -23.10 -23.65
CA VAL D 62 -8.32 -23.24 -23.63
C VAL D 62 -8.79 -23.43 -25.06
N GLY D 63 -8.23 -22.68 -25.99
CA GLY D 63 -8.72 -22.77 -27.36
C GLY D 63 -7.69 -22.58 -28.41
N GLU D 64 -8.15 -22.69 -29.64
CA GLU D 64 -7.37 -22.36 -30.81
C GLU D 64 -8.02 -21.18 -31.48
N VAL D 65 -7.23 -20.14 -31.71
CA VAL D 65 -7.69 -18.98 -32.48
C VAL D 65 -8.02 -19.44 -33.90
N VAL D 66 -9.18 -19.08 -34.41
CA VAL D 66 -9.55 -19.42 -35.79
C VAL D 66 -9.72 -18.22 -36.72
N GLU D 67 -10.02 -17.05 -36.16
CA GLU D 67 -10.12 -15.82 -36.96
C GLU D 67 -9.76 -14.65 -36.07
N VAL D 68 -9.12 -13.65 -36.65
CA VAL D 68 -8.82 -12.40 -35.98
C VAL D 68 -9.23 -11.22 -36.82
N GLY D 69 -9.58 -10.15 -36.12
CA GLY D 69 -9.81 -8.86 -36.77
C GLY D 69 -8.55 -8.24 -37.33
N SER D 70 -8.76 -7.26 -38.19
CA SER D 70 -7.68 -6.63 -38.94
C SER D 70 -6.63 -5.89 -38.12
N GLU D 71 -6.97 -5.55 -36.87
CA GLU D 71 -6.09 -4.78 -35.99
C GLU D 71 -5.42 -5.64 -34.91
N VAL D 72 -5.64 -6.95 -34.93
CA VAL D 72 -5.01 -7.86 -33.96
C VAL D 72 -3.58 -8.13 -34.42
N LYS D 73 -2.63 -7.93 -33.52
CA LYS D 73 -1.19 -8.01 -33.82
C LYS D 73 -0.45 -9.21 -33.26
N ASP D 74 -0.90 -9.73 -32.10
CA ASP D 74 -0.09 -10.68 -31.33
C ASP D 74 -0.60 -12.11 -31.36
N PHE D 75 -1.78 -12.30 -31.95
CA PHE D 75 -2.42 -13.59 -32.07
C PHE D 75 -2.84 -13.77 -33.52
N LYS D 76 -2.75 -15.01 -34.00
CA LYS D 76 -3.09 -15.36 -35.37
C LYS D 76 -3.82 -16.71 -35.36
N PRO D 77 -4.58 -16.98 -36.40
CA PRO D 77 -5.24 -18.28 -36.55
C PRO D 77 -4.24 -19.42 -36.36
N GLY D 78 -4.64 -20.41 -35.56
CA GLY D 78 -3.79 -21.53 -35.25
C GLY D 78 -3.15 -21.45 -33.88
N ASP D 79 -3.08 -20.24 -33.32
CA ASP D 79 -2.49 -20.07 -32.00
C ASP D 79 -3.32 -20.74 -30.90
N ARG D 80 -2.66 -21.51 -30.05
CA ARG D 80 -3.32 -22.06 -28.90
C ARG D 80 -3.22 -21.07 -27.74
N VAL D 81 -4.35 -20.86 -27.06
CA VAL D 81 -4.48 -19.78 -26.10
C VAL D 81 -5.21 -20.18 -24.85
N VAL D 82 -4.83 -19.57 -23.73
CA VAL D 82 -5.62 -19.60 -22.52
C VAL D 82 -6.52 -18.35 -22.58
N VAL D 83 -7.82 -18.54 -22.34
CA VAL D 83 -8.78 -17.47 -22.44
C VAL D 83 -9.20 -17.16 -20.98
N PRO D 84 -8.94 -15.95 -20.49
CA PRO D 84 -9.36 -15.66 -19.13
C PRO D 84 -10.87 -15.60 -19.01
N ALA D 85 -11.40 -16.00 -17.85
CA ALA D 85 -12.81 -15.81 -17.62
C ALA D 85 -13.24 -14.34 -17.68
N ILE D 86 -12.35 -13.45 -17.22
CA ILE D 86 -12.59 -12.02 -17.22
C ILE D 86 -11.84 -11.44 -18.44
N THR D 87 -12.61 -10.82 -19.35
CA THR D 87 -12.10 -10.27 -20.59
C THR D 87 -12.63 -8.81 -20.71
N PRO D 88 -12.00 -7.88 -19.98
CA PRO D 88 -12.52 -6.52 -19.91
C PRO D 88 -12.52 -5.77 -21.22
N ASP D 89 -13.39 -4.77 -21.28
CA ASP D 89 -13.19 -3.65 -22.19
CA ASP D 89 -13.21 -3.60 -22.17
C ASP D 89 -12.11 -2.75 -21.53
N TRP D 90 -10.97 -2.63 -22.20
CA TRP D 90 -9.84 -1.96 -21.61
C TRP D 90 -9.89 -0.43 -21.71
N ARG D 91 -10.79 0.10 -22.52
CA ARG D 91 -10.86 1.54 -22.73
C ARG D 91 -12.06 2.12 -21.98
N THR D 92 -11.97 2.06 -20.66
CA THR D 92 -13.01 2.60 -19.76
C THR D 92 -12.40 3.34 -18.57
N SER D 93 -13.24 4.11 -17.89
CA SER D 93 -12.83 4.83 -16.68
C SER D 93 -12.41 3.88 -15.58
N GLU D 94 -13.06 2.73 -15.43
CA GLU D 94 -12.70 1.83 -14.36
C GLU D 94 -11.28 1.29 -14.54
N VAL D 95 -10.86 1.11 -15.78
CA VAL D 95 -9.49 0.70 -16.06
C VAL D 95 -8.52 1.80 -15.69
N GLN D 96 -8.88 3.06 -15.98
CA GLN D 96 -8.01 4.17 -15.60
C GLN D 96 -7.87 4.29 -14.08
N ARG D 97 -8.88 3.83 -13.31
CA ARG D 97 -8.92 3.86 -11.80
C ARG D 97 -8.33 2.56 -11.20
N GLY D 98 -7.92 1.60 -12.02
CA GLY D 98 -7.29 0.37 -11.51
C GLY D 98 -8.16 -0.84 -11.24
N TYR D 99 -9.36 -0.90 -11.81
CA TYR D 99 -10.30 -2.00 -11.54
C TYR D 99 -10.88 -2.53 -12.86
N HIS D 100 -10.07 -3.27 -13.59
CA HIS D 100 -10.53 -3.80 -14.89
C HIS D 100 -11.71 -4.76 -14.76
N GLN D 101 -11.82 -5.42 -13.60
CA GLN D 101 -12.90 -6.34 -13.36
C GLN D 101 -14.27 -5.68 -13.46
N HIS D 102 -14.33 -4.37 -13.23
CA HIS D 102 -15.54 -3.59 -13.25
C HIS D 102 -15.61 -2.60 -14.42
N SER D 103 -14.89 -2.90 -15.48
N SER D 103 -14.94 -2.96 -15.50
CA SER D 103 -14.87 -2.04 -16.63
CA SER D 103 -14.92 -2.19 -16.74
C SER D 103 -16.23 -2.07 -17.30
C SER D 103 -16.30 -2.10 -17.31
N GLY D 104 -16.87 -0.90 -17.32
CA GLY D 104 -18.23 -0.75 -17.81
C GLY D 104 -19.36 -1.04 -16.81
N GLY D 105 -18.99 -1.26 -15.57
CA GLY D 105 -19.93 -1.45 -14.49
C GLY D 105 -19.52 -2.60 -13.57
N MET D 106 -20.17 -2.71 -12.43
CA MET D 106 -19.84 -3.76 -11.49
C MET D 106 -19.98 -5.13 -12.14
N LEU D 107 -18.90 -5.91 -12.02
CA LEU D 107 -18.72 -7.27 -12.57
C LEU D 107 -18.63 -7.33 -14.09
N ALA D 108 -18.65 -6.19 -14.77
CA ALA D 108 -18.80 -6.19 -16.22
C ALA D 108 -17.53 -6.63 -17.01
N GLY D 109 -16.41 -6.76 -16.32
CA GLY D 109 -15.27 -7.42 -16.91
C GLY D 109 -15.42 -8.90 -17.10
N TRP D 110 -16.32 -9.49 -16.31
CA TRP D 110 -16.72 -10.87 -16.48
C TRP D 110 -17.83 -10.92 -17.48
N LYS D 111 -17.49 -11.23 -18.74
CA LYS D 111 -18.46 -11.24 -19.81
C LYS D 111 -19.07 -12.61 -20.02
N PHE D 112 -18.24 -13.60 -20.31
CA PHE D 112 -18.72 -14.95 -20.64
C PHE D 112 -19.63 -15.51 -19.55
N SER D 113 -20.85 -15.84 -19.91
CA SER D 113 -21.83 -16.39 -18.98
C SER D 113 -22.36 -15.47 -17.89
N ASN D 114 -22.07 -14.20 -18.05
CA ASN D 114 -22.69 -13.13 -17.28
C ASN D 114 -23.47 -12.23 -18.23
N VAL D 115 -22.77 -11.53 -19.13
CA VAL D 115 -23.40 -10.56 -20.03
C VAL D 115 -23.13 -10.91 -21.50
N LYS D 116 -22.56 -12.10 -21.76
CA LYS D 116 -22.13 -12.48 -23.10
C LYS D 116 -22.19 -14.00 -23.22
N ASP D 117 -22.50 -14.50 -24.41
CA ASP D 117 -22.42 -15.94 -24.69
C ASP D 117 -21.04 -16.48 -24.33
N GLY D 118 -21.03 -17.55 -23.55
CA GLY D 118 -19.84 -18.18 -23.04
C GLY D 118 -19.16 -19.16 -23.96
N VAL D 119 -18.36 -20.02 -23.36
CA VAL D 119 -17.42 -20.81 -24.11
C VAL D 119 -17.94 -22.20 -24.51
N PHE D 120 -19.14 -22.58 -24.05
CA PHE D 120 -19.74 -23.88 -24.36
C PHE D 120 -20.45 -23.80 -25.69
N GLY D 121 -19.68 -23.41 -26.71
CA GLY D 121 -20.15 -23.35 -28.08
C GLY D 121 -19.09 -23.85 -29.03
N GLU D 122 -19.47 -24.15 -30.25
CA GLU D 122 -18.49 -24.60 -31.22
C GLU D 122 -17.39 -23.56 -31.47
N PHE D 123 -17.77 -22.29 -31.32
CA PHE D 123 -16.88 -21.16 -31.34
C PHE D 123 -17.35 -20.18 -30.27
N PHE D 124 -16.48 -19.28 -29.87
CA PHE D 124 -16.86 -18.15 -29.05
C PHE D 124 -15.99 -16.93 -29.44
N HIS D 125 -16.44 -15.78 -28.97
CA HIS D 125 -15.86 -14.49 -29.33
C HIS D 125 -15.08 -13.96 -28.14
N VAL D 126 -13.84 -13.53 -28.38
CA VAL D 126 -13.03 -12.84 -27.40
C VAL D 126 -12.86 -11.41 -27.84
N ASN D 127 -13.36 -10.49 -27.02
CA ASN D 127 -13.12 -9.08 -27.29
C ASN D 127 -11.69 -8.69 -26.97
N ASP D 128 -11.07 -7.89 -27.85
CA ASP D 128 -9.72 -7.37 -27.66
C ASP D 128 -8.71 -8.49 -27.42
N ALA D 129 -8.45 -9.24 -28.48
CA ALA D 129 -7.55 -10.38 -28.42
C ALA D 129 -6.19 -10.04 -27.83
N ASP D 130 -5.60 -8.94 -28.29
CA ASP D 130 -4.25 -8.59 -27.85
C ASP D 130 -4.17 -8.31 -26.37
N MET D 131 -5.24 -7.79 -25.79
CA MET D 131 -5.31 -7.51 -24.35
C MET D 131 -5.86 -8.63 -23.48
N ASN D 132 -6.55 -9.60 -24.07
N ASN D 132 -6.52 -9.61 -24.10
CA ASN D 132 -7.26 -10.58 -23.28
CA ASN D 132 -7.36 -10.58 -23.40
C ASN D 132 -6.75 -12.02 -23.40
C ASN D 132 -7.14 -12.07 -23.75
N LEU D 133 -6.10 -12.37 -24.49
CA LEU D 133 -5.63 -13.73 -24.71
C LEU D 133 -4.18 -13.89 -24.22
N ALA D 134 -3.81 -15.11 -23.86
CA ALA D 134 -2.42 -15.45 -23.59
C ALA D 134 -2.05 -16.73 -24.35
N HIS D 135 -0.83 -16.78 -24.85
CA HIS D 135 -0.32 -17.96 -25.51
C HIS D 135 -0.14 -19.10 -24.52
N LEU D 136 -0.55 -20.30 -24.92
CA LEU D 136 -0.44 -21.50 -24.08
C LEU D 136 0.84 -22.25 -24.46
N PRO D 137 1.80 -22.34 -23.55
CA PRO D 137 2.96 -23.23 -23.83
C PRO D 137 2.55 -24.68 -23.98
N LYS D 138 3.13 -25.31 -25.01
CA LYS D 138 2.81 -26.68 -25.36
C LYS D 138 3.06 -27.66 -24.21
N GLU D 139 3.99 -27.29 -23.34
CA GLU D 139 4.38 -28.15 -22.23
C GLU D 139 3.30 -28.32 -21.16
N ILE D 140 2.30 -27.42 -21.15
CA ILE D 140 1.23 -27.50 -20.13
C ILE D 140 0.06 -28.29 -20.71
N PRO D 141 -0.31 -29.40 -20.05
CA PRO D 141 -1.41 -30.18 -20.55
C PRO D 141 -2.72 -29.42 -20.50
N LEU D 142 -3.63 -29.76 -21.40
CA LEU D 142 -4.92 -29.06 -21.48
C LEU D 142 -5.67 -29.08 -20.17
N GLU D 143 -5.67 -30.22 -19.47
CA GLU D 143 -6.42 -30.32 -18.21
C GLU D 143 -5.93 -29.35 -17.16
N ALA D 144 -4.62 -29.14 -17.08
CA ALA D 144 -4.06 -28.16 -16.12
C ALA D 144 -4.34 -26.77 -16.62
N ALA D 145 -4.18 -26.55 -17.92
CA ALA D 145 -4.32 -25.21 -18.48
C ALA D 145 -5.72 -24.65 -18.30
N VAL D 146 -6.73 -25.52 -18.33
CA VAL D 146 -8.09 -25.01 -18.23
C VAL D 146 -8.45 -24.63 -16.77
N MET D 147 -7.56 -24.89 -15.81
CA MET D 147 -7.73 -24.41 -14.47
C MET D 147 -7.24 -22.98 -14.27
N ILE D 148 -6.56 -22.43 -15.28
CA ILE D 148 -5.98 -21.10 -15.18
C ILE D 148 -6.98 -19.93 -15.33
N PRO D 149 -7.94 -20.02 -16.27
CA PRO D 149 -8.89 -18.91 -16.53
C PRO D 149 -9.72 -18.41 -15.36
N ASP D 150 -10.00 -19.30 -14.41
CA ASP D 150 -10.93 -19.00 -13.32
C ASP D 150 -10.43 -19.58 -12.00
N MET D 151 -10.18 -20.89 -11.95
CA MET D 151 -9.91 -21.48 -10.62
C MET D 151 -8.65 -20.88 -10.01
N MET D 152 -7.56 -20.81 -10.78
CA MET D 152 -6.33 -20.30 -10.23
CA MET D 152 -6.30 -20.29 -10.24
C MET D 152 -6.42 -18.80 -9.97
N THR D 153 -6.93 -18.05 -10.94
CA THR D 153 -6.97 -16.61 -10.74
C THR D 153 -7.85 -16.22 -9.55
N THR D 154 -8.98 -16.89 -9.43
CA THR D 154 -9.91 -16.61 -8.33
C THR D 154 -9.36 -17.06 -6.98
N GLY D 155 -8.87 -18.29 -6.88
CA GLY D 155 -8.34 -18.75 -5.62
C GLY D 155 -7.15 -17.91 -5.15
N PHE D 156 -6.24 -17.58 -6.08
CA PHE D 156 -5.12 -16.74 -5.76
CA PHE D 156 -5.11 -16.77 -5.73
C PHE D 156 -5.57 -15.34 -5.36
N HIS D 157 -6.63 -14.84 -6.01
CA HIS D 157 -7.13 -13.51 -5.64
C HIS D 157 -7.67 -13.50 -4.22
N GLY D 158 -8.23 -14.61 -3.78
CA GLY D 158 -8.70 -14.69 -2.40
C GLY D 158 -7.54 -14.47 -1.44
N ALA D 159 -6.43 -15.15 -1.72
CA ALA D 159 -5.20 -14.96 -0.95
C ALA D 159 -4.64 -13.55 -1.02
N GLU D 160 -4.68 -12.95 -2.22
CA GLU D 160 -4.27 -11.57 -2.40
C GLU D 160 -5.13 -10.60 -1.59
N LEU D 161 -6.44 -10.77 -1.69
CA LEU D 161 -7.34 -9.88 -0.95
C LEU D 161 -7.21 -10.03 0.56
N ALA D 162 -6.80 -11.22 0.99
CA ALA D 162 -6.57 -11.50 2.40
C ALA D 162 -5.27 -10.90 2.93
N ASN D 163 -4.50 -10.23 2.07
CA ASN D 163 -3.36 -9.45 2.53
C ASN D 163 -2.38 -10.29 3.36
N ILE D 164 -2.06 -11.47 2.85
CA ILE D 164 -1.23 -12.42 3.60
C ILE D 164 0.19 -11.91 3.65
N LYS D 165 0.79 -11.98 4.83
CA LYS D 165 2.17 -11.59 5.03
C LYS D 165 2.97 -12.82 5.50
N LEU D 166 4.29 -12.71 5.36
CA LEU D 166 5.17 -13.85 5.66
CA LEU D 166 5.21 -13.78 5.69
C LEU D 166 4.97 -14.33 7.08
N GLY D 167 4.70 -15.63 7.19
CA GLY D 167 4.52 -16.30 8.45
C GLY D 167 3.12 -16.23 9.03
N ASP D 168 2.19 -15.53 8.37
CA ASP D 168 0.83 -15.43 8.87
C ASP D 168 0.18 -16.78 9.01
N THR D 169 -0.67 -16.89 10.02
CA THR D 169 -1.57 -18.00 10.17
C THR D 169 -2.86 -17.63 9.42
N VAL D 170 -3.26 -18.51 8.51
CA VAL D 170 -4.36 -18.25 7.58
C VAL D 170 -5.40 -19.33 7.70
N CYS D 171 -6.68 -18.95 7.64
CA CYS D 171 -7.73 -19.94 7.47
C CYS D 171 -8.39 -19.74 6.12
N VAL D 172 -8.48 -20.80 5.34
CA VAL D 172 -9.26 -20.78 4.09
C VAL D 172 -10.57 -21.53 4.35
N ILE D 173 -11.70 -20.82 4.20
CA ILE D 173 -13.02 -21.42 4.42
C ILE D 173 -13.62 -21.82 3.07
N GLY D 174 -13.70 -23.12 2.84
CA GLY D 174 -14.20 -23.68 1.59
C GLY D 174 -13.05 -24.22 0.81
N ILE D 175 -13.07 -25.51 0.52
CA ILE D 175 -12.02 -26.15 -0.29
C ILE D 175 -12.58 -26.99 -1.45
N GLY D 176 -13.52 -26.37 -2.16
CA GLY D 176 -13.75 -26.68 -3.54
C GLY D 176 -12.54 -26.25 -4.35
N PRO D 177 -12.61 -26.33 -5.68
CA PRO D 177 -11.42 -25.98 -6.50
C PRO D 177 -10.89 -24.57 -6.25
N VAL D 178 -11.77 -23.58 -6.10
CA VAL D 178 -11.31 -22.23 -5.79
C VAL D 178 -10.57 -22.16 -4.46
N GLY D 179 -11.16 -22.76 -3.43
CA GLY D 179 -10.50 -22.80 -2.12
C GLY D 179 -9.18 -23.54 -2.09
N LEU D 180 -9.08 -24.62 -2.87
CA LEU D 180 -7.83 -25.34 -2.97
C LEU D 180 -6.75 -24.44 -3.58
N MET D 181 -7.14 -23.63 -4.56
CA MET D 181 -6.23 -22.64 -5.12
C MET D 181 -5.92 -21.50 -4.13
N SER D 182 -6.87 -21.16 -3.25
CA SER D 182 -6.56 -20.23 -2.15
C SER D 182 -5.55 -20.80 -1.15
N VAL D 183 -5.62 -22.09 -0.86
CA VAL D 183 -4.60 -22.72 -0.01
C VAL D 183 -3.24 -22.61 -0.70
N ALA D 184 -3.20 -22.97 -1.99
CA ALA D 184 -1.98 -22.85 -2.75
C ALA D 184 -1.46 -21.38 -2.78
N GLY D 185 -2.39 -20.46 -2.97
CA GLY D 185 -2.07 -19.05 -2.99
C GLY D 185 -1.49 -18.59 -1.69
N ALA D 186 -2.10 -18.99 -0.58
CA ALA D 186 -1.64 -18.61 0.71
C ALA D 186 -0.21 -19.12 0.92
N ASN D 187 0.05 -20.35 0.46
CA ASN D 187 1.37 -20.96 0.58
C ASN D 187 2.37 -20.16 -0.22
N HIS D 188 1.97 -19.74 -1.41
CA HIS D 188 2.82 -18.92 -2.27
C HIS D 188 2.97 -17.48 -1.89
N LEU D 189 2.20 -17.00 -0.93
CA LEU D 189 2.34 -15.64 -0.42
C LEU D 189 2.97 -15.63 0.99
N GLY D 190 3.51 -16.76 1.41
CA GLY D 190 4.35 -16.84 2.59
C GLY D 190 3.65 -17.23 3.87
N ALA D 191 2.45 -17.81 3.78
CA ALA D 191 1.76 -18.25 5.00
C ALA D 191 2.56 -19.29 5.75
N GLY D 192 2.43 -19.26 7.08
CA GLY D 192 2.97 -20.32 7.92
C GLY D 192 1.92 -21.41 8.08
N ARG D 193 1.22 -21.40 9.20
CA ARG D 193 0.17 -22.36 9.43
C ARG D 193 -1.04 -22.05 8.56
N ILE D 194 -1.66 -23.07 7.95
CA ILE D 194 -2.82 -22.86 7.09
C ILE D 194 -3.91 -23.85 7.49
N PHE D 195 -5.00 -23.32 8.03
CA PHE D 195 -6.21 -24.08 8.28
C PHE D 195 -7.06 -24.12 7.02
N ALA D 196 -7.60 -25.28 6.69
CA ALA D 196 -8.54 -25.42 5.57
C ALA D 196 -9.85 -26.02 6.10
N VAL D 197 -10.95 -25.30 5.88
CA VAL D 197 -12.27 -25.72 6.39
C VAL D 197 -13.00 -26.44 5.27
N GLY D 198 -13.23 -27.73 5.48
CA GLY D 198 -13.91 -28.57 4.52
C GLY D 198 -14.18 -29.93 5.16
N SER D 199 -15.00 -30.74 4.50
CA SER D 199 -15.38 -32.04 5.08
C SER D 199 -15.35 -33.21 4.10
N ARG D 200 -15.25 -32.93 2.79
CA ARG D 200 -15.19 -33.99 1.79
C ARG D 200 -13.76 -34.53 1.72
N LYS D 201 -13.63 -35.84 1.91
CA LYS D 201 -12.35 -36.52 2.06
C LYS D 201 -11.36 -36.14 0.96
N HIS D 202 -11.79 -36.23 -0.29
CA HIS D 202 -10.82 -36.06 -1.38
C HIS D 202 -10.33 -34.62 -1.42
N CYS D 203 -11.25 -33.68 -1.22
CA CYS D 203 -10.90 -32.26 -1.17
C CYS D 203 -9.93 -31.97 -0.04
N CYS D 204 -10.18 -32.55 1.12
CA CYS D 204 -9.28 -32.35 2.28
C CYS D 204 -7.88 -32.90 2.00
N ASP D 205 -7.78 -34.07 1.37
CA ASP D 205 -6.48 -34.63 1.01
C ASP D 205 -5.71 -33.74 0.03
N ILE D 206 -6.39 -33.22 -0.98
CA ILE D 206 -5.72 -32.34 -1.90
C ILE D 206 -5.30 -31.01 -1.20
N ALA D 207 -6.10 -30.53 -0.27
CA ALA D 207 -5.71 -29.33 0.49
C ALA D 207 -4.35 -29.53 1.17
N LEU D 208 -4.12 -30.70 1.77
CA LEU D 208 -2.83 -30.98 2.41
C LEU D 208 -1.72 -30.92 1.35
N GLU D 209 -1.98 -31.43 0.15
CA GLU D 209 -0.98 -31.43 -0.89
C GLU D 209 -0.62 -30.01 -1.36
N TYR D 210 -1.57 -29.09 -1.30
CA TYR D 210 -1.31 -27.69 -1.63
C TYR D 210 -0.76 -26.84 -0.50
N GLY D 211 -0.66 -27.41 0.70
CA GLY D 211 0.02 -26.75 1.80
C GLY D 211 -0.77 -26.55 3.09
N ALA D 212 -2.01 -26.98 3.13
CA ALA D 212 -2.78 -26.91 4.37
C ALA D 212 -2.07 -27.72 5.45
N THR D 213 -2.00 -27.17 6.66
CA THR D 213 -1.41 -27.88 7.79
C THR D 213 -2.47 -28.51 8.69
N ASP D 214 -3.67 -27.97 8.64
CA ASP D 214 -4.74 -28.37 9.57
C ASP D 214 -6.04 -28.39 8.81
N ILE D 215 -6.77 -29.49 8.88
CA ILE D 215 -8.10 -29.57 8.28
C ILE D 215 -9.14 -29.43 9.37
N ILE D 216 -10.14 -28.58 9.12
CA ILE D 216 -11.23 -28.30 10.05
C ILE D 216 -12.56 -28.71 9.44
N ASN D 217 -13.15 -29.77 10.01
CA ASN D 217 -14.37 -30.34 9.51
C ASN D 217 -15.51 -29.96 10.47
N TYR D 218 -16.57 -29.34 9.95
CA TYR D 218 -17.69 -28.87 10.79
C TYR D 218 -18.41 -29.98 11.53
N LYS D 219 -18.23 -31.21 11.08
CA LYS D 219 -18.87 -32.34 11.78
C LYS D 219 -18.24 -32.58 13.16
N ASN D 220 -17.05 -32.03 13.38
CA ASN D 220 -16.36 -32.09 14.67
C ASN D 220 -16.61 -30.86 15.55
N GLY D 221 -17.62 -30.06 15.21
CA GLY D 221 -18.03 -28.95 16.06
C GLY D 221 -17.85 -27.58 15.40
N ASP D 222 -18.40 -26.56 16.04
CA ASP D 222 -18.38 -25.23 15.48
C ASP D 222 -16.98 -24.90 15.01
N ILE D 223 -16.85 -24.54 13.73
CA ILE D 223 -15.53 -24.32 13.13
C ILE D 223 -14.77 -23.16 13.78
N VAL D 224 -15.50 -22.17 14.27
CA VAL D 224 -14.86 -21.05 14.96
C VAL D 224 -14.23 -21.51 16.25
N GLU D 225 -15.00 -22.27 17.03
CA GLU D 225 -14.47 -22.81 18.28
C GLU D 225 -13.29 -23.77 18.04
N GLN D 226 -13.33 -24.55 16.97
CA GLN D 226 -12.19 -25.40 16.66
C GLN D 226 -10.92 -24.57 16.41
N ILE D 227 -11.06 -23.49 15.62
CA ILE D 227 -9.92 -22.69 15.27
C ILE D 227 -9.40 -21.89 16.48
N LEU D 228 -10.30 -21.37 17.33
CA LEU D 228 -9.86 -20.67 18.54
C LEU D 228 -9.13 -21.62 19.48
N LYS D 229 -9.62 -22.85 19.63
CA LYS D 229 -8.95 -23.86 20.45
C LYS D 229 -7.54 -24.18 19.90
N ALA D 230 -7.45 -24.30 18.58
CA ALA D 230 -6.18 -24.68 17.93
C ALA D 230 -5.16 -23.57 18.00
N THR D 231 -5.62 -22.34 18.20
CA THR D 231 -4.74 -21.17 18.26
C THR D 231 -4.65 -20.57 19.65
N ASP D 232 -5.03 -21.37 20.65
CA ASP D 232 -4.94 -20.98 22.06
C ASP D 232 -5.64 -19.64 22.31
N GLY D 233 -6.79 -19.47 21.64
CA GLY D 233 -7.62 -18.29 21.82
C GLY D 233 -7.23 -17.06 21.03
N LYS D 234 -6.10 -17.12 20.33
CA LYS D 234 -5.53 -15.98 19.63
C LYS D 234 -6.24 -15.71 18.31
N GLY D 235 -6.81 -16.75 17.72
CA GLY D 235 -7.40 -16.61 16.36
C GLY D 235 -6.34 -16.67 15.27
N VAL D 236 -6.77 -16.51 14.03
CA VAL D 236 -5.88 -16.50 12.89
C VAL D 236 -5.60 -15.06 12.45
N ASP D 237 -4.55 -14.88 11.65
CA ASP D 237 -4.13 -13.59 11.21
C ASP D 237 -4.98 -13.10 10.02
N LYS D 238 -5.33 -13.99 9.10
CA LYS D 238 -6.00 -13.65 7.86
C LYS D 238 -6.94 -14.78 7.50
N VAL D 239 -8.05 -14.44 6.82
CA VAL D 239 -9.03 -15.42 6.37
C VAL D 239 -9.34 -15.22 4.89
N VAL D 240 -9.38 -16.34 4.16
CA VAL D 240 -9.91 -16.36 2.82
C VAL D 240 -11.25 -17.06 2.84
N ILE D 241 -12.28 -16.43 2.27
CA ILE D 241 -13.57 -17.08 2.08
C ILE D 241 -13.69 -17.52 0.62
N ALA D 242 -13.77 -18.84 0.41
CA ALA D 242 -13.83 -19.45 -0.93
C ALA D 242 -15.00 -20.42 -1.06
N GLY D 243 -15.98 -20.27 -0.18
CA GLY D 243 -17.15 -21.13 -0.15
C GLY D 243 -18.09 -20.69 0.95
N GLY D 244 -19.14 -21.45 1.15
CA GLY D 244 -20.13 -21.16 2.16
C GLY D 244 -21.26 -20.29 1.61
N ASP D 245 -21.77 -19.41 2.45
CA ASP D 245 -22.93 -18.61 2.14
C ASP D 245 -22.80 -17.24 2.81
N VAL D 246 -23.89 -16.46 2.85
CA VAL D 246 -23.82 -15.13 3.42
C VAL D 246 -23.47 -15.12 4.88
N HIS D 247 -23.68 -16.25 5.55
CA HIS D 247 -23.37 -16.37 6.98
C HIS D 247 -21.92 -16.69 7.31
N THR D 248 -21.13 -16.95 6.28
CA THR D 248 -19.74 -17.34 6.48
C THR D 248 -18.88 -16.17 6.94
N PHE D 249 -19.27 -14.96 6.57
CA PHE D 249 -18.55 -13.76 6.97
C PHE D 249 -18.53 -13.61 8.49
N ALA D 250 -19.66 -13.90 9.14
CA ALA D 250 -19.69 -13.81 10.60
C ALA D 250 -18.69 -14.79 11.24
N GLN D 251 -18.56 -15.98 10.67
CA GLN D 251 -17.59 -16.96 11.14
C GLN D 251 -16.17 -16.40 11.00
N ALA D 252 -15.87 -15.83 9.84
CA ALA D 252 -14.56 -15.24 9.60
C ALA D 252 -14.22 -14.16 10.62
N VAL D 253 -15.17 -13.27 10.88
CA VAL D 253 -14.94 -12.21 11.85
C VAL D 253 -14.67 -12.78 13.23
N LYS D 254 -15.39 -13.82 13.62
CA LYS D 254 -15.24 -14.37 14.97
C LYS D 254 -13.96 -15.15 15.17
N MET D 255 -13.31 -15.61 14.10
CA MET D 255 -12.07 -16.37 14.25
C MET D 255 -10.79 -15.56 14.02
N ILE D 256 -10.94 -14.31 13.56
CA ILE D 256 -9.81 -13.52 13.15
C ILE D 256 -9.41 -12.50 14.23
N LYS D 257 -8.12 -12.21 14.30
CA LYS D 257 -7.58 -11.19 15.20
C LYS D 257 -8.07 -9.79 14.80
N PRO D 258 -8.10 -8.86 15.76
CA PRO D 258 -8.31 -7.47 15.38
C PRO D 258 -7.09 -7.03 14.57
N GLY D 259 -7.27 -6.12 13.63
CA GLY D 259 -6.19 -5.68 12.76
C GLY D 259 -5.83 -6.76 11.78
N SER D 260 -6.70 -6.97 10.80
CA SER D 260 -6.63 -8.17 10.00
C SER D 260 -7.41 -7.97 8.68
N ASP D 261 -7.44 -9.03 7.85
CA ASP D 261 -8.09 -8.97 6.55
C ASP D 261 -8.81 -10.25 6.25
N ILE D 262 -10.04 -10.08 5.76
CA ILE D 262 -10.89 -11.16 5.25
C ILE D 262 -11.04 -10.95 3.77
N GLY D 263 -10.56 -11.91 2.97
CA GLY D 263 -10.60 -11.85 1.50
C GLY D 263 -11.62 -12.82 0.97
N ASN D 264 -12.79 -12.33 0.56
CA ASN D 264 -13.81 -13.16 -0.07
C ASN D 264 -13.70 -13.19 -1.59
N VAL D 265 -13.77 -14.40 -2.11
CA VAL D 265 -13.96 -14.62 -3.53
C VAL D 265 -15.17 -15.48 -3.87
N ASN D 266 -15.96 -15.84 -2.87
CA ASN D 266 -17.15 -16.63 -3.12
C ASN D 266 -18.25 -15.78 -3.77
N TYR D 267 -18.89 -16.34 -4.79
CA TYR D 267 -20.04 -15.74 -5.45
C TYR D 267 -21.26 -16.17 -4.62
N LEU D 268 -21.88 -15.17 -3.97
CA LEU D 268 -22.98 -15.37 -3.05
C LEU D 268 -24.28 -15.38 -3.84
N GLY D 269 -24.94 -16.53 -3.82
CA GLY D 269 -26.07 -16.77 -4.69
C GLY D 269 -27.45 -16.45 -4.15
N GLU D 270 -27.58 -16.38 -2.83
CA GLU D 270 -28.87 -16.24 -2.16
C GLU D 270 -28.71 -15.40 -0.91
N GLY D 271 -29.79 -14.76 -0.49
CA GLY D 271 -29.81 -14.05 0.77
C GLY D 271 -29.79 -12.55 0.55
N ASP D 272 -30.62 -11.82 1.30
CA ASP D 272 -30.67 -10.38 1.13
C ASP D 272 -29.38 -9.72 1.60
N ASN D 273 -28.87 -10.18 2.74
CA ASN D 273 -27.78 -9.49 3.46
C ASN D 273 -26.68 -10.42 3.91
N ILE D 274 -25.47 -9.90 3.89
CA ILE D 274 -24.31 -10.45 4.60
C ILE D 274 -24.26 -9.81 5.97
N ASP D 275 -24.39 -10.60 7.03
CA ASP D 275 -24.41 -10.04 8.37
CA ASP D 275 -24.43 -10.13 8.41
C ASP D 275 -23.03 -10.08 9.01
N ILE D 276 -22.59 -8.91 9.45
CA ILE D 276 -21.32 -8.77 10.17
C ILE D 276 -21.67 -8.52 11.64
N PRO D 277 -21.22 -9.40 12.56
CA PRO D 277 -21.60 -9.28 13.95
C PRO D 277 -20.97 -8.04 14.59
N ARG D 278 -21.80 -7.17 15.15
CA ARG D 278 -21.35 -5.90 15.70
C ARG D 278 -20.30 -6.04 16.79
N SER D 279 -20.55 -6.87 17.77
CA SER D 279 -19.62 -6.90 18.89
CA SER D 279 -19.65 -6.97 18.91
C SER D 279 -18.26 -7.48 18.47
N GLU D 280 -18.29 -8.59 17.75
CA GLU D 280 -17.05 -9.23 17.31
C GLU D 280 -16.31 -8.45 16.23
N TRP D 281 -16.98 -7.50 15.56
CA TRP D 281 -16.34 -6.57 14.66
C TRP D 281 -15.81 -5.34 15.41
N GLY D 282 -15.69 -5.43 16.72
CA GLY D 282 -15.17 -4.33 17.51
C GLY D 282 -16.08 -3.13 17.58
N VAL D 283 -17.37 -3.40 17.59
CA VAL D 283 -18.41 -2.36 17.58
C VAL D 283 -18.11 -1.25 16.56
N GLY D 284 -17.58 -1.67 15.41
CA GLY D 284 -17.28 -0.80 14.28
C GLY D 284 -15.80 -0.42 14.12
N MET D 285 -14.97 -0.87 15.06
CA MET D 285 -13.66 -0.28 15.29
C MET D 285 -12.51 -1.27 15.46
N GLY D 286 -12.74 -2.54 15.12
CA GLY D 286 -11.74 -3.59 15.30
C GLY D 286 -10.66 -3.76 14.24
N HIS D 287 -10.69 -2.93 13.21
CA HIS D 287 -9.77 -3.02 12.04
C HIS D 287 -9.79 -4.44 11.42
N LYS D 288 -10.96 -5.06 11.35
CA LYS D 288 -11.12 -6.36 10.70
C LYS D 288 -11.63 -6.00 9.29
N HIS D 289 -10.69 -5.81 8.37
CA HIS D 289 -11.01 -5.30 7.05
C HIS D 289 -11.69 -6.39 6.22
N ILE D 290 -12.74 -6.04 5.48
CA ILE D 290 -13.53 -6.99 4.72
C ILE D 290 -13.45 -6.64 3.23
N HIS D 291 -13.01 -7.61 2.45
CA HIS D 291 -12.81 -7.49 1.04
C HIS D 291 -13.61 -8.55 0.32
N GLY D 292 -14.10 -8.23 -0.85
CA GLY D 292 -14.78 -9.21 -1.69
C GLY D 292 -14.64 -8.82 -3.13
N GLY D 293 -13.99 -9.67 -3.95
CA GLY D 293 -13.60 -9.25 -5.28
C GLY D 293 -13.65 -10.32 -6.35
N LEU D 294 -14.15 -9.93 -7.51
CA LEU D 294 -14.06 -10.69 -8.74
C LEU D 294 -12.61 -10.92 -9.15
N CYS D 295 -12.31 -12.11 -9.67
CA CYS D 295 -10.93 -12.42 -10.06
C CYS D 295 -10.42 -11.50 -11.15
N PRO D 296 -9.13 -11.21 -11.10
CA PRO D 296 -8.52 -10.59 -12.26
C PRO D 296 -8.55 -11.45 -13.51
N GLY D 297 -8.52 -10.77 -14.65
CA GLY D 297 -8.42 -11.42 -15.95
C GLY D 297 -7.52 -10.62 -16.86
N GLY D 298 -7.75 -10.76 -18.16
CA GLY D 298 -6.86 -10.19 -19.16
C GLY D 298 -5.60 -11.00 -19.36
N ARG D 299 -4.86 -10.60 -20.39
CA ARG D 299 -3.65 -11.26 -20.82
C ARG D 299 -2.57 -11.34 -19.74
N LEU D 300 -2.27 -10.23 -19.09
CA LEU D 300 -1.17 -10.22 -18.18
C LEU D 300 -1.40 -11.17 -17.00
N ARG D 301 -2.60 -11.15 -16.40
CA ARG D 301 -2.92 -12.11 -15.34
C ARG D 301 -2.70 -13.52 -15.81
N MET D 302 -3.20 -13.85 -16.99
CA MET D 302 -3.03 -15.20 -17.51
C MET D 302 -1.55 -15.53 -17.69
N GLU D 303 -0.76 -14.60 -18.22
CA GLU D 303 0.64 -14.87 -18.43
C GLU D 303 1.35 -15.14 -17.11
N ARG D 304 1.02 -14.36 -16.09
CA ARG D 304 1.60 -14.53 -14.76
CA ARG D 304 1.66 -14.57 -14.81
CA ARG D 304 1.60 -14.54 -14.76
C ARG D 304 1.31 -15.93 -14.22
N LEU D 305 0.06 -16.36 -14.34
CA LEU D 305 -0.33 -17.66 -13.81
C LEU D 305 0.23 -18.80 -14.64
N ILE D 306 0.31 -18.59 -15.94
CA ILE D 306 0.96 -19.58 -16.85
C ILE D 306 2.41 -19.76 -16.40
N ASP D 307 3.10 -18.67 -16.04
CA ASP D 307 4.46 -18.78 -15.52
C ASP D 307 4.53 -19.61 -14.23
N LEU D 308 3.58 -19.42 -13.33
CA LEU D 308 3.55 -20.22 -12.11
C LEU D 308 3.39 -21.72 -12.44
N VAL D 309 2.60 -22.04 -13.46
CA VAL D 309 2.40 -23.44 -13.84
C VAL D 309 3.63 -23.98 -14.58
N PHE D 310 4.11 -23.18 -15.53
CA PHE D 310 5.25 -23.58 -16.38
C PHE D 310 6.48 -23.84 -15.55
N TYR D 311 6.74 -22.95 -14.59
CA TYR D 311 7.94 -23.07 -13.75
C TYR D 311 7.71 -23.91 -12.50
N LYS D 312 6.59 -24.62 -12.50
CA LYS D 312 6.33 -25.68 -11.54
C LYS D 312 6.15 -25.17 -10.10
N ARG D 313 5.64 -23.96 -9.97
CA ARG D 313 5.29 -23.40 -8.68
C ARG D 313 3.99 -24.01 -8.18
N VAL D 314 3.02 -24.15 -9.09
CA VAL D 314 1.70 -24.68 -8.77
C VAL D 314 1.30 -25.71 -9.84
N ASP D 315 0.77 -26.85 -9.41
CA ASP D 315 0.28 -27.87 -10.34
C ASP D 315 -1.22 -27.94 -10.17
N PRO D 316 -1.98 -27.25 -11.04
CA PRO D 316 -3.44 -27.29 -10.84
C PRO D 316 -4.15 -28.53 -11.36
N SER D 317 -3.40 -29.47 -11.91
CA SER D 317 -4.00 -30.68 -12.44
C SER D 317 -4.68 -31.51 -11.33
N LYS D 318 -4.27 -31.34 -10.07
CA LYS D 318 -4.87 -32.05 -8.93
C LYS D 318 -6.34 -31.71 -8.72
N LEU D 319 -6.79 -30.59 -9.29
CA LEU D 319 -8.18 -30.18 -9.19
C LEU D 319 -9.09 -31.02 -10.06
N VAL D 320 -8.53 -31.61 -11.10
CA VAL D 320 -9.31 -32.24 -12.17
C VAL D 320 -9.63 -33.67 -11.78
N THR D 321 -10.90 -33.93 -11.49
CA THR D 321 -11.28 -35.27 -11.00
C THR D 321 -12.02 -36.13 -12.03
N HIS D 322 -12.55 -35.46 -13.05
CA HIS D 322 -13.30 -36.15 -14.11
C HIS D 322 -12.86 -35.57 -15.43
N VAL D 323 -12.52 -36.42 -16.38
CA VAL D 323 -12.20 -35.97 -17.71
C VAL D 323 -13.13 -36.66 -18.70
N PHE D 324 -13.84 -35.85 -19.49
CA PHE D 324 -14.77 -36.32 -20.48
C PHE D 324 -14.21 -35.97 -21.83
N ARG D 325 -14.56 -36.76 -22.83
CA ARG D 325 -14.15 -36.48 -24.20
C ARG D 325 -15.35 -36.15 -25.03
N GLY D 326 -15.27 -35.04 -25.74
CA GLY D 326 -16.28 -34.74 -26.75
C GLY D 326 -17.22 -33.63 -26.33
N PHE D 327 -17.45 -32.73 -27.26
CA PHE D 327 -18.37 -31.58 -27.10
C PHE D 327 -19.69 -31.94 -26.44
N ASP D 328 -20.31 -33.06 -26.81
CA ASP D 328 -21.62 -33.42 -26.26
C ASP D 328 -21.62 -33.66 -24.73
N ASN D 329 -20.45 -33.96 -24.17
CA ASN D 329 -20.34 -34.24 -22.73
C ASN D 329 -20.35 -32.95 -21.87
N ILE D 330 -20.41 -31.79 -22.51
CA ILE D 330 -20.56 -30.55 -21.77
C ILE D 330 -21.76 -30.60 -20.85
N GLU D 331 -22.88 -31.08 -21.37
CA GLU D 331 -24.08 -31.20 -20.58
C GLU D 331 -23.90 -32.09 -19.34
N LYS D 332 -23.33 -33.28 -19.56
CA LYS D 332 -23.07 -34.23 -18.45
C LYS D 332 -22.15 -33.60 -17.39
N ALA D 333 -21.11 -32.92 -17.86
CA ALA D 333 -20.12 -32.30 -16.98
C ALA D 333 -20.76 -31.19 -16.14
N PHE D 334 -21.61 -30.39 -16.79
CA PHE D 334 -22.29 -29.30 -16.15
C PHE D 334 -23.21 -29.82 -15.07
N MET D 335 -23.95 -30.86 -15.42
CA MET D 335 -24.92 -31.44 -14.48
C MET D 335 -24.25 -32.07 -13.26
N LEU D 336 -22.99 -32.52 -13.37
CA LEU D 336 -22.19 -32.86 -12.17
C LEU D 336 -21.92 -31.72 -11.19
N MET D 337 -21.78 -30.46 -11.64
CA MET D 337 -21.66 -29.34 -10.68
C MET D 337 -22.96 -29.08 -9.95
N LYS D 338 -24.08 -29.48 -10.54
CA LYS D 338 -25.40 -29.27 -9.94
C LYS D 338 -25.54 -30.29 -8.81
N ASP D 339 -25.35 -31.57 -9.14
CA ASP D 339 -25.41 -32.64 -8.14
C ASP D 339 -24.00 -33.19 -7.88
N LYS D 340 -23.32 -32.54 -6.94
CA LYS D 340 -21.89 -32.78 -6.66
C LYS D 340 -21.61 -34.12 -5.95
N PRO D 341 -21.12 -35.13 -6.68
CA PRO D 341 -20.72 -36.38 -6.00
C PRO D 341 -19.48 -36.18 -5.12
N LYS D 342 -19.29 -37.01 -4.10
CA LYS D 342 -18.28 -36.70 -3.06
C LYS D 342 -16.82 -36.74 -3.55
N ASP D 343 -16.57 -37.43 -4.66
CA ASP D 343 -15.22 -37.51 -5.27
C ASP D 343 -14.94 -36.42 -6.31
N LEU D 344 -15.88 -35.51 -6.53
CA LEU D 344 -15.70 -34.43 -7.52
C LEU D 344 -14.96 -33.23 -6.97
N ILE D 345 -13.99 -32.71 -7.75
CA ILE D 345 -13.49 -31.34 -7.50
C ILE D 345 -13.89 -30.50 -8.73
N LYS D 346 -13.30 -30.81 -9.88
CA LYS D 346 -13.61 -30.10 -11.11
C LYS D 346 -13.60 -31.06 -12.33
N PRO D 347 -14.66 -31.09 -13.18
CA PRO D 347 -14.58 -31.84 -14.44
C PRO D 347 -14.04 -30.99 -15.59
N VAL D 348 -13.39 -31.67 -16.55
CA VAL D 348 -12.92 -31.04 -17.76
C VAL D 348 -13.44 -31.84 -18.94
N VAL D 349 -13.82 -31.13 -19.99
CA VAL D 349 -14.24 -31.73 -21.24
C VAL D 349 -13.19 -31.40 -22.30
N ILE D 350 -12.56 -32.42 -22.87
CA ILE D 350 -11.57 -32.25 -23.93
C ILE D 350 -12.27 -32.50 -25.26
N LEU D 351 -12.21 -31.51 -26.15
CA LEU D 351 -12.91 -31.60 -27.42
C LEU D 351 -12.15 -32.43 -28.46
N ALA D 352 -12.88 -33.04 -29.39
CA ALA D 352 -12.26 -33.85 -30.45
C ALA D 352 -11.29 -33.04 -31.30
ZN ZN E . 24.81 -10.17 9.63
AS CAC F . 22.95 -7.53 9.04
O1 CAC F . 21.83 -8.32 7.93
O2 CAC F . 24.39 -8.40 8.94
C1 CAC F . 23.27 -5.72 8.50
C2 CAC F . 22.21 -7.56 10.83
O1 OXY G . 4.86 -3.23 -9.98
O2 OXY G . 4.29 -4.00 -9.20
ZN ZN H . -14.77 9.67 22.24
AS CAC I . -13.63 7.01 20.64
O1 CAC I . -14.86 7.89 21.43
O2 CAC I . -13.38 7.82 19.12
C1 CAC I . -11.92 7.04 21.59
C2 CAC I . -14.21 5.21 20.31
C1 EDO J . -2.72 0.84 12.81
O1 EDO J . -2.19 1.59 13.94
C2 EDO J . -4.06 1.30 12.24
O2 EDO J . -4.10 2.73 12.34
C1 EDO K . 4.74 22.80 16.29
O1 EDO K . 5.60 21.68 16.07
C2 EDO K . 4.62 23.04 17.76
O2 EDO K . 5.93 23.14 18.35
N NO3 L . 6.24 -0.15 29.60
O1 NO3 L . 6.01 1.06 30.24
O2 NO3 L . 5.68 -0.42 28.31
O3 NO3 L . 7.02 -1.10 30.27
C1 EDO M . -17.29 14.09 -10.23
O1 EDO M . -16.84 15.19 -11.04
C2 EDO M . -18.13 14.50 -9.01
O2 EDO M . -19.37 15.10 -9.43
C1 EDO N . -18.41 10.35 -9.73
C1 EDO N . -17.99 10.78 -8.65
O1 EDO N . -18.03 9.74 -8.49
O1 EDO N . -19.12 10.92 -9.50
C2 EDO N . -17.14 10.66 -10.51
C2 EDO N . -16.67 10.74 -9.43
O2 EDO N . -16.06 10.94 -9.60
O2 EDO N . -16.84 10.30 -10.78
ZN ZN O . 6.42 19.82 -19.25
AS CAC P . 6.87 16.74 -18.25
O1 CAC P . 6.35 17.00 -16.60
O2 CAC P . 7.44 18.23 -18.76
C1 CAC P . 8.33 15.48 -18.21
C2 CAC P . 5.42 16.02 -19.28
N1 IMD Q . -6.50 2.47 -28.41
C2 IMD Q . -7.54 2.88 -29.17
N3 IMD Q . -7.69 1.96 -30.15
C4 IMD Q . -6.75 1.05 -30.08
C5 IMD Q . -6.00 1.34 -28.97
C1 EDO R . -17.80 20.31 -12.87
O1 EDO R . -17.90 19.80 -14.20
C2 EDO R . -16.61 19.63 -12.21
O2 EDO R . -16.85 18.20 -12.13
C1 EDO S . 10.20 17.94 -14.81
C1 EDO S . 9.45 18.49 -15.28
O1 EDO S . 11.17 18.94 -14.43
O1 EDO S . 10.12 18.21 -14.04
C2 EDO S . 8.79 18.44 -14.55
C2 EDO S . 9.68 19.97 -15.61
O2 EDO S . 8.38 19.29 -15.63
O2 EDO S . 10.87 20.28 -16.38
C1 EDO T . 29.32 5.87 -16.65
O1 EDO T . 28.43 5.73 -15.56
C2 EDO T . 30.00 7.22 -16.59
O2 EDO T . 30.15 7.68 -15.25
C1 EDO U . 2.68 5.13 -10.11
O1 EDO U . 2.54 6.03 -9.00
C2 EDO U . 1.86 5.47 -11.33
O2 EDO U . 1.24 6.79 -11.41
C1 EDO V . -5.87 9.22 -10.57
O1 EDO V . -6.58 9.59 -11.77
C2 EDO V . -4.92 10.32 -10.22
O2 EDO V . -5.61 11.49 -9.66
NA NA W . 1.97 5.44 -25.10
ZN ZN X . -16.41 -19.56 -12.65
AS CAC Y . -16.19 -16.53 -11.48
O1 CAC Y . -14.80 -16.81 -10.44
O2 CAC Y . -16.97 -18.03 -11.65
C1 CAC Y . -17.40 -15.36 -10.61
C2 CAC Y . -15.59 -15.82 -13.19
C1 EDO Z . -8.19 -5.43 -8.27
O1 EDO Z . -7.72 -6.74 -8.62
C2 EDO Z . -7.67 -4.44 -9.31
O2 EDO Z . -7.79 -4.86 -10.70
C1 EDO AA . 4.49 -13.01 -17.47
O1 EDO AA . 5.19 -12.80 -16.26
C2 EDO AA . 4.34 -11.69 -18.19
O2 EDO AA . 5.60 -11.31 -18.73
C1 EDO BA . 7.01 -20.08 -20.89
O1 EDO BA . 6.59 -19.54 -22.13
C2 EDO BA . 6.22 -19.35 -19.84
O2 EDO BA . 6.74 -18.00 -19.75
C1 EDO CA . -1.82 -10.19 -11.44
O1 EDO CA . -1.08 -11.42 -11.23
C2 EDO CA . -2.24 -10.07 -12.89
O2 EDO CA . -1.41 -9.22 -13.65
N NO3 DA . -10.96 -1.60 -28.16
O1 NO3 DA . -11.29 -0.52 -28.98
O2 NO3 DA . -10.89 -1.38 -26.76
O3 NO3 DA . -10.71 -2.86 -28.66
C1 EDO EA . -17.41 -19.73 -8.25
C1 EDO EA . -18.10 -20.23 -7.69
O1 EDO EA . -18.64 -20.04 -7.56
O1 EDO EA . -19.53 -20.14 -7.62
C2 EDO EA . -16.28 -19.38 -7.30
C2 EDO EA . -17.52 -18.87 -7.31
O2 EDO EA . -16.40 -18.03 -6.80
O2 EDO EA . -17.57 -18.75 -5.89
NA NA FA . -15.83 -4.92 -19.56
#